data_1EQM
# 
_entry.id   1EQM 
# 
_audit_conform.dict_name       mmcif_pdbx.dic 
_audit_conform.dict_version    5.377 
_audit_conform.dict_location   http://mmcif.pdb.org/dictionaries/ascii/mmcif_pdbx.dic 
# 
loop_
_database_2.database_id 
_database_2.database_code 
_database_2.pdbx_database_accession 
_database_2.pdbx_DOI 
PDB   1EQM         pdb_00001eqm 10.2210/pdb1eqm/pdb 
RCSB  RCSB010823   ?            ?                   
WWPDB D_1000010823 ?            ?                   
# 
loop_
_pdbx_database_related.db_name 
_pdbx_database_related.db_id 
_pdbx_database_related.details 
_pdbx_database_related.content_type 
PDB 1EQ0 '1EQ0 is the solution structure of binary complex of HPPK from E. coli with MgAMPPCP.' unspecified 
PDB 1EQO 
'1EQO is the crystal structure of ternary complex of HPPK from E. coli with MgAMPCPP and 6-hydroxymethyl-7,8-dihydropterin' 
unspecified 
PDB 1HKA '1HKA is the crystal structure of unliganded HPPK from E. coli.' unspecified 
PDB 1CBK 
;1CBK is the crystal structure of binary complex of HPPK from Haemophilus influenzae with a 6-hydroxymethyl-7,8-dihydropterin analog.
;
unspecified 
PDB 1DY3 
'1DY3 is the crystal structure of ternary complex of HPPK from E. coli with MgATP and a 6-hydroxymethyl-7,8-dihydropterin analog.' 
unspecified 
# 
_pdbx_database_status.status_code                     REL 
_pdbx_database_status.entry_id                        1EQM 
_pdbx_database_status.recvd_initial_deposition_date   2000-04-05 
_pdbx_database_status.deposit_site                    RCSB 
_pdbx_database_status.process_site                    RCSB 
_pdbx_database_status.status_code_sf                  REL 
_pdbx_database_status.SG_entry                        . 
_pdbx_database_status.pdb_format_compatible           Y 
_pdbx_database_status.status_code_mr                  ? 
_pdbx_database_status.status_code_cs                  ? 
_pdbx_database_status.status_code_nmr_data            ? 
_pdbx_database_status.methods_development_category    ? 
# 
loop_
_audit_author.name 
_audit_author.pdbx_ordinal 
_audit_author.identifier_ORCID 
'Xiao, B.'      1 ?                   
'Blaszczyk, J.' 2 ?                   
'Ji, X.'        3 0000-0001-6942-1514 
# 
loop_
_citation.id 
_citation.title 
_citation.journal_abbrev 
_citation.journal_volume 
_citation.page_first 
_citation.page_last 
_citation.year 
_citation.journal_id_ASTM 
_citation.country 
_citation.journal_id_ISSN 
_citation.journal_id_CSD 
_citation.book_publisher 
_citation.pdbx_database_id_PubMed 
_citation.pdbx_database_id_DOI 
primary 
'Unusual conformational changes in 6-hydroxymethyl-7,8-dihydropterin pyrophosphokinase as revealed by X-ray crystallography and NMR.' 
J.Biol.Chem. 276 40274 40281 2001 JBCHA3 US 0021-9258 0071 ? 11546767 ?                               
1       
;Crystal Structure of 6-hydroxymethyl-7,8-dihydropterin Pyrophosphokinase, a Potential Target for the Development of Novel Antimicrobial Agents
;
Structure    7   489   496   1999 STRUE6 UK 0969-2126 2005 ? ?        '10.1016/S0969-2126(99)80065-3' 
# 
loop_
_citation_author.citation_id 
_citation_author.name 
_citation_author.ordinal 
_citation_author.identifier_ORCID 
primary 'Xiao, B.'      1  ?                   
primary 'Shi, G.'       2  ?                   
primary 'Gao, J.'       3  ?                   
primary 'Blaszczyk, J.' 4  ?                   
primary 'Liu, Q.'       5  ?                   
primary 'Ji, X.'        6  0000-0001-6942-1514 
primary 'Yan, H.'       7  ?                   
1       'Xiao, B.'      8  ?                   
1       'Shi, G.'       9  ?                   
1       'Chen, X.'      10 ?                   
1       'Yan, H.'       11 ?                   
1       'Ji, X.'        12 ?                   
# 
_cell.entry_id           1EQM 
_cell.length_a           79.140 
_cell.length_b           52.800 
_cell.length_c           36.640 
_cell.angle_alpha        90.00 
_cell.angle_beta         103.43 
_cell.angle_gamma        90.00 
_cell.Z_PDB              4 
_cell.pdbx_unique_axis   ? 
# 
_symmetry.entry_id                         1EQM 
_symmetry.space_group_name_H-M             'C 1 2 1' 
_symmetry.pdbx_full_space_group_name_H-M   ? 
_symmetry.cell_setting                     ? 
_symmetry.Int_Tables_number                5 
# 
loop_
_entity.id 
_entity.type 
_entity.src_method 
_entity.pdbx_description 
_entity.formula_weight 
_entity.pdbx_number_of_molecules 
_entity.pdbx_ec 
_entity.pdbx_mutation 
_entity.pdbx_fragment 
_entity.details 
1 polymer     man '6-HYDROXYMETHYL-7,8-DIHYDROPTERIN PYROPHOSPHOKINASE' 17966.535 1   2.7.6.3 ? ? ? 
2 non-polymer syn 'MAGNESIUM ION'                                       24.305    1   ?       ? ? ? 
3 non-polymer syn 'PHOSPHATE ION'                                       94.971    1   ?       ? ? ? 
4 non-polymer syn "ADENOSINE-5'-DIPHOSPHATE"                            427.201   1   ?       ? ? ? 
5 water       nat water                                                 18.015    258 ?       ? ? ? 
# 
_entity_name_com.entity_id   1 
_entity_name_com.name        HPPK 
# 
_entity_poly.entity_id                      1 
_entity_poly.type                           'polypeptide(L)' 
_entity_poly.nstd_linkage                   no 
_entity_poly.nstd_monomer                   no 
_entity_poly.pdbx_seq_one_letter_code       
;TVAYIAIGSNLASPLEQVNAALKALGDIPESHILTVSSFYRTPPLGPQDQPDYLNAAVALETSLAPEELLNHTQRIELQQ
GRVRKAERWGPRTLDLDIMLFGNEVINTERLTVPHYDMKNRGFMLWPLFEIAPELVFPDGEMLRQILHTRAFDKLNKW
;
_entity_poly.pdbx_seq_one_letter_code_can   
;TVAYIAIGSNLASPLEQVNAALKALGDIPESHILTVSSFYRTPPLGPQDQPDYLNAAVALETSLAPEELLNHTQRIELQQ
GRVRKAERWGPRTLDLDIMLFGNEVINTERLTVPHYDMKNRGFMLWPLFEIAPELVFPDGEMLRQILHTRAFDKLNKW
;
_entity_poly.pdbx_strand_id                 A 
_entity_poly.pdbx_target_identifier         ? 
# 
loop_
_entity_poly_seq.entity_id 
_entity_poly_seq.num 
_entity_poly_seq.mon_id 
_entity_poly_seq.hetero 
1 1   THR n 
1 2   VAL n 
1 3   ALA n 
1 4   TYR n 
1 5   ILE n 
1 6   ALA n 
1 7   ILE n 
1 8   GLY n 
1 9   SER n 
1 10  ASN n 
1 11  LEU n 
1 12  ALA n 
1 13  SER n 
1 14  PRO n 
1 15  LEU n 
1 16  GLU n 
1 17  GLN n 
1 18  VAL n 
1 19  ASN n 
1 20  ALA n 
1 21  ALA n 
1 22  LEU n 
1 23  LYS n 
1 24  ALA n 
1 25  LEU n 
1 26  GLY n 
1 27  ASP n 
1 28  ILE n 
1 29  PRO n 
1 30  GLU n 
1 31  SER n 
1 32  HIS n 
1 33  ILE n 
1 34  LEU n 
1 35  THR n 
1 36  VAL n 
1 37  SER n 
1 38  SER n 
1 39  PHE n 
1 40  TYR n 
1 41  ARG n 
1 42  THR n 
1 43  PRO n 
1 44  PRO n 
1 45  LEU n 
1 46  GLY n 
1 47  PRO n 
1 48  GLN n 
1 49  ASP n 
1 50  GLN n 
1 51  PRO n 
1 52  ASP n 
1 53  TYR n 
1 54  LEU n 
1 55  ASN n 
1 56  ALA n 
1 57  ALA n 
1 58  VAL n 
1 59  ALA n 
1 60  LEU n 
1 61  GLU n 
1 62  THR n 
1 63  SER n 
1 64  LEU n 
1 65  ALA n 
1 66  PRO n 
1 67  GLU n 
1 68  GLU n 
1 69  LEU n 
1 70  LEU n 
1 71  ASN n 
1 72  HIS n 
1 73  THR n 
1 74  GLN n 
1 75  ARG n 
1 76  ILE n 
1 77  GLU n 
1 78  LEU n 
1 79  GLN n 
1 80  GLN n 
1 81  GLY n 
1 82  ARG n 
1 83  VAL n 
1 84  ARG n 
1 85  LYS n 
1 86  ALA n 
1 87  GLU n 
1 88  ARG n 
1 89  TRP n 
1 90  GLY n 
1 91  PRO n 
1 92  ARG n 
1 93  THR n 
1 94  LEU n 
1 95  ASP n 
1 96  LEU n 
1 97  ASP n 
1 98  ILE n 
1 99  MET n 
1 100 LEU n 
1 101 PHE n 
1 102 GLY n 
1 103 ASN n 
1 104 GLU n 
1 105 VAL n 
1 106 ILE n 
1 107 ASN n 
1 108 THR n 
1 109 GLU n 
1 110 ARG n 
1 111 LEU n 
1 112 THR n 
1 113 VAL n 
1 114 PRO n 
1 115 HIS n 
1 116 TYR n 
1 117 ASP n 
1 118 MET n 
1 119 LYS n 
1 120 ASN n 
1 121 ARG n 
1 122 GLY n 
1 123 PHE n 
1 124 MET n 
1 125 LEU n 
1 126 TRP n 
1 127 PRO n 
1 128 LEU n 
1 129 PHE n 
1 130 GLU n 
1 131 ILE n 
1 132 ALA n 
1 133 PRO n 
1 134 GLU n 
1 135 LEU n 
1 136 VAL n 
1 137 PHE n 
1 138 PRO n 
1 139 ASP n 
1 140 GLY n 
1 141 GLU n 
1 142 MET n 
1 143 LEU n 
1 144 ARG n 
1 145 GLN n 
1 146 ILE n 
1 147 LEU n 
1 148 HIS n 
1 149 THR n 
1 150 ARG n 
1 151 ALA n 
1 152 PHE n 
1 153 ASP n 
1 154 LYS n 
1 155 LEU n 
1 156 ASN n 
1 157 LYS n 
1 158 TRP n 
# 
_entity_src_gen.entity_id                          1 
_entity_src_gen.pdbx_src_id                        1 
_entity_src_gen.pdbx_alt_source_flag               sample 
_entity_src_gen.pdbx_seq_type                      ? 
_entity_src_gen.pdbx_beg_seq_num                   ? 
_entity_src_gen.pdbx_end_seq_num                   ? 
_entity_src_gen.gene_src_common_name               ? 
_entity_src_gen.gene_src_genus                     Escherichia 
_entity_src_gen.pdbx_gene_src_gene                 ? 
_entity_src_gen.gene_src_species                   ? 
_entity_src_gen.gene_src_strain                    ? 
_entity_src_gen.gene_src_tissue                    ? 
_entity_src_gen.gene_src_tissue_fraction           ? 
_entity_src_gen.gene_src_details                   ? 
_entity_src_gen.pdbx_gene_src_fragment             ? 
_entity_src_gen.pdbx_gene_src_scientific_name      'Escherichia coli' 
_entity_src_gen.pdbx_gene_src_ncbi_taxonomy_id     562 
_entity_src_gen.pdbx_gene_src_variant              ? 
_entity_src_gen.pdbx_gene_src_cell_line            ? 
_entity_src_gen.pdbx_gene_src_atcc                 ? 
_entity_src_gen.pdbx_gene_src_organ                ? 
_entity_src_gen.pdbx_gene_src_organelle            ? 
_entity_src_gen.pdbx_gene_src_cell                 ? 
_entity_src_gen.pdbx_gene_src_cellular_location    ? 
_entity_src_gen.host_org_common_name               ? 
_entity_src_gen.pdbx_host_org_scientific_name      'Escherichia coli BL21(DE3)' 
_entity_src_gen.pdbx_host_org_ncbi_taxonomy_id     469008 
_entity_src_gen.host_org_genus                     Escherichia 
_entity_src_gen.pdbx_host_org_gene                 ? 
_entity_src_gen.pdbx_host_org_organ                ? 
_entity_src_gen.host_org_species                   'Escherichia coli' 
_entity_src_gen.pdbx_host_org_tissue               ? 
_entity_src_gen.pdbx_host_org_tissue_fraction      ? 
_entity_src_gen.pdbx_host_org_strain               'BL21(DE3)' 
_entity_src_gen.pdbx_host_org_variant              ? 
_entity_src_gen.pdbx_host_org_cell_line            ? 
_entity_src_gen.pdbx_host_org_atcc                 ? 
_entity_src_gen.pdbx_host_org_culture_collection   ? 
_entity_src_gen.pdbx_host_org_cell                 ? 
_entity_src_gen.pdbx_host_org_organelle            ? 
_entity_src_gen.pdbx_host_org_cellular_location    ? 
_entity_src_gen.pdbx_host_org_vector_type          PLASMID 
_entity_src_gen.pdbx_host_org_vector               ? 
_entity_src_gen.host_org_details                   ? 
_entity_src_gen.expression_system_id               ? 
_entity_src_gen.plasmid_name                       PET17B 
_entity_src_gen.plasmid_details                    ? 
_entity_src_gen.pdbx_description                   ? 
# 
_struct_ref.id                         1 
_struct_ref.db_code                    HPPK_ECOLI 
_struct_ref.db_name                    UNP 
_struct_ref.entity_id                  1 
_struct_ref.pdbx_db_accession          P26281 
_struct_ref.pdbx_align_begin           ? 
_struct_ref.pdbx_seq_one_letter_code   ? 
_struct_ref.pdbx_db_isoform            ? 
# 
_struct_ref_seq.align_id                      1 
_struct_ref_seq.ref_id                        1 
_struct_ref_seq.pdbx_PDB_id_code              1EQM 
_struct_ref_seq.pdbx_strand_id                A 
_struct_ref_seq.seq_align_beg                 1 
_struct_ref_seq.pdbx_seq_align_beg_ins_code   ? 
_struct_ref_seq.seq_align_end                 158 
_struct_ref_seq.pdbx_seq_align_end_ins_code   ? 
_struct_ref_seq.pdbx_db_accession             P26281 
_struct_ref_seq.db_align_beg                  1 
_struct_ref_seq.pdbx_db_align_beg_ins_code    ? 
_struct_ref_seq.db_align_end                  158 
_struct_ref_seq.pdbx_db_align_end_ins_code    ? 
_struct_ref_seq.pdbx_auth_seq_align_beg       1 
_struct_ref_seq.pdbx_auth_seq_align_end       158 
# 
loop_
_chem_comp.id 
_chem_comp.type 
_chem_comp.mon_nstd_flag 
_chem_comp.name 
_chem_comp.pdbx_synonyms 
_chem_comp.formula 
_chem_comp.formula_weight 
ADP non-polymer         n "ADENOSINE-5'-DIPHOSPHATE" ? 'C10 H15 N5 O10 P2' 427.201 
ALA 'L-peptide linking' y ALANINE                    ? 'C3 H7 N O2'        89.093  
ARG 'L-peptide linking' y ARGININE                   ? 'C6 H15 N4 O2 1'    175.209 
ASN 'L-peptide linking' y ASPARAGINE                 ? 'C4 H8 N2 O3'       132.118 
ASP 'L-peptide linking' y 'ASPARTIC ACID'            ? 'C4 H7 N O4'        133.103 
GLN 'L-peptide linking' y GLUTAMINE                  ? 'C5 H10 N2 O3'      146.144 
GLU 'L-peptide linking' y 'GLUTAMIC ACID'            ? 'C5 H9 N O4'        147.129 
GLY 'peptide linking'   y GLYCINE                    ? 'C2 H5 N O2'        75.067  
HIS 'L-peptide linking' y HISTIDINE                  ? 'C6 H10 N3 O2 1'    156.162 
HOH non-polymer         . WATER                      ? 'H2 O'              18.015  
ILE 'L-peptide linking' y ISOLEUCINE                 ? 'C6 H13 N O2'       131.173 
LEU 'L-peptide linking' y LEUCINE                    ? 'C6 H13 N O2'       131.173 
LYS 'L-peptide linking' y LYSINE                     ? 'C6 H15 N2 O2 1'    147.195 
MET 'L-peptide linking' y METHIONINE                 ? 'C5 H11 N O2 S'     149.211 
MG  non-polymer         . 'MAGNESIUM ION'            ? 'Mg 2'              24.305  
PHE 'L-peptide linking' y PHENYLALANINE              ? 'C9 H11 N O2'       165.189 
PO4 non-polymer         . 'PHOSPHATE ION'            ? 'O4 P -3'           94.971  
PRO 'L-peptide linking' y PROLINE                    ? 'C5 H9 N O2'        115.130 
SER 'L-peptide linking' y SERINE                     ? 'C3 H7 N O3'        105.093 
THR 'L-peptide linking' y THREONINE                  ? 'C4 H9 N O3'        119.119 
TRP 'L-peptide linking' y TRYPTOPHAN                 ? 'C11 H12 N2 O2'     204.225 
TYR 'L-peptide linking' y TYROSINE                   ? 'C9 H11 N O3'       181.189 
VAL 'L-peptide linking' y VALINE                     ? 'C5 H11 N O2'       117.146 
# 
_exptl.entry_id          1EQM 
_exptl.method            'X-RAY DIFFRACTION' 
_exptl.crystals_number   1 
# 
_exptl_crystal.id                    1 
_exptl_crystal.density_meas          ? 
_exptl_crystal.density_Matthews      1.88 
_exptl_crystal.density_percent_sol   26.4 
_exptl_crystal.description           ? 
# 
_exptl_crystal_grow.crystal_id      1 
_exptl_crystal_grow.method          'VAPOR DIFFUSION, HANGING DROP' 
_exptl_crystal_grow.pH              8.5 
_exptl_crystal_grow.temp            292 
_exptl_crystal_grow.temp_details    ? 
_exptl_crystal_grow.pdbx_details    'PEG 4000, Tris-HCl, acetate, pH 8.5, VAPOR DIFFUSION, HANGING DROP, temperature 292K' 
_exptl_crystal_grow.pdbx_pH_range   . 
# 
_diffrn.id                     1 
_diffrn.ambient_temp           100 
_diffrn.ambient_temp_details   ? 
_diffrn.crystal_id             1 
# 
_diffrn_detector.diffrn_id              1 
_diffrn_detector.detector               'IMAGE PLATE' 
_diffrn_detector.type                   MARRESEARCH 
_diffrn_detector.pdbx_collection_date   1998-07-23 
_diffrn_detector.details                MIRROR 
# 
_diffrn_radiation.diffrn_id                        1 
_diffrn_radiation.wavelength_id                    1 
_diffrn_radiation.pdbx_monochromatic_or_laue_m_l   M 
_diffrn_radiation.monochromator                    'SILICON 111' 
_diffrn_radiation.pdbx_diffrn_protocol             'SINGLE WAVELENGTH' 
_diffrn_radiation.pdbx_scattering_type             x-ray 
# 
_diffrn_radiation_wavelength.id           1 
_diffrn_radiation_wavelength.wavelength   0.99200 
_diffrn_radiation_wavelength.wt           1.0 
# 
_diffrn_source.diffrn_id                   1 
_diffrn_source.source                      SYNCHROTRON 
_diffrn_source.type                        'NSLS BEAMLINE X9B' 
_diffrn_source.pdbx_synchrotron_site       NSLS 
_diffrn_source.pdbx_synchrotron_beamline   X9B 
_diffrn_source.pdbx_wavelength             0.99200 
_diffrn_source.pdbx_wavelength_list        ? 
# 
_reflns.entry_id                     1EQM 
_reflns.observed_criterion_sigma_I   0.0 
_reflns.observed_criterion_sigma_F   0.0 
_reflns.d_resolution_low             20.0 
_reflns.d_resolution_high            1.50 
_reflns.number_obs                   23029 
_reflns.number_all                   23029 
_reflns.percent_possible_obs         97.7 
_reflns.pdbx_Rmerge_I_obs            0.084 
_reflns.pdbx_Rsym_value              ? 
_reflns.pdbx_netI_over_sigmaI        18.6 
_reflns.B_iso_Wilson_estimate        23.7 
_reflns.pdbx_redundancy              3.6 
_reflns.R_free_details               ? 
_reflns.limit_h_max                  ? 
_reflns.limit_h_min                  ? 
_reflns.limit_k_max                  ? 
_reflns.limit_k_min                  ? 
_reflns.limit_l_max                  ? 
_reflns.limit_l_min                  ? 
_reflns.observed_criterion_F_max     ? 
_reflns.observed_criterion_F_min     ? 
_reflns.pdbx_diffrn_id               1 
_reflns.pdbx_ordinal                 1 
# 
_reflns_shell.d_res_high             1.50 
_reflns_shell.d_res_low              1.55 
_reflns_shell.percent_possible_obs   ? 
_reflns_shell.percent_possible_all   85.4 
_reflns_shell.Rmerge_I_obs           0.589 
_reflns_shell.meanI_over_sigI_obs    1.97 
_reflns_shell.pdbx_Rsym_value        ? 
_reflns_shell.pdbx_redundancy        3.1 
_reflns_shell.number_unique_all      2003 
_reflns_shell.pdbx_diffrn_id         ? 
_reflns_shell.pdbx_ordinal           1 
# 
_refine.entry_id                                 1EQM 
_refine.ls_number_reflns_obs                     16387 
_refine.ls_number_reflns_all                     21914 
_refine.pdbx_ls_sigma_I                          2.0 
_refine.pdbx_ls_sigma_F                          4.0 
_refine.pdbx_data_cutoff_high_absF               ? 
_refine.pdbx_data_cutoff_low_absF                ? 
_refine.ls_d_res_low                             20.00 
_refine.ls_d_res_high                            1.50 
_refine.ls_percent_reflns_obs                    93.5 
_refine.ls_R_factor_obs                          0.1905 
_refine.ls_R_factor_all                          ? 
_refine.ls_R_factor_R_work                       0.1886 
_refine.ls_R_factor_R_free                       0.2625 
_refine.ls_R_factor_R_free_error                 ? 
_refine.ls_R_factor_R_free_error_details         ? 
_refine.ls_percent_reflns_R_free                 ? 
_refine.ls_number_reflns_R_free                  1114 
_refine.ls_number_parameters                     6411 
_refine.ls_number_restraints                     5634 
_refine.occupancy_min                            ? 
_refine.occupancy_max                            ? 
_refine.B_iso_mean                               ? 
_refine.aniso_B[1][1]                            ? 
_refine.aniso_B[2][2]                            ? 
_refine.aniso_B[3][3]                            ? 
_refine.aniso_B[1][2]                            ? 
_refine.aniso_B[1][3]                            ? 
_refine.aniso_B[2][3]                            ? 
_refine.solvent_model_details                    'Moews and Kretsinger, J.Mol.Biol. 91(1973)201-202' 
_refine.solvent_model_param_ksol                 ? 
_refine.solvent_model_param_bsol                 ? 
_refine.pdbx_ls_cross_valid_method               'FREE R' 
_refine.details                                  
'Least-squares refinement using the Konnert-Hendrickson conjugate-gradient algorithm' 
_refine.pdbx_starting_model                      1HKA 
_refine.pdbx_method_to_determine_struct          'MOLECULAR REPLACEMENT' 
_refine.pdbx_isotropic_thermal_model             ? 
_refine.pdbx_stereochemistry_target_values       'ENGH AND HUBER' 
_refine.pdbx_stereochem_target_val_spec_case     ? 
_refine.pdbx_R_Free_selection_details            RANDOM 
_refine.pdbx_overall_ESU_R_Free                  ? 
_refine.overall_SU_B                             ? 
_refine.ls_redundancy_reflns_obs                 ? 
_refine.B_iso_min                                ? 
_refine.B_iso_max                                ? 
_refine.overall_SU_ML                            ? 
_refine.pdbx_overall_ESU_R                       ? 
_refine.pdbx_data_cutoff_high_rms_absF           ? 
_refine.correlation_coeff_Fo_to_Fc               ? 
_refine.correlation_coeff_Fo_to_Fc_free          ? 
_refine.overall_SU_R_Cruickshank_DPI             ? 
_refine.overall_SU_R_free                        ? 
_refine.pdbx_refine_id                           'X-RAY DIFFRACTION' 
_refine.pdbx_diffrn_id                           1 
_refine.pdbx_TLS_residual_ADP_flag               ? 
_refine.pdbx_solvent_vdw_probe_radii             ? 
_refine.pdbx_solvent_ion_probe_radii             ? 
_refine.pdbx_solvent_shrinkage_radii             ? 
_refine.pdbx_overall_phase_error                 ? 
_refine.pdbx_overall_SU_R_free_Cruickshank_DPI   ? 
_refine.pdbx_overall_SU_R_Blow_DPI               ? 
_refine.pdbx_overall_SU_R_free_Blow_DPI          ? 
# 
_refine_analyze.entry_id                        1EQM 
_refine_analyze.Luzzati_coordinate_error_obs    ? 
_refine_analyze.Luzzati_sigma_a_obs             ? 
_refine_analyze.Luzzati_d_res_low_obs           ? 
_refine_analyze.Luzzati_coordinate_error_free   ? 
_refine_analyze.Luzzati_sigma_a_free            ? 
_refine_analyze.Luzzati_d_res_low_free          ? 
_refine_analyze.number_disordered_residues      3 
_refine_analyze.occupancy_sum_hydrogen          0. 
_refine_analyze.occupancy_sum_non_hydrogen      1523. 
_refine_analyze.pdbx_Luzzati_d_res_high_obs     ? 
_refine_analyze.pdbx_refine_id                  'X-RAY DIFFRACTION' 
# 
_refine_hist.pdbx_refine_id                   'X-RAY DIFFRACTION' 
_refine_hist.cycle_id                         LAST 
_refine_hist.pdbx_number_atoms_protein        1281 
_refine_hist.pdbx_number_atoms_nucleic_acid   0 
_refine_hist.pdbx_number_atoms_ligand         60 
_refine_hist.number_atoms_solvent             258 
_refine_hist.number_atoms_total               1599 
_refine_hist.d_res_high                       1.50 
_refine_hist.d_res_low                        20.00 
# 
loop_
_refine_ls_restr.type 
_refine_ls_restr.dev_ideal 
_refine_ls_restr.dev_ideal_target 
_refine_ls_restr.weight 
_refine_ls_restr.number 
_refine_ls_restr.pdbx_refine_id 
_refine_ls_restr.pdbx_restraint_function 
s_bond_d               0.007 ? ? ? 'X-RAY DIFFRACTION' ? 
s_angle_d              0.022 ? ? ? 'X-RAY DIFFRACTION' ? 
s_similar_dist         0.000 ? ? ? 'X-RAY DIFFRACTION' ? 
s_from_restr_planes    0.026 ? ? ? 'X-RAY DIFFRACTION' ? 
s_zero_chiral_vol      0.041 ? ? ? 'X-RAY DIFFRACTION' ? 
s_non_zero_chiral_vol  0.045 ? ? ? 'X-RAY DIFFRACTION' ? 
s_anti_bump_dis_restr  0.025 ? ? ? 'X-RAY DIFFRACTION' ? 
s_rigid_bond_adp_cmpnt 0.000 ? ? ? 'X-RAY DIFFRACTION' ? 
s_similar_adp_cmpnt    0.052 ? ? ? 'X-RAY DIFFRACTION' ? 
s_approx_iso_adps      0.000 ? ? ? 'X-RAY DIFFRACTION' ? 
# 
_pdbx_refine.entry_id                                    1EQM 
_pdbx_refine.R_factor_all_no_cutoff                      ? 
_pdbx_refine.R_factor_obs_no_cutoff                      0.190 
_pdbx_refine.free_R_factor_no_cutoff                     0.2625 
_pdbx_refine.free_R_val_test_set_size_perc_no_cutoff     5.0835 
_pdbx_refine.free_R_val_test_set_ct_no_cutoff            ? 
_pdbx_refine.R_factor_all_4sig_cutoff                    ? 
_pdbx_refine.R_factor_obs_4sig_cutoff                    0.1762 
_pdbx_refine.free_R_factor_4sig_cutoff                   0.2483 
_pdbx_refine.free_R_val_test_set_size_perc_4sig_cutoff   5.2176 
_pdbx_refine.free_R_val_test_set_ct_4sig_cutoff          855 
_pdbx_refine.number_reflns_obs_4sig_cutoff               16387 
_pdbx_refine.number_reflns_obs_no_cutoff                 ? 
_pdbx_refine.pdbx_refine_id                              'X-RAY DIFFRACTION' 
_pdbx_refine.free_R_error_no_cutoff                      ? 
# 
_struct.entry_id                  1EQM 
_struct.title                     
;CRYSTAL STRUCTURE OF BINARY COMPLEX OF 6-HYDROXYMETHYL-7,8-DIHYDROPTERIN PYROPHOSPHOKINASE WITH ADENOSINE-5'-DIPHOSPHATE
;
_struct.pdbx_model_details        ? 
_struct.pdbx_CASP_flag            ? 
_struct.pdbx_model_type_details   ? 
# 
_struct_keywords.entry_id        1EQM 
_struct_keywords.pdbx_keywords   TRANSFERASE 
_struct_keywords.text            
;PYROPHOSPHOKINASE, PYROPHOSPHORYL TRANSFER, FOLATE, HPPK, PTERIN, ANTIMICROBIAL AGENT, DRUG DESIGN, SUBSTRATE SPECIFICITY, TRANSFERASE
;
# 
loop_
_struct_asym.id 
_struct_asym.pdbx_blank_PDB_chainid_flag 
_struct_asym.pdbx_modified 
_struct_asym.entity_id 
_struct_asym.details 
A N N 1 ? 
B N N 2 ? 
C N N 3 ? 
D N N 4 ? 
E N N 5 ? 
# 
loop_
_struct_conf.conf_type_id 
_struct_conf.id 
_struct_conf.pdbx_PDB_helix_id 
_struct_conf.beg_label_comp_id 
_struct_conf.beg_label_asym_id 
_struct_conf.beg_label_seq_id 
_struct_conf.pdbx_beg_PDB_ins_code 
_struct_conf.end_label_comp_id 
_struct_conf.end_label_asym_id 
_struct_conf.end_label_seq_id 
_struct_conf.pdbx_end_PDB_ins_code 
_struct_conf.beg_auth_comp_id 
_struct_conf.beg_auth_asym_id 
_struct_conf.beg_auth_seq_id 
_struct_conf.end_auth_comp_id 
_struct_conf.end_auth_asym_id 
_struct_conf.end_auth_seq_id 
_struct_conf.pdbx_PDB_helix_class 
_struct_conf.details 
_struct_conf.pdbx_PDB_helix_length 
HELX_P HELX_P1 1 PRO A 14  ? ASP A 27  ? PRO A 14  ASP A 27  1 ? 14 
HELX_P HELX_P2 2 ALA A 65  ? GLY A 81  ? ALA A 65  GLY A 81  1 ? 17 
HELX_P HELX_P3 3 ASP A 117 ? ASN A 120 ? ASP A 117 ASN A 120 5 ? 4  
HELX_P HELX_P4 4 ARG A 121 ? ALA A 132 ? ARG A 121 ALA A 132 1 ? 12 
HELX_P HELX_P5 5 MET A 142 ? ALA A 151 ? MET A 142 ALA A 151 1 ? 10 
# 
_struct_conf_type.id          HELX_P 
_struct_conf_type.criteria    ? 
_struct_conf_type.reference   ? 
# 
loop_
_struct_conn.id 
_struct_conn.conn_type_id 
_struct_conn.pdbx_leaving_atom_flag 
_struct_conn.pdbx_PDB_id 
_struct_conn.ptnr1_label_asym_id 
_struct_conn.ptnr1_label_comp_id 
_struct_conn.ptnr1_label_seq_id 
_struct_conn.ptnr1_label_atom_id 
_struct_conn.pdbx_ptnr1_label_alt_id 
_struct_conn.pdbx_ptnr1_PDB_ins_code 
_struct_conn.pdbx_ptnr1_standard_comp_id 
_struct_conn.ptnr1_symmetry 
_struct_conn.ptnr2_label_asym_id 
_struct_conn.ptnr2_label_comp_id 
_struct_conn.ptnr2_label_seq_id 
_struct_conn.ptnr2_label_atom_id 
_struct_conn.pdbx_ptnr2_label_alt_id 
_struct_conn.pdbx_ptnr2_PDB_ins_code 
_struct_conn.ptnr1_auth_asym_id 
_struct_conn.ptnr1_auth_comp_id 
_struct_conn.ptnr1_auth_seq_id 
_struct_conn.ptnr2_auth_asym_id 
_struct_conn.ptnr2_auth_comp_id 
_struct_conn.ptnr2_auth_seq_id 
_struct_conn.ptnr2_symmetry 
_struct_conn.pdbx_ptnr3_label_atom_id 
_struct_conn.pdbx_ptnr3_label_seq_id 
_struct_conn.pdbx_ptnr3_label_comp_id 
_struct_conn.pdbx_ptnr3_label_asym_id 
_struct_conn.pdbx_ptnr3_label_alt_id 
_struct_conn.pdbx_ptnr3_PDB_ins_code 
_struct_conn.details 
_struct_conn.pdbx_dist_value 
_struct_conn.pdbx_value_order 
_struct_conn.pdbx_role 
metalc1 metalc ? ? A GLU 77 OE2 ? ? ? 1_555 B MG  . MG  ? ? A GLU 77  A MG  161 1_555 ? ? ? ? ? ? ? 2.586 ? ? 
metalc2 metalc ? ? A LEU 96 O   ? ? ? 1_555 B MG  . MG  ? ? A LEU 96  A MG  161 1_555 ? ? ? ? ? ? ? 2.806 ? ? 
metalc3 metalc ? ? B MG  .  MG  ? ? ? 1_555 D ADP . O1B A ? A MG  161 A ADP 171 1_555 ? ? ? ? ? ? ? 2.010 ? ? 
metalc4 metalc ? ? B MG  .  MG  ? ? ? 1_555 D ADP . O1B B ? A MG  161 A ADP 171 1_555 ? ? ? ? ? ? ? 2.118 ? ? 
metalc5 metalc ? ? B MG  .  MG  ? ? ? 1_555 D ADP . O3B A ? A MG  161 A ADP 171 1_555 ? ? ? ? ? ? ? 3.115 ? ? 
metalc6 metalc ? ? B MG  .  MG  ? ? ? 1_555 D ADP . O3B B ? A MG  161 A ADP 171 1_555 ? ? ? ? ? ? ? 2.186 ? ? 
metalc7 metalc ? ? B MG  .  MG  ? ? ? 1_555 E HOH . O   ? ? A MG  161 A HOH 419 1_555 ? ? ? ? ? ? ? 2.714 ? ? 
# 
_struct_conn_type.id          metalc 
_struct_conn_type.criteria    ? 
_struct_conn_type.reference   ? 
# 
_struct_mon_prot_cis.pdbx_id                1 
_struct_mon_prot_cis.label_comp_id          VAL 
_struct_mon_prot_cis.label_seq_id           113 
_struct_mon_prot_cis.label_asym_id          A 
_struct_mon_prot_cis.label_alt_id           . 
_struct_mon_prot_cis.pdbx_PDB_ins_code      ? 
_struct_mon_prot_cis.auth_comp_id           VAL 
_struct_mon_prot_cis.auth_seq_id            113 
_struct_mon_prot_cis.auth_asym_id           A 
_struct_mon_prot_cis.pdbx_label_comp_id_2   PRO 
_struct_mon_prot_cis.pdbx_label_seq_id_2    114 
_struct_mon_prot_cis.pdbx_label_asym_id_2   A 
_struct_mon_prot_cis.pdbx_PDB_ins_code_2    ? 
_struct_mon_prot_cis.pdbx_auth_comp_id_2    PRO 
_struct_mon_prot_cis.pdbx_auth_seq_id_2     114 
_struct_mon_prot_cis.pdbx_auth_asym_id_2    A 
_struct_mon_prot_cis.pdbx_PDB_model_num     1 
_struct_mon_prot_cis.pdbx_omega_angle       -6.02 
# 
loop_
_struct_sheet.id 
_struct_sheet.type 
_struct_sheet.number_strands 
_struct_sheet.details 
A ? 4 ? 
B ? 5 ? 
C ? 2 ? 
D ? 2 ? 
# 
loop_
_struct_sheet_order.sheet_id 
_struct_sheet_order.range_id_1 
_struct_sheet_order.range_id_2 
_struct_sheet_order.offset 
_struct_sheet_order.sense 
A 1 2 ? anti-parallel 
A 2 3 ? anti-parallel 
A 3 4 ? anti-parallel 
B 1 2 ? anti-parallel 
B 2 3 ? anti-parallel 
B 3 4 ? anti-parallel 
B 4 5 ? anti-parallel 
C 1 2 ? anti-parallel 
D 1 2 ? anti-parallel 
# 
loop_
_struct_sheet_range.sheet_id 
_struct_sheet_range.id 
_struct_sheet_range.beg_label_comp_id 
_struct_sheet_range.beg_label_asym_id 
_struct_sheet_range.beg_label_seq_id 
_struct_sheet_range.pdbx_beg_PDB_ins_code 
_struct_sheet_range.end_label_comp_id 
_struct_sheet_range.end_label_asym_id 
_struct_sheet_range.end_label_seq_id 
_struct_sheet_range.pdbx_end_PDB_ins_code 
_struct_sheet_range.beg_auth_comp_id 
_struct_sheet_range.beg_auth_asym_id 
_struct_sheet_range.beg_auth_seq_id 
_struct_sheet_range.end_auth_comp_id 
_struct_sheet_range.end_auth_asym_id 
_struct_sheet_range.end_auth_seq_id 
A 1 LEU A 94  ? PHE A 101 ? LEU A 94  PHE A 101 
A 2 VAL A 2   ? SER A 9   ? VAL A 2   SER A 9   
A 3 TYR A 53  ? THR A 62  ? TYR A 53  THR A 62  
A 4 SER A 31  ? VAL A 36  ? SER A 31  VAL A 36  
B 1 LEU A 94  ? PHE A 101 ? LEU A 94  PHE A 101 
B 2 VAL A 2   ? SER A 9   ? VAL A 2   SER A 9   
B 3 TYR A 53  ? THR A 62  ? TYR A 53  THR A 62  
B 4 TYR A 40  ? THR A 42  ? TYR A 40  THR A 42  
B 5 ASN A 156 ? LYS A 157 ? ASN A 156 LYS A 157 
C 1 ARG A 84  ? LYS A 85  ? ARG A 84  LYS A 85  
C 2 ARG A 88  ? TRP A 89  ? ARG A 88  TRP A 89  
D 1 ILE A 106 ? ASN A 107 ? ILE A 106 ASN A 107 
D 2 THR A 112 ? VAL A 113 ? THR A 112 VAL A 113 
# 
loop_
_pdbx_struct_sheet_hbond.sheet_id 
_pdbx_struct_sheet_hbond.range_id_1 
_pdbx_struct_sheet_hbond.range_id_2 
_pdbx_struct_sheet_hbond.range_1_label_atom_id 
_pdbx_struct_sheet_hbond.range_1_label_comp_id 
_pdbx_struct_sheet_hbond.range_1_label_asym_id 
_pdbx_struct_sheet_hbond.range_1_label_seq_id 
_pdbx_struct_sheet_hbond.range_1_PDB_ins_code 
_pdbx_struct_sheet_hbond.range_1_auth_atom_id 
_pdbx_struct_sheet_hbond.range_1_auth_comp_id 
_pdbx_struct_sheet_hbond.range_1_auth_asym_id 
_pdbx_struct_sheet_hbond.range_1_auth_seq_id 
_pdbx_struct_sheet_hbond.range_2_label_atom_id 
_pdbx_struct_sheet_hbond.range_2_label_comp_id 
_pdbx_struct_sheet_hbond.range_2_label_asym_id 
_pdbx_struct_sheet_hbond.range_2_label_seq_id 
_pdbx_struct_sheet_hbond.range_2_PDB_ins_code 
_pdbx_struct_sheet_hbond.range_2_auth_atom_id 
_pdbx_struct_sheet_hbond.range_2_auth_comp_id 
_pdbx_struct_sheet_hbond.range_2_auth_asym_id 
_pdbx_struct_sheet_hbond.range_2_auth_seq_id 
A 1 2 N MET A 99  ? N MET A 99  O TYR A 4   ? O TYR A 4   
A 2 3 O SER A 9   ? O SER A 9   N LEU A 54  ? N LEU A 54  
A 3 4 N GLU A 61  ? N GLU A 61  O HIS A 32  ? O HIS A 32  
B 1 2 N MET A 99  ? N MET A 99  O TYR A 4   ? O TYR A 4   
B 2 3 O SER A 9   ? O SER A 9   N LEU A 54  ? N LEU A 54  
B 3 4 O ASN A 55  ? O ASN A 55  N TYR A 40  ? N TYR A 40  
B 4 5 N ARG A 41  ? N ARG A 41  O ASN A 156 ? O ASN A 156 
C 1 2 N LYS A 85  ? N LYS A 85  O ARG A 88  ? O ARG A 88  
D 1 2 O ILE A 106 ? O ILE A 106 N VAL A 113 ? N VAL A 113 
# 
loop_
_struct_site.id 
_struct_site.pdbx_evidence_code 
_struct_site.pdbx_auth_asym_id 
_struct_site.pdbx_auth_comp_id 
_struct_site.pdbx_auth_seq_id 
_struct_site.pdbx_auth_ins_code 
_struct_site.pdbx_num_residues 
_struct_site.details 
AC1 Software A MG  161 ? 4  'BINDING SITE FOR RESIDUE MG A 161'  
AC2 Software A PO4 181 ? 5  'BINDING SITE FOR RESIDUE PO4 A 181' 
AC3 Software A ADP 171 ? 21 'BINDING SITE FOR RESIDUE ADP A 171' 
# 
loop_
_struct_site_gen.id 
_struct_site_gen.site_id 
_struct_site_gen.pdbx_num_res 
_struct_site_gen.label_comp_id 
_struct_site_gen.label_asym_id 
_struct_site_gen.label_seq_id 
_struct_site_gen.pdbx_auth_ins_code 
_struct_site_gen.auth_comp_id 
_struct_site_gen.auth_asym_id 
_struct_site_gen.auth_seq_id 
_struct_site_gen.label_atom_id 
_struct_site_gen.label_alt_id 
_struct_site_gen.symmetry 
_struct_site_gen.details 
1  AC1 4  GLU A 77  ? GLU A 77  . ? 1_555 ? 
2  AC1 4  LEU A 96  ? LEU A 96  . ? 1_555 ? 
3  AC1 4  ADP D .   ? ADP A 171 . ? 1_555 ? 
4  AC1 4  HOH E .   ? HOH A 419 . ? 1_555 ? 
5  AC2 5  TYR A 53  ? TYR A 53  . ? 1_555 ? 
6  AC2 5  PHE A 123 ? PHE A 123 . ? 1_555 ? 
7  AC2 5  HOH E .   ? HOH A 400 . ? 1_555 ? 
8  AC2 5  HOH E .   ? HOH A 401 . ? 1_555 ? 
9  AC2 5  HOH E .   ? HOH A 402 . ? 1_555 ? 
10 AC3 21 LYS A 23  ? LYS A 23  . ? 4_555 ? 
11 AC3 21 LEU A 70  ? LEU A 70  . ? 1_555 ? 
12 AC3 21 GLN A 74  ? GLN A 74  . ? 1_555 ? 
13 AC3 21 GLU A 77  ? GLU A 77  . ? 1_555 ? 
14 AC3 21 ARG A 92  ? ARG A 92  . ? 1_555 ? 
15 AC3 21 ASP A 95  ? ASP A 95  . ? 1_555 ? 
16 AC3 21 ASP A 97  ? ASP A 97  . ? 1_555 ? 
17 AC3 21 ILE A 98  ? ILE A 98  . ? 1_555 ? 
18 AC3 21 ARG A 110 ? ARG A 110 . ? 1_555 ? 
19 AC3 21 LEU A 111 ? LEU A 111 . ? 1_555 ? 
20 AC3 21 THR A 112 ? THR A 112 . ? 1_555 ? 
21 AC3 21 HIS A 148 ? HIS A 148 . ? 1_554 ? 
22 AC3 21 MG  B .   ? MG  A 161 . ? 1_555 ? 
23 AC3 21 HOH E .   ? HOH A 404 . ? 1_555 ? 
24 AC3 21 HOH E .   ? HOH A 406 . ? 1_555 ? 
25 AC3 21 HOH E .   ? HOH A 415 . ? 1_555 ? 
26 AC3 21 HOH E .   ? HOH A 417 . ? 1_555 ? 
27 AC3 21 HOH E .   ? HOH A 418 . ? 1_555 ? 
28 AC3 21 HOH E .   ? HOH A 419 . ? 1_555 ? 
29 AC3 21 HOH E .   ? HOH A 422 . ? 1_555 ? 
30 AC3 21 HOH E .   ? HOH A 427 . ? 1_555 ? 
# 
_atom_sites.entry_id                    1EQM 
_atom_sites.fract_transf_matrix[1][1]   -0.01064079 
_atom_sites.fract_transf_matrix[1][2]   0.00213608 
_atom_sites.fract_transf_matrix[1][3]   0.00714013 
_atom_sites.fract_transf_matrix[2][1]   0.00710701 
_atom_sites.fract_transf_matrix[2][2]   0.01663255 
_atom_sites.fract_transf_matrix[2][3]   0.00561555 
_atom_sites.fract_transf_matrix[3][1]   -0.01718061 
_atom_sites.fract_transf_matrix[3][2]   0.01332894 
_atom_sites.fract_transf_matrix[3][3]   -0.01773498 
_atom_sites.fract_transf_vector[1]      0.249747 
_atom_sites.fract_transf_vector[2]      -0.014593 
_atom_sites.fract_transf_vector[3]      0.291760 
# 
loop_
_atom_type.symbol 
C  
MG 
N  
O  
P  
S  
# 
loop_
_atom_site.group_PDB 
_atom_site.id 
_atom_site.type_symbol 
_atom_site.label_atom_id 
_atom_site.label_alt_id 
_atom_site.label_comp_id 
_atom_site.label_asym_id 
_atom_site.label_entity_id 
_atom_site.label_seq_id 
_atom_site.pdbx_PDB_ins_code 
_atom_site.Cartn_x 
_atom_site.Cartn_y 
_atom_site.Cartn_z 
_atom_site.occupancy 
_atom_site.B_iso_or_equiv 
_atom_site.pdbx_formal_charge 
_atom_site.auth_seq_id 
_atom_site.auth_comp_id 
_atom_site.auth_asym_id 
_atom_site.auth_atom_id 
_atom_site.pdbx_PDB_model_num 
ATOM   1    N  N     . THR A 1 1   ? -15.853 0.084   8.522   1.00 16.14 ? 1   THR A N     1 
ATOM   2    C  CA    . THR A 1 1   ? -15.146 1.180   7.874   1.00 16.54 ? 1   THR A CA    1 
ATOM   3    C  C     . THR A 1 1   ? -14.289 0.634   6.736   1.00 16.12 ? 1   THR A C     1 
ATOM   4    O  O     . THR A 1 1   ? -13.666 -0.404  6.888   1.00 15.50 ? 1   THR A O     1 
ATOM   5    C  CB    . THR A 1 1   ? -14.254 1.981   8.843   1.00 21.22 ? 1   THR A CB    1 
ATOM   6    O  OG1   . THR A 1 1   ? -15.069 2.388   9.950   1.00 21.42 ? 1   THR A OG1   1 
ATOM   7    C  CG2   . THR A 1 1   ? -13.765 3.283   8.231   1.00 15.35 ? 1   THR A CG2   1 
ATOM   8    N  N     . VAL A 1 2   ? -14.318 1.360   5.615   1.00 13.94 ? 2   VAL A N     1 
ATOM   9    C  CA    . VAL A 1 2   ? -13.455 0.941   4.509   1.00 13.22 ? 2   VAL A CA    1 
ATOM   10   C  C     . VAL A 1 2   ? -12.093 1.620   4.659   1.00 12.72 ? 2   VAL A C     1 
ATOM   11   O  O     . VAL A 1 2   ? -12.036 2.856   4.655   1.00 13.30 ? 2   VAL A O     1 
ATOM   12   C  CB    . VAL A 1 2   ? -14.017 1.274   3.127   1.00 12.72 ? 2   VAL A CB    1 
ATOM   13   C  CG1   . VAL A 1 2   ? -13.046 0.806   2.034   1.00 13.21 ? 2   VAL A CG1   1 
ATOM   14   C  CG2   . VAL A 1 2   ? -15.391 0.662   2.870   1.00 17.23 ? 2   VAL A CG2   1 
ATOM   15   N  N     . ALA A 1 3   ? -11.053 0.814   4.756   1.00 10.87 ? 3   ALA A N     1 
ATOM   16   C  CA    . ALA A 1 3   ? -9.684  1.277   4.832   1.00 14.81 ? 3   ALA A CA    1 
ATOM   17   C  C     . ALA A 1 3   ? -8.984  0.892   3.532   1.00 17.21 ? 3   ALA A C     1 
ATOM   18   O  O     . ALA A 1 3   ? -9.126  -0.242  3.075   1.00 15.69 ? 3   ALA A O     1 
ATOM   19   C  CB    . ALA A 1 3   ? -8.979  0.704   6.052   1.00 18.81 ? 3   ALA A CB    1 
ATOM   20   N  N     . TYR A 1 4   ? -8.261  1.855   2.957   1.00 13.62 ? 4   TYR A N     1 
ATOM   21   C  CA    . TYR A 1 4   ? -7.481  1.584   1.754   1.00 11.54 ? 4   TYR A CA    1 
ATOM   22   C  C     . TYR A 1 4   ? -6.008  1.491   2.105   1.00 12.32 ? 4   TYR A C     1 
ATOM   23   O  O     . TYR A 1 4   ? -5.464  2.469   2.657   1.00 13.97 ? 4   TYR A O     1 
ATOM   24   C  CB    . TYR A 1 4   ? -7.670  2.661   0.673   1.00 12.70 ? 4   TYR A CB    1 
ATOM   25   C  CG    . TYR A 1 4   ? -9.041  2.602   0.050   1.00 12.79 ? 4   TYR A CG    1 
ATOM   26   C  CD1   . TYR A 1 4   ? -9.306  1.704   -0.988  1.00 15.15 ? 4   TYR A CD1   1 
ATOM   27   C  CD2   . TYR A 1 4   ? -10.094 3.414   0.482   1.00 14.40 ? 4   TYR A CD2   1 
ATOM   28   C  CE1   . TYR A 1 4   ? -10.556 1.641   -1.562  1.00 10.29 ? 4   TYR A CE1   1 
ATOM   29   C  CE2   . TYR A 1 4   ? -11.349 3.356   -0.088  1.00 17.35 ? 4   TYR A CE2   1 
ATOM   30   C  CZ    . TYR A 1 4   ? -11.582 2.462   -1.119  1.00 12.44 ? 4   TYR A CZ    1 
ATOM   31   O  OH    . TYR A 1 4   ? -12.834 2.401   -1.679  1.00 15.63 ? 4   TYR A OH    1 
ATOM   32   N  N     . ILE A 1 5   ? -5.402  0.350   1.812   1.00 12.40 ? 5   ILE A N     1 
ATOM   33   C  CA    . ILE A 1 5   ? -4.031  0.029   2.155   1.00 11.90 ? 5   ILE A CA    1 
ATOM   34   C  C     . ILE A 1 5   ? -3.167  -0.141  0.916   1.00 13.22 ? 5   ILE A C     1 
ATOM   35   O  O     . ILE A 1 5   ? -3.551  -0.869  -0.011  1.00 12.15 ? 5   ILE A O     1 
ATOM   36   C  CB    . ILE A 1 5   ? -3.979  -1.255  3.018   1.00 11.48 ? 5   ILE A CB    1 
ATOM   37   C  CG1   . ILE A 1 5   ? -4.731  -1.059  4.333   1.00 16.03 ? 5   ILE A CG1   1 
ATOM   38   C  CG2   . ILE A 1 5   ? -2.558  -1.722  3.240   1.00 14.55 ? 5   ILE A CG2   1 
ATOM   39   C  CD1   . ILE A 1 5   ? -5.001  -2.312  5.148   1.00 19.02 ? 5   ILE A CD1   1 
ATOM   40   N  N     . ALA A 1 6   ? -2.020  0.531   0.892   1.00 12.05 ? 6   ALA A N     1 
ATOM   41   C  CA    . ALA A 1 6   ? -1.030  0.358   -0.152  1.00 14.41 ? 6   ALA A CA    1 
ATOM   42   C  C     . ALA A 1 6   ? -0.043  -0.736  0.264   1.00 14.34 ? 6   ALA A C     1 
ATOM   43   O  O     . ALA A 1 6   ? 0.408   -0.824  1.409   1.00 14.96 ? 6   ALA A O     1 
ATOM   44   C  CB    . ALA A 1 6   ? -0.225  1.607   -0.476  1.00 14.40 ? 6   ALA A CB    1 
ATOM   45   N  N     . ILE A 1 7   ? 0.275   -1.569  -0.712  1.00 11.60 ? 7   ILE A N     1 
ATOM   46   C  CA    . ILE A 1 7   ? 1.319   -2.565  -0.599  1.00 11.42 ? 7   ILE A CA    1 
ATOM   47   C  C     . ILE A 1 7   ? 2.452   -2.212  -1.553  1.00 12.90 ? 7   ILE A C     1 
ATOM   48   O  O     . ILE A 1 7   ? 2.161   -1.938  -2.737  1.00 14.15 ? 7   ILE A O     1 
ATOM   49   C  CB    . ILE A 1 7   ? 0.777   -3.972  -0.970  1.00 12.75 ? 7   ILE A CB    1 
ATOM   50   C  CG1   . ILE A 1 7   ? -0.327  -4.459  -0.042  1.00 20.78 ? 7   ILE A CG1   1 
ATOM   51   C  CG2   . ILE A 1 7   ? 1.911   -4.961  -1.072  1.00 21.03 ? 7   ILE A CG2   1 
ATOM   52   C  CD1   . ILE A 1 7   ? -0.968  -5.764  -0.479  1.00 16.30 ? 7   ILE A CD1   1 
ATOM   53   N  N     . GLY A 1 8   ? 3.678   -2.200  -1.054  1.00 10.96 ? 8   GLY A N     1 
ATOM   54   C  CA    . GLY A 1 8   ? 4.849   -2.089  -1.900  1.00 13.23 ? 8   GLY A CA    1 
ATOM   55   C  C     . GLY A 1 8   ? 5.873   -3.161  -1.573  1.00 13.58 ? 8   GLY A C     1 
ATOM   56   O  O     . GLY A 1 8   ? 6.034   -3.491  -0.392  1.00 14.30 ? 8   GLY A O     1 
ATOM   57   N  N     . SER A 1 9   ? 6.554   -3.671  -2.590  1.00 13.42 ? 9   SER A N     1 
ATOM   58   C  CA    . SER A 1 9   ? 7.685   -4.567  -2.391  1.00 17.45 ? 9   SER A CA    1 
ATOM   59   C  C     . SER A 1 9   ? 8.732   -4.310  -3.485  1.00 15.35 ? 9   SER A C     1 
ATOM   60   O  O     . SER A 1 9   ? 8.342   -4.180  -4.646  1.00 16.49 ? 9   SER A O     1 
ATOM   61   C  CB    . SER A 1 9   ? 7.315   -6.060  -2.409  1.00 17.14 ? 9   SER A CB    1 
ATOM   62   O  OG    . SER A 1 9   ? 8.487   -6.860  -2.226  1.00 16.75 ? 9   SER A OG    1 
ATOM   63   N  N     . ASN A 1 10  ? 9.998   -4.253  -3.087  1.00 16.54 ? 10  ASN A N     1 
ATOM   64   C  CA    . ASN A 1 10  ? 11.095  -4.105  -4.036  1.00 18.13 ? 10  ASN A CA    1 
ATOM   65   C  C     . ASN A 1 10  ? 11.967  -5.340  -4.042  1.00 18.33 ? 10  ASN A C     1 
ATOM   66   O  O     . ASN A 1 10  ? 13.110  -5.294  -4.475  1.00 21.20 ? 10  ASN A O     1 
ATOM   67   C  CB    . ASN A 1 10  ? 11.936  -2.853  -3.760  1.00 23.39 ? 10  ASN A CB    1 
ATOM   68   C  CG    . ASN A 1 10  ? 12.543  -2.768  -2.375  1.00 32.52 ? 10  ASN A CG    1 
ATOM   69   O  OD1   . ASN A 1 10  ? 12.329  -3.587  -1.477  1.00 24.03 ? 10  ASN A OD1   1 
ATOM   70   N  ND2   . ASN A 1 10  ? 13.354  -1.716  -2.198  1.00 29.27 ? 10  ASN A ND2   1 
ATOM   71   N  N     . LEU A 1 11  ? 11.442  -6.482  -3.574  1.00 19.52 ? 11  LEU A N     1 
ATOM   72   C  CA    . LEU A 1 11  ? 12.194  -7.714  -3.824  1.00 19.57 ? 11  LEU A CA    1 
ATOM   73   C  C     . LEU A 1 11  ? 12.325  -7.973  -5.319  1.00 22.63 ? 11  LEU A C     1 
ATOM   74   O  O     . LEU A 1 11  ? 11.429  -7.586  -6.075  1.00 19.88 ? 11  LEU A O     1 
ATOM   75   C  CB    . LEU A 1 11  ? 11.477  -8.921  -3.242  1.00 24.25 ? 11  LEU A CB    1 
ATOM   76   C  CG    . LEU A 1 11  ? 11.709  -9.319  -1.790  1.00 36.00 ? 11  LEU A CG    1 
ATOM   77   C  CD1   . LEU A 1 11  ? 10.855  -10.543 -1.467  1.00 30.20 ? 11  LEU A CD1   1 
ATOM   78   C  CD2   . LEU A 1 11  ? 13.173  -9.601  -1.500  1.00 21.97 ? 11  LEU A CD2   1 
ATOM   79   N  N     . ALA A 1 12  ? 13.388  -8.647  -5.761  1.00 25.50 ? 12  ALA A N     1 
ATOM   80   C  CA    . ALA A 1 12  ? 13.552  -8.870  -7.198  1.00 20.78 ? 12  ALA A CA    1 
ATOM   81   C  C     . ALA A 1 12  ? 12.427  -9.694  -7.809  1.00 23.74 ? 12  ALA A C     1 
ATOM   82   O  O     . ALA A 1 12  ? 12.046  -9.429  -8.957  1.00 25.30 ? 12  ALA A O     1 
ATOM   83   C  CB    . ALA A 1 12  ? 14.899  -9.544  -7.484  1.00 27.71 ? 12  ALA A CB    1 
ATOM   84   N  N     . SER A 1 13  ? 11.937  -10.661 -7.055  1.00 18.07 ? 13  SER A N     1 
ATOM   85   C  CA    . SER A 1 13  ? 10.790  -11.490 -7.366  1.00 17.39 ? 13  SER A CA    1 
ATOM   86   C  C     . SER A 1 13  ? 9.848   -11.392 -6.171  1.00 16.50 ? 13  SER A C     1 
ATOM   87   O  O     . SER A 1 13  ? 9.887   -12.232 -5.279  1.00 19.99 ? 13  SER A O     1 
ATOM   88   C  CB    . SER A 1 13  ? 11.118  -12.967 -7.591  1.00 23.96 ? 13  SER A CB    1 
ATOM   89   O  OG    . SER A 1 13  ? 12.107  -13.137 -8.587  1.00 29.65 ? 13  SER A OG    1 
ATOM   90   N  N     . PRO A 1 14  ? 9.051   -10.338 -6.157  1.00 15.78 ? 14  PRO A N     1 
ATOM   91   C  CA    . PRO A 1 14  ? 8.205   -10.026 -5.002  1.00 13.59 ? 14  PRO A CA    1 
ATOM   92   C  C     . PRO A 1 14  ? 6.853   -10.716 -4.941  1.00 16.82 ? 14  PRO A C     1 
ATOM   93   O  O     . PRO A 1 14  ? 6.105   -10.531 -3.976  1.00 17.00 ? 14  PRO A O     1 
ATOM   94   C  CB    . PRO A 1 14  ? 7.958   -8.516  -5.231  1.00 13.25 ? 14  PRO A CB    1 
ATOM   95   C  CG    . PRO A 1 14  ? 7.903   -8.397  -6.724  1.00 14.51 ? 14  PRO A CG    1 
ATOM   96   C  CD    . PRO A 1 14  ? 8.922   -9.365  -7.266  1.00 12.35 ? 14  PRO A CD    1 
ATOM   97   N  N     . LEU A 1 15  ? 6.458   -11.522 -5.926  1.00 16.37 ? 15  LEU A N     1 
ATOM   98   C  CA    . LEU A 1 15  ? 5.070   -11.987 -5.940  1.00 13.15 ? 15  LEU A CA    1 
ATOM   99   C  C     . LEU A 1 15  ? 4.741   -12.858 -4.730  1.00 13.21 ? 15  LEU A C     1 
ATOM   100  O  O     . LEU A 1 15  ? 3.618   -12.785 -4.211  1.00 16.59 ? 15  LEU A O     1 
ATOM   101  C  CB    . LEU A 1 15  ? 4.761   -12.778 -7.205  1.00 16.35 ? 15  LEU A CB    1 
ATOM   102  C  CG    . LEU A 1 15  ? 4.546   -12.009 -8.501  1.00 18.28 ? 15  LEU A CG    1 
ATOM   103  C  CD1   . LEU A 1 15  ? 4.291   -13.011 -9.629  1.00 29.20 ? 15  LEU A CD1   1 
ATOM   104  C  CD2   . LEU A 1 15  ? 3.403   -11.013 -8.406  1.00 18.28 ? 15  LEU A CD2   1 
ATOM   105  N  N     . GLU A 1 16  ? 5.689   -13.690 -4.300  1.00 15.17 ? 16  GLU A N     1 
ATOM   106  C  CA    . GLU A 1 16  ? 5.420   -14.589 -3.170  1.00 15.62 ? 16  GLU A CA    1 
ATOM   107  C  C     . GLU A 1 16  ? 5.323   -13.807 -1.872  1.00 14.17 ? 16  GLU A C     1 
ATOM   108  O  O     . GLU A 1 16  ? 4.471   -14.090 -1.037  1.00 16.49 ? 16  GLU A O     1 
ATOM   109  C  CB    . GLU A 1 16  ? 6.480   -15.695 -3.114  1.00 19.12 ? 16  GLU A CB    1 
ATOM   110  C  CG    . GLU A 1 16  ? 6.437   -16.474 -4.426  1.00 25.28 ? 16  GLU A CG    1 
ATOM   111  C  CD    . GLU A 1 16  ? 7.091   -17.833 -4.351  1.00 43.89 ? 16  GLU A CD    1 
ATOM   112  O  OE1   . GLU A 1 16  ? 7.973   -18.030 -3.487  1.00 43.42 ? 16  GLU A OE1   1 
ATOM   113  O  OE2   . GLU A 1 16  ? 6.703   -18.678 -5.194  1.00 42.74 ? 16  GLU A OE2   1 
ATOM   114  N  N     . GLN A 1 17  ? 6.153   -12.786 -1.717  1.00 15.74 ? 17  GLN A N     1 
ATOM   115  C  CA    . GLN A 1 17  ? 6.004   -11.922 -0.547  1.00 17.31 ? 17  GLN A CA    1 
ATOM   116  C  C     . GLN A 1 17  ? 4.673   -11.191 -0.583  1.00 13.08 ? 17  GLN A C     1 
ATOM   117  O  O     . GLN A 1 17  ? 3.941   -11.049 0.407   1.00 13.08 ? 17  GLN A O     1 
ATOM   118  C  CB    . GLN A 1 17  ? 7.206   -10.961 -0.481  1.00 14.92 ? 17  GLN A CB    1 
ATOM   119  C  CG    . GLN A 1 17  ? 7.103   -9.993  0.701   1.00 14.13 ? 17  GLN A CG    1 
ATOM   120  C  CD    . GLN A 1 17  ? 8.340   -9.128  0.860   1.00 16.13 ? 17  GLN A CD    1 
ATOM   121  O  OE1   . GLN A 1 17  ? 8.673   -8.347  -0.034  1.00 18.69 ? 17  GLN A OE1   1 
ATOM   122  N  NE2   . GLN A 1 17  ? 9.037   -9.229  1.987   1.00 13.91 ? 17  GLN A NE2   1 
ATOM   123  N  N     . VAL A 1 18  ? 4.303   -10.682 -1.765  1.00 15.04 ? 18  VAL A N     1 
ATOM   124  C  CA    . VAL A 1 18  ? 3.075   -9.873  -1.810  1.00 11.74 ? 18  VAL A CA    1 
ATOM   125  C  C     . VAL A 1 18  ? 1.864   -10.756 -1.536  1.00 11.80 ? 18  VAL A C     1 
ATOM   126  O  O     . VAL A 1 18  ? 0.927   -10.333 -0.862  1.00 12.31 ? 18  VAL A O     1 
ATOM   127  C  CB    . VAL A 1 18  ? 2.927   -9.135  -3.153  1.00 13.52 ? 18  VAL A CB    1 
ATOM   128  C  CG1   . VAL A 1 18  ? 1.551   -8.534  -3.379  1.00 12.26 ? 18  VAL A CG1   1 
ATOM   129  C  CG2   . VAL A 1 18  ? 3.977   -8.014  -3.265  1.00 18.67 ? 18  VAL A CG2   1 
ATOM   130  N  N     . ASN A 1 19  ? 1.886   -11.994 -2.054  1.00 13.91 ? 19  ASN A N     1 
ATOM   131  C  CA    . ASN A 1 19  ? 0.748   -12.865 -1.779  1.00 13.24 ? 19  ASN A CA    1 
ATOM   132  C  C     . ASN A 1 19  ? 0.720   -13.231 -0.290  1.00 14.50 ? 19  ASN A C     1 
ATOM   133  O  O     . ASN A 1 19  ? -0.380  -13.292 0.270   1.00 15.78 ? 19  ASN A O     1 
ATOM   134  C  CB    . ASN A 1 19  ? 0.812   -14.150 -2.591  1.00 12.73 ? 19  ASN A CB    1 
ATOM   135  C  CG    . ASN A 1 19  ? 0.028   -14.002 -3.890  1.00 18.68 ? 19  ASN A CG    1 
ATOM   136  O  OD1   . ASN A 1 19  ? -1.186  -14.214 -3.883  1.00 22.99 ? 19  ASN A OD1   1 
ATOM   137  N  ND2   . ASN A 1 19  ? 0.729   -13.640 -4.954  1.00 19.09 ? 19  ASN A ND2   1 
ATOM   138  N  N     . ALA A 1 20  ? 1.888   -13.429 0.319   1.00 15.11 ? 20  ALA A N     1 
ATOM   139  C  CA    . ALA A 1 20  ? 1.896   -13.725 1.764   1.00 15.95 ? 20  ALA A CA    1 
ATOM   140  C  C     . ALA A 1 20  ? 1.297   -12.559 2.553   1.00 19.11 ? 20  ALA A C     1 
ATOM   141  O  O     . ALA A 1 20  ? 0.552   -12.741 3.524   1.00 16.16 ? 20  ALA A O     1 
ATOM   142  C  CB    . ALA A 1 20  ? 3.289   -14.053 2.254   1.00 14.72 ? 20  ALA A CB    1 
ATOM   143  N  N     . ALA A 1 21  ? 1.635   -11.333 2.127   1.00 15.17 ? 21  ALA A N     1 
ATOM   144  C  CA    . ALA A 1 21  ? 1.094   -10.147 2.770   1.00 12.37 ? 21  ALA A CA    1 
ATOM   145  C  C     . ALA A 1 21  ? -0.402  -10.003 2.607   1.00 12.91 ? 21  ALA A C     1 
ATOM   146  O  O     . ALA A 1 21  ? -1.123  -9.624  3.536   1.00 13.59 ? 21  ALA A O     1 
ATOM   147  C  CB    . ALA A 1 21  ? 1.804   -8.912  2.223   1.00 17.55 ? 21  ALA A CB    1 
ATOM   148  N  N     . LEU A 1 22  ? -0.906  -10.299 1.405   1.00 12.19 ? 22  LEU A N     1 
ATOM   149  C  CA    . LEU A 1 22  ? -2.334  -10.229 1.149   1.00 11.36 ? 22  LEU A CA    1 
ATOM   150  C  C     . LEU A 1 22  ? -3.092  -11.221 2.013   1.00 10.99 ? 22  LEU A C     1 
ATOM   151  O  O     . LEU A 1 22  ? -4.130  -10.945 2.599   1.00 13.97 ? 22  LEU A O     1 
ATOM   152  C  CB    . LEU A 1 22  ? -2.631  -10.562 -0.318  1.00 13.73 ? 22  LEU A CB    1 
ATOM   153  C  CG    . LEU A 1 22  ? -2.346  -9.443  -1.314  1.00 16.46 ? 22  LEU A CG    1 
ATOM   154  C  CD1   . LEU A 1 22  ? -2.454  -9.914  -2.755  1.00 18.24 ? 22  LEU A CD1   1 
ATOM   155  C  CD2   . LEU A 1 22  ? -3.323  -8.295  -1.055  1.00 22.01 ? 22  LEU A CD2   1 
ATOM   156  N  N     . LYS A 1 23  ? -2.551  -12.432 2.071   1.00 14.10 ? 23  LYS A N     1 
ATOM   157  C  CA    . LYS A 1 23  ? -3.197  -13.421 2.926   1.00 17.96 ? 23  LYS A CA    1 
ATOM   158  C  C     . LYS A 1 23  ? -3.224  -12.922 4.377   1.00 18.85 ? 23  LYS A C     1 
ATOM   159  O  O     . LYS A 1 23  ? -4.256  -13.048 5.066   1.00 20.40 ? 23  LYS A O     1 
ATOM   160  C  CB    . LYS A 1 23  ? -2.504  -14.778 2.834   1.00 20.31 ? 23  LYS A CB    1 
ATOM   161  C  CG    . LYS A 1 23  ? -2.979  -15.690 3.958   1.00 32.25 ? 23  LYS A CG    1 
ATOM   162  C  CD    . LYS A 1 23  ? -2.856  -17.160 3.624   1.00 35.82 ? 23  LYS A CD    1 
ATOM   163  C  CE    . LYS A 1 23  ? -3.517  -17.980 4.745   1.00 45.98 ? 23  LYS A CE    1 
ATOM   164  N  NZ    . LYS A 1 23  ? -5.001  -18.023 4.581   1.00 52.54 ? 23  LYS A NZ    1 
ATOM   165  N  N     . ALA A 1 24  ? -2.080  -12.385 4.819   1.00 14.51 ? 24  ALA A N     1 
ATOM   166  C  CA    . ALA A 1 24  ? -1.995  -11.883 6.199   1.00 17.82 ? 24  ALA A CA    1 
ATOM   167  C  C     . ALA A 1 24  ? -3.013  -10.766 6.425   1.00 15.06 ? 24  ALA A C     1 
ATOM   168  O  O     . ALA A 1 24  ? -3.653  -10.667 7.470   1.00 15.11 ? 24  ALA A O     1 
ATOM   169  C  CB    . ALA A 1 24  ? -0.586  -11.408 6.502   1.00 16.53 ? 24  ALA A CB    1 
ATOM   170  N  N     . LEU A 1 25  ? -3.197  -9.886  5.441   1.00 13.61 ? 25  LEU A N     1 
ATOM   171  C  CA    . LEU A 1 25  ? -4.189  -8.821  5.582   1.00 11.98 ? 25  LEU A CA    1 
ATOM   172  C  C     . LEU A 1 25  ? -5.597  -9.390  5.692   1.00 13.69 ? 25  LEU A C     1 
ATOM   173  O  O     . LEU A 1 25  ? -6.431  -8.857  6.433   1.00 16.36 ? 25  LEU A O     1 
ATOM   174  C  CB    . LEU A 1 25  ? -4.151  -7.833  4.413   1.00 12.91 ? 25  LEU A CB    1 
ATOM   175  C  CG    . LEU A 1 25  ? -2.966  -6.889  4.279   1.00 16.28 ? 25  LEU A CG    1 
ATOM   176  C  CD1   . LEU A 1 25  ? -2.980  -6.208  2.904   1.00 15.69 ? 25  LEU A CD1   1 
ATOM   177  C  CD2   . LEU A 1 25  ? -2.943  -5.828  5.380   1.00 14.79 ? 25  LEU A CD2   1 
ATOM   178  N  N     . GLY A 1 26  ? -5.878  -10.456 4.955   1.00 15.89 ? 26  GLY A N     1 
ATOM   179  C  CA    . GLY A 1 26  ? -7.205  -11.057 5.049   1.00 17.67 ? 26  GLY A CA    1 
ATOM   180  C  C     . GLY A 1 26  ? -7.429  -11.697 6.408   1.00 19.38 ? 26  GLY A C     1 
ATOM   181  O  O     . GLY A 1 26  ? -8.587  -11.871 6.807   1.00 21.46 ? 26  GLY A O     1 
ATOM   182  N  N     . ASP A 1 27  ? -6.363  -12.020 7.132   1.00 16.45 ? 27  ASP A N     1 
ATOM   183  C  CA    . ASP A 1 27  ? -6.496  -12.691 8.418   1.00 19.24 ? 27  ASP A CA    1 
ATOM   184  C  C     . ASP A 1 27  ? -6.536  -11.730 9.595   1.00 19.73 ? 27  ASP A C     1 
ATOM   185  O  O     . ASP A 1 27  ? -6.566  -12.151 10.755  1.00 18.19 ? 27  ASP A O     1 
ATOM   186  C  CB    . ASP A 1 27  ? -5.324  -13.669 8.599   1.00 24.63 ? 27  ASP A CB    1 
ATOM   187  C  CG    . ASP A 1 27  ? -5.521  -14.923 7.763   1.00 26.70 ? 27  ASP A CG    1 
ATOM   188  O  OD1   . ASP A 1 27  ? -6.677  -15.129 7.331   1.00 30.58 ? 27  ASP A OD1   1 
ATOM   189  O  OD2   . ASP A 1 27  ? -4.541  -15.656 7.554   1.00 31.41 ? 27  ASP A OD2   1 
ATOM   190  N  N     . ILE A 1 28  ? -6.520  -10.423 9.315   1.00 18.95 ? 28  ILE A N     1 
ATOM   191  C  CA    . ILE A 1 28  ? -6.649  -9.469  10.430  1.00 16.29 ? 28  ILE A CA    1 
ATOM   192  C  C     . ILE A 1 28  ? -8.030  -9.580  11.049  1.00 16.92 ? 28  ILE A C     1 
ATOM   193  O  O     . ILE A 1 28  ? -9.062  -9.694  10.396  1.00 17.19 ? 28  ILE A O     1 
ATOM   194  C  CB    . ILE A 1 28  ? -6.387  -8.031  9.954   1.00 17.10 ? 28  ILE A CB    1 
ATOM   195  C  CG1   . ILE A 1 28  ? -4.985  -7.833  9.372   1.00 15.90 ? 28  ILE A CG1   1 
ATOM   196  C  CG2   . ILE A 1 28  ? -6.646  -7.016  11.059  1.00 17.28 ? 28  ILE A CG2   1 
ATOM   197  C  CD1   . ILE A 1 28  ? -4.744  -6.431  8.828   1.00 13.91 ? 28  ILE A CD1   1 
ATOM   198  N  N     . PRO A 1 29  ? -8.086  -9.564  12.383  1.00 19.38 ? 29  PRO A N     1 
ATOM   199  C  CA    . PRO A 1 29  ? -9.397  -9.742  13.015  1.00 22.06 ? 29  PRO A CA    1 
ATOM   200  C  C     . PRO A 1 29  ? -10.295 -8.541  12.767  1.00 19.16 ? 29  PRO A C     1 
ATOM   201  O  O     . PRO A 1 29  ? -9.790  -7.430  12.544  1.00 21.16 ? 29  PRO A O     1 
ATOM   202  C  CB    . PRO A 1 29  ? -9.048  -9.853  14.505  1.00 21.55 ? 29  PRO A CB    1 
ATOM   203  C  CG    . PRO A 1 29  ? -7.767  -9.102  14.624  1.00 27.68 ? 29  PRO A CG    1 
ATOM   204  C  CD    . PRO A 1 29  ? -7.005  -9.374  13.346  1.00 20.44 ? 29  PRO A CD    1 
ATOM   205  N  N     . GLU A 1 30  ? -11.598 -8.774  12.810  1.00 18.03 ? 30  GLU A N     1 
ATOM   206  C  CA    . GLU A 1 30  ? -12.617 -7.749  12.676  1.00 17.94 ? 30  GLU A CA    1 
ATOM   207  C  C     . GLU A 1 30  ? -12.563 -7.067  11.301  1.00 20.04 ? 30  GLU A C     1 
ATOM   208  O  O     . GLU A 1 30  ? -12.973 -5.916  11.170  1.00 19.23 ? 30  GLU A O     1 
ATOM   209  C  CB    . GLU A 1 30  ? -12.491 -6.666  13.750  1.00 20.77 ? 30  GLU A CB    1 
ATOM   210  C  CG    . GLU A 1 30  ? -12.617 -7.199  15.170  1.00 27.36 ? 30  GLU A CG    1 
ATOM   211  C  CD    . GLU A 1 30  ? -12.960 -6.121  16.184  1.00 34.57 ? 30  GLU A CD    1 
ATOM   212  O  OE1   . GLU A 1 30  ? -14.004 -5.458  16.026  1.00 47.17 ? 30  GLU A OE1   1 
ATOM   213  O  OE2   . GLU A 1 30  ? -12.178 -5.931  17.138  1.00 39.35 ? 30  GLU A OE2   1 
ATOM   214  N  N     . SER A 1 31  ? -12.067 -7.798  10.313  1.00 15.91 ? 31  SER A N     1 
ATOM   215  C  CA    . SER A 1 31  ? -11.779 -7.192  9.014   1.00 13.81 ? 31  SER A CA    1 
ATOM   216  C  C     . SER A 1 31  ? -11.853 -8.207  7.886   1.00 17.85 ? 31  SER A C     1 
ATOM   217  O  O     . SER A 1 31  ? -11.632 -9.406  8.092   1.00 17.32 ? 31  SER A O     1 
ATOM   218  C  CB    . SER A 1 31  ? -10.354 -6.654  8.991   1.00 14.71 ? 31  SER A CB    1 
ATOM   219  O  OG    . SER A 1 31  ? -9.969  -5.880  10.095  1.00 16.08 ? 31  SER A OG    1 
ATOM   220  N  N     . HIS A 1 32  ? -12.106 -7.742  6.670   1.00 17.34 ? 32  HIS A N     1 
ATOM   221  C  CA    . HIS A 1 32  ? -11.989 -8.660  5.535   1.00 18.12 ? 32  HIS A CA    1 
ATOM   222  C  C     . HIS A 1 32  ? -11.659 -7.841  4.280   1.00 13.33 ? 32  HIS A C     1 
ATOM   223  O  O     . HIS A 1 32  ? -12.044 -6.674  4.244   1.00 16.43 ? 32  HIS A O     1 
ATOM   224  C  CB    . HIS A 1 32  ? -13.236 -9.505  5.339   1.00 18.74 ? 32  HIS A CB    1 
ATOM   225  C  CG    . HIS A 1 32  ? -14.491 -8.748  5.055   1.00 16.25 ? 32  HIS A CG    1 
ATOM   226  N  ND1   . HIS A 1 32  ? -15.262 -8.146  6.026   1.00 25.49 ? 32  HIS A ND1   1 
ATOM   227  C  CD2   . HIS A 1 32  ? -15.119 -8.508  3.880   1.00 18.83 ? 32  HIS A CD2   1 
ATOM   228  C  CE1   . HIS A 1 32  ? -16.306 -7.560  5.474   1.00 28.91 ? 32  HIS A CE1   1 
ATOM   229  N  NE2   . HIS A 1 32  ? -16.238 -7.761  4.167   1.00 29.80 ? 32  HIS A NE2   1 
ATOM   230  N  N     . ILE A 1 33  ? -10.971 -8.467  3.342   1.00 14.33 ? 33  ILE A N     1 
ATOM   231  C  CA    . ILE A 1 33  ? -10.650 -7.828  2.064   1.00 15.41 ? 33  ILE A CA    1 
ATOM   232  C  C     . ILE A 1 33  ? -11.886 -7.720  1.189   1.00 17.49 ? 33  ILE A C     1 
ATOM   233  O  O     . ILE A 1 33  ? -12.611 -8.702  0.983   1.00 16.57 ? 33  ILE A O     1 
ATOM   234  C  CB    . ILE A 1 33  ? -9.542  -8.635  1.353   1.00 14.01 ? 33  ILE A CB    1 
ATOM   235  C  CG1   . ILE A 1 33  ? -8.242  -8.717  2.158   1.00 16.20 ? 33  ILE A CG1   1 
ATOM   236  C  CG2   . ILE A 1 33  ? -9.279  -8.098  -0.042  1.00 11.67 ? 33  ILE A CG2   1 
ATOM   237  C  CD1   . ILE A 1 33  ? -7.025  -9.159  1.381   1.00 23.98 ? 33  ILE A CD1   1 
ATOM   238  N  N     . LEU A 1 34  ? -12.148 -6.531  0.675   1.00 13.79 ? 34  LEU A N     1 
ATOM   239  C  CA    . LEU A 1 34  ? -13.216 -6.244  -0.266  1.00 14.62 ? 34  LEU A CA    1 
ATOM   240  C  C     . LEU A 1 34  ? -12.751 -6.391  -1.709  1.00 16.48 ? 34  LEU A C     1 
ATOM   241  O  O     . LEU A 1 34  ? -13.417 -6.983  -2.541  1.00 15.20 ? 34  LEU A O     1 
ATOM   242  C  CB    . LEU A 1 34  ? -13.739 -4.815  -0.044  1.00 14.56 ? 34  LEU A CB    1 
ATOM   243  C  CG    . LEU A 1 34  ? -14.488 -4.540  1.249   1.00 15.83 ? 34  LEU A CG    1 
ATOM   244  C  CD1   . LEU A 1 34  ? -14.742 -3.052  1.454   1.00 18.89 ? 34  LEU A CD1   1 
ATOM   245  C  CD2   . LEU A 1 34  ? -15.826 -5.283  1.278   1.00 19.62 ? 34  LEU A CD2   1 
ATOM   246  N  N     . THR A 1 35  ? -11.590 -5.841  -2.050  1.00 13.33 ? 35  THR A N     1 
ATOM   247  C  CA    . THR A 1 35  ? -11.082 -5.862  -3.415  1.00 13.22 ? 35  THR A CA    1 
ATOM   248  C  C     . THR A 1 35  ? -9.581  -5.602  -3.418  1.00 12.81 ? 35  THR A C     1 
ATOM   249  O  O     . THR A 1 35  ? -9.027  -4.942  -2.520  1.00 14.46 ? 35  THR A O     1 
ATOM   250  C  CB    . THR A 1 35  ? -11.860 -4.865  -4.297  1.00 14.25 ? 35  THR A CB    1 
ATOM   251  O  OG1   . THR A 1 35  ? -11.582 -5.143  -5.679  1.00 18.07 ? 35  THR A OG1   1 
ATOM   252  C  CG2   . THR A 1 35  ? -11.422 -3.428  -4.048  1.00 19.19 ? 35  THR A CG2   1 
ATOM   253  N  N     . VAL A 1 36  ? -8.870  -6.115  -4.402  1.00 11.97 ? 36  VAL A N     1 
ATOM   254  C  CA    . VAL A 1 36  ? -7.432  -5.946  -4.569  1.00 12.89 ? 36  VAL A CA    1 
ATOM   255  C  C     . VAL A 1 36  ? -7.159  -5.442  -5.979  1.00 14.36 ? 36  VAL A C     1 
ATOM   256  O  O     . VAL A 1 36  ? -7.721  -5.981  -6.950  1.00 12.67 ? 36  VAL A O     1 
ATOM   257  C  CB    . VAL A 1 36  ? -6.674  -7.264  -4.332  1.00 14.72 ? 36  VAL A CB    1 
ATOM   258  C  CG1   . VAL A 1 36  ? -5.175  -7.077  -4.535  1.00 13.94 ? 36  VAL A CG1   1 
ATOM   259  C  CG2   . VAL A 1 36  ? -6.954  -7.828  -2.957  1.00 11.49 ? 36  VAL A CG2   1 
ATOM   260  N  N     . SER A 1 37  ? -6.315  -4.421  -6.098  1.00 13.21 ? 37  SER A N     1 
ATOM   261  C  CA    . SER A 1 37  ? -5.982  -3.875  -7.408  1.00 11.24 ? 37  SER A CA    1 
ATOM   262  C  C     . SER A 1 37  ? -5.084  -4.824  -8.182  1.00 9.65  ? 37  SER A C     1 
ATOM   263  O  O     . SER A 1 37  ? -4.551  -5.742  -7.568  1.00 13.16 ? 37  SER A O     1 
ATOM   264  C  CB    . SER A 1 37  ? -5.247  -2.535  -7.229  1.00 9.62  ? 37  SER A CB    1 
ATOM   265  O  OG    . SER A 1 37  ? -3.884  -2.739  -6.918  1.00 13.63 ? 37  SER A OG    1 
ATOM   266  N  N     . SER A 1 38  ? -4.876  -4.617  -9.484  1.00 10.84 ? 38  SER A N     1 
ATOM   267  C  CA    . SER A 1 38  ? -3.790  -5.342  -10.148 1.00 12.25 ? 38  SER A CA    1 
ATOM   268  C  C     . SER A 1 38  ? -2.448  -4.994  -9.486  1.00 15.04 ? 38  SER A C     1 
ATOM   269  O  O     . SER A 1 38  ? -2.385  -4.020  -8.711  1.00 12.30 ? 38  SER A O     1 
ATOM   270  C  CB    . SER A 1 38  ? -3.679  -5.009  -11.640 1.00 16.96 ? 38  SER A CB    1 
ATOM   271  O  OG    . SER A 1 38  ? -4.893  -5.230  -12.332 1.00 16.23 ? 38  SER A OG    1 
ATOM   272  N  N     . PHE A 1 39  ? -1.418  -5.781  -9.816  1.00 13.94 ? 39  PHE A N     1 
ATOM   273  C  CA    . PHE A 1 39  ? -0.045  -5.529  -9.412  1.00 15.56 ? 39  PHE A CA    1 
ATOM   274  C  C     . PHE A 1 39  ? 0.654   -4.677  -10.483 1.00 15.98 ? 39  PHE A C     1 
ATOM   275  O  O     . PHE A 1 39  ? 0.625   -5.015  -11.669 1.00 18.11 ? 39  PHE A O     1 
ATOM   276  C  CB    . PHE A 1 39  ? 0.763   -6.815  -9.175  1.00 16.39 ? 39  PHE A CB    1 
ATOM   277  C  CG    . PHE A 1 39  ? 0.149   -7.726  -8.114  1.00 17.71 ? 39  PHE A CG    1 
ATOM   278  C  CD1   . PHE A 1 39  ? -0.755  -7.241  -7.179  1.00 17.08 ? 39  PHE A CD1   1 
ATOM   279  C  CD2   . PHE A 1 39  ? 0.477   -9.072  -8.089  1.00 18.80 ? 39  PHE A CD2   1 
ATOM   280  C  CE1   . PHE A 1 39  ? -1.306  -8.093  -6.236  1.00 16.85 ? 39  PHE A CE1   1 
ATOM   281  C  CE2   . PHE A 1 39  ? -0.065  -9.928  -7.141  1.00 18.54 ? 39  PHE A CE2   1 
ATOM   282  C  CZ    . PHE A 1 39  ? -0.970  -9.434  -6.206  1.00 15.40 ? 39  PHE A CZ    1 
ATOM   283  N  N     . TYR A 1 40  ? 1.262   -3.574  -10.050 1.00 16.51 ? 40  TYR A N     1 
ATOM   284  C  CA    . TYR A 1 40  ? 1.877   -2.636  -10.993 1.00 19.57 ? 40  TYR A CA    1 
ATOM   285  C  C     . TYR A 1 40  ? 3.369   -2.490  -10.759 1.00 19.59 ? 40  TYR A C     1 
ATOM   286  O  O     . TYR A 1 40  ? 3.883   -2.556  -9.638  1.00 21.88 ? 40  TYR A O     1 
ATOM   287  C  CB    . TYR A 1 40  ? 1.223   -1.258  -10.894 1.00 16.94 ? 40  TYR A CB    1 
ATOM   288  C  CG    . TYR A 1 40  ? -0.245  -1.217  -11.220 1.00 14.54 ? 40  TYR A CG    1 
ATOM   289  C  CD1   . TYR A 1 40  ? -0.631  -0.991  -12.545 1.00 17.74 ? 40  TYR A CD1   1 
ATOM   290  C  CD2   . TYR A 1 40  ? -1.247  -1.389  -10.278 1.00 16.70 ? 40  TYR A CD2   1 
ATOM   291  C  CE1   . TYR A 1 40  ? -1.962  -0.943  -12.879 1.00 20.58 ? 40  TYR A CE1   1 
ATOM   292  C  CE2   . TYR A 1 40  ? -2.588  -1.339  -10.609 1.00 15.43 ? 40  TYR A CE2   1 
ATOM   293  C  CZ    . TYR A 1 40  ? -2.933  -1.117  -11.926 1.00 21.21 ? 40  TYR A CZ    1 
ATOM   294  O  OH    . TYR A 1 40  ? -4.244  -1.060  -12.317 1.00 18.58 ? 40  TYR A OH    1 
ATOM   295  N  N     . ARG A 1 41  ? 4.103   -2.280  -11.847 1.00 16.67 ? 41  ARG A N     1 
ATOM   296  C  CA    . ARG A 1 41  ? 5.554   -2.206  -11.701 1.00 18.03 ? 41  ARG A CA    1 
ATOM   297  C  C     . ARG A 1 41  ? 6.010   -0.771  -11.892 1.00 18.41 ? 41  ARG A C     1 
ATOM   298  O  O     . ARG A 1 41  ? 5.588   -0.077  -12.830 1.00 17.41 ? 41  ARG A O     1 
ATOM   299  C  CB    . ARG A 1 41  ? 6.179   -3.163  -12.710 1.00 22.26 ? 41  ARG A CB    1 
ATOM   300  C  CG    . ARG A 1 41  ? 7.652   -2.961  -12.982 1.00 24.91 ? 41  ARG A CG    1 
ATOM   301  C  CD    . ARG A 1 41  ? 8.049   -3.649  -14.276 1.00 29.03 ? 41  ARG A CD    1 
ATOM   302  N  NE    . ARG A 1 41  ? 7.615   -5.048  -14.304 1.00 31.11 ? 41  ARG A NE    1 
ATOM   303  C  CZ    . ARG A 1 41  ? 8.217   -6.050  -13.691 1.00 23.59 ? 41  ARG A CZ    1 
ATOM   304  N  NH1   . ARG A 1 41  ? 9.312   -5.859  -12.969 1.00 29.25 ? 41  ARG A NH1   1 
ATOM   305  N  NH2   . ARG A 1 41  ? 7.749   -7.296  -13.778 1.00 21.35 ? 41  ARG A NH2   1 
ATOM   306  N  N     . THR A 1 42  ? 6.875   -0.342  -10.978 1.00 18.12 ? 42  THR A N     1 
ATOM   307  C  CA    . THR A 1 42  ? 7.472   0.978   -11.183 1.00 19.75 ? 42  THR A CA    1 
ATOM   308  C  C     . THR A 1 42  ? 8.984   0.922   -10.953 1.00 23.27 ? 42  THR A C     1 
ATOM   309  O  O     . THR A 1 42  ? 9.517   0.322   -10.030 1.00 23.76 ? 42  THR A O     1 
ATOM   310  C  CB    . THR A 1 42  ? 6.869   2.080   -10.297 1.00 25.11 ? 42  THR A CB    1 
ATOM   311  O  OG1   . THR A 1 42  ? 6.697   1.614   -8.969  1.00 23.76 ? 42  THR A OG1   1 
ATOM   312  C  CG2   . THR A 1 42  ? 5.483   2.449   -10.825 1.00 43.29 ? 42  THR A CG2   1 
ATOM   313  N  N     . PRO A 1 43  ? 9.681   1.611   -11.842 1.00 33.51 ? 43  PRO A N     1 
ATOM   314  C  CA    . PRO A 1 43  ? 11.135  1.756   -11.806 1.00 42.43 ? 43  PRO A CA    1 
ATOM   315  C  C     . PRO A 1 43  ? 11.731  2.046   -10.432 1.00 44.10 ? 43  PRO A C     1 
ATOM   316  O  O     . PRO A 1 43  ? 11.195  1.757   -9.359  1.00 47.98 ? 43  PRO A O     1 
ATOM   317  C  CB    . PRO A 1 43  ? 11.385  2.986   -12.694 1.00 51.39 ? 43  PRO A CB    1 
ATOM   318  C  CG    . PRO A 1 43  ? 10.035  3.530   -13.043 1.00 57.37 ? 43  PRO A CG    1 
ATOM   319  C  CD    . PRO A 1 43  ? 9.092   2.349   -12.981 1.00 45.82 ? 43  PRO A CD    1 
ATOM   320  N  N     . PRO A 1 44  ? 12.927  2.637   -10.465 0.00 45.05 ? 44  PRO A N     1 
ATOM   321  C  CA    . PRO A 1 44  ? 13.674  2.959   -9.248  0.00 45.79 ? 44  PRO A CA    1 
ATOM   322  C  C     . PRO A 1 44  ? 13.389  4.368   -8.741  0.00 46.57 ? 44  PRO A C     1 
ATOM   323  O  O     . PRO A 1 44  ? 12.247  4.825   -8.741  0.00 46.57 ? 44  PRO A O     1 
ATOM   324  C  CB    . PRO A 1 44  ? 15.119  2.867   -9.747  0.00 45.61 ? 44  PRO A CB    1 
ATOM   325  C  CG    . PRO A 1 44  ? 15.051  3.336   -11.164 0.00 45.43 ? 44  PRO A CG    1 
ATOM   326  C  CD    . PRO A 1 44  ? 13.669  3.035   -11.671 0.00 45.24 ? 44  PRO A CD    1 
ATOM   327  N  N     . LEU A 1 45  ? 14.449  5.046   -8.303  0.00 47.31 ? 45  LEU A N     1 
ATOM   328  C  CA    . LEU A 1 45  ? 14.337  6.402   -7.784  0.00 48.05 ? 45  LEU A CA    1 
ATOM   329  C  C     . LEU A 1 45  ? 15.702  6.958   -7.392  0.00 48.84 ? 45  LEU A C     1 
ATOM   330  O  O     . LEU A 1 45  ? 15.811  7.778   -6.479  0.00 48.82 ? 45  LEU A O     1 
ATOM   331  C  CB    . LEU A 1 45  ? 13.391  6.440   -6.582  0.00 48.03 ? 45  LEU A CB    1 
ATOM   332  C  CG    . LEU A 1 45  ? 12.779  7.802   -6.246  0.00 48.03 ? 45  LEU A CG    1 
ATOM   333  C  CD1   . LEU A 1 45  ? 13.582  8.499   -5.158  0.00 48.03 ? 45  LEU A CD1   1 
ATOM   334  C  CD2   . LEU A 1 45  ? 12.686  8.672   -7.490  0.00 48.03 ? 45  LEU A CD2   1 
ATOM   335  N  N     . GLY A 1 46  ? 16.743  6.509   -8.089  0.00 49.66 ? 46  GLY A N     1 
ATOM   336  C  CA    . GLY A 1 46  ? 18.099  6.951   -7.822  0.00 50.50 ? 46  GLY A CA    1 
ATOM   337  C  C     . GLY A 1 46  ? 18.987  6.872   -9.049  0.00 51.36 ? 46  GLY A C     1 
ATOM   338  O  O     . GLY A 1 46  ? 18.588  6.322   -10.077 0.00 51.33 ? 46  GLY A O     1 
ATOM   339  N  N     . PRO A 1 47  ? 20.195  7.421   -8.949  0.00 52.25 ? 47  PRO A N     1 
ATOM   340  C  CA    . PRO A 1 47  ? 21.138  7.403   -10.071 0.00 53.02 ? 47  PRO A CA    1 
ATOM   341  C  C     . PRO A 1 47  ? 21.509  5.973   -10.463 0.00 54.02 ? 47  PRO A C     1 
ATOM   342  O  O     . PRO A 1 47  ? 21.077  5.471   -11.514 0.00 54.07 ? 47  PRO A O     1 
ATOM   343  C  CB    . PRO A 1 47  ? 22.368  8.136   -9.525  0.00 52.79 ? 47  PRO A CB    1 
ATOM   344  C  CG    . PRO A 1 47  ? 22.233  8.080   -8.042  0.00 52.59 ? 47  PRO A CG    1 
ATOM   345  C  CD    . PRO A 1 47  ? 20.751  8.094   -7.764  0.00 52.41 ? 47  PRO A CD    1 
ATOM   346  N  N     . GLN A 1 48  ? 22.309  5.319   -9.615  0.00 54.99 ? 48  GLN A N     1 
ATOM   347  C  CA    . GLN A 1 48  ? 22.697  3.935   -9.884  0.00 55.96 ? 48  GLN A CA    1 
ATOM   348  C  C     . GLN A 1 48  ? 21.525  3.158   -10.481 0.00 56.99 ? 48  GLN A C     1 
ATOM   349  O  O     . GLN A 1 48  ? 21.132  3.383   -11.645 0.00 56.98 ? 48  GLN A O     1 
ATOM   350  C  CB    . GLN A 1 48  ? 23.196  3.258   -8.604  0.00 55.93 ? 48  GLN A CB    1 
ATOM   351  C  CG    . GLN A 1 48  ? 23.402  4.209   -7.437  0.00 55.91 ? 48  GLN A CG    1 
ATOM   352  C  CD    . GLN A 1 48  ? 22.435  5.380   -7.454  0.00 55.91 ? 48  GLN A CD    1 
ATOM   353  O  OE1   . GLN A 1 48  ? 21.281  5.252   -7.043  0.00 55.91 ? 48  GLN A OE1   1 
ATOM   354  N  NE2   . GLN A 1 48  ? 22.904  6.529   -7.931  0.00 55.91 ? 48  GLN A NE2   1 
ATOM   355  N  N     . ASP A 1 49  ? 20.962  2.249   -9.680  1.00 58.06 ? 49  ASP A N     1 
ATOM   356  C  CA    . ASP A 1 49  ? 19.799  1.479   -10.098 1.00 48.40 ? 49  ASP A CA    1 
ATOM   357  C  C     . ASP A 1 49  ? 19.336  0.467   -9.063  1.00 47.52 ? 49  ASP A C     1 
ATOM   358  O  O     . ASP A 1 49  ? 19.938  -0.582  -8.838  1.00 54.88 ? 49  ASP A O     1 
ATOM   359  C  CB    . ASP A 1 49  ? 20.080  0.718   -11.404 1.00 42.10 ? 49  ASP A CB    1 
ATOM   360  C  CG    . ASP A 1 49  ? 19.332  1.426   -12.526 1.00 40.35 ? 49  ASP A CG    1 
ATOM   361  O  OD1   . ASP A 1 49  ? 18.402  2.175   -12.177 1.00 44.29 ? 49  ASP A OD1   1 
ATOM   362  O  OD2   . ASP A 1 49  ? 19.680  1.223   -13.704 1.00 48.52 ? 49  ASP A OD2   1 
ATOM   363  N  N     . GLN A 1 50  ? 18.217  0.797   -8.431  1.00 46.67 ? 50  GLN A N     1 
ATOM   364  C  CA    . GLN A 1 50  ? 17.619  -0.079  -7.420  1.00 47.77 ? 50  GLN A CA    1 
ATOM   365  C  C     . GLN A 1 50  ? 16.537  -0.919  -8.067  1.00 41.76 ? 50  GLN A C     1 
ATOM   366  O  O     . GLN A 1 50  ? 16.207  -0.658  -9.233  1.00 37.98 ? 50  GLN A O     1 
ATOM   367  C  CB    . GLN A 1 50  ? 17.125  0.797   -6.262  1.00 55.53 ? 50  GLN A CB    1 
ATOM   368  C  CG    . GLN A 1 50  ? 18.286  1.084   -5.295  1.00 60.17 ? 50  GLN A CG    1 
ATOM   369  C  CD    . GLN A 1 50  ? 19.524  0.331   -5.770  1.00 63.42 ? 50  GLN A CD    1 
ATOM   370  O  OE1   . GLN A 1 50  ? 20.354  0.893   -6.486  1.00 65.96 ? 50  GLN A OE1   1 
ATOM   371  N  NE2   . GLN A 1 50  ? 19.638  -0.936  -5.389  1.00 67.44 ? 50  GLN A NE2   1 
ATOM   372  N  N     . PRO A 1 51  ? 15.987  -1.923  -7.405  1.00 36.18 ? 51  PRO A N     1 
ATOM   373  C  CA    . PRO A 1 51  ? 14.994  -2.772  -8.070  1.00 34.03 ? 51  PRO A CA    1 
ATOM   374  C  C     . PRO A 1 51  ? 13.690  -2.045  -8.379  1.00 26.92 ? 51  PRO A C     1 
ATOM   375  O  O     . PRO A 1 51  ? 13.386  -1.006  -7.802  1.00 28.51 ? 51  PRO A O     1 
ATOM   376  C  CB    . PRO A 1 51  ? 14.687  -3.875  -7.053  1.00 36.61 ? 51  PRO A CB    1 
ATOM   377  C  CG    . PRO A 1 51  ? 15.809  -3.806  -6.073  1.00 45.39 ? 51  PRO A CG    1 
ATOM   378  C  CD    . PRO A 1 51  ? 16.233  -2.362  -6.027  1.00 38.51 ? 51  PRO A CD    1 
ATOM   379  N  N     . ASP A 1 52  ? 12.946  -2.652  -9.306  1.00 25.77 ? 52  ASP A N     1 
ATOM   380  C  CA    . ASP A 1 52  ? 11.574  -2.230  -9.546  1.00 20.81 ? 52  ASP A CA    1 
ATOM   381  C  C     . ASP A 1 52  ? 10.755  -2.451  -8.273  1.00 16.77 ? 52  ASP A C     1 
ATOM   382  O  O     . ASP A 1 52  ? 11.035  -3.385  -7.518  1.00 23.33 ? 52  ASP A O     1 
ATOM   383  C  CB    . ASP A 1 52  ? 10.942  -3.011  -10.679 1.00 21.61 ? 52  ASP A CB    1 
ATOM   384  C  CG    . ASP A 1 52  ? 11.517  -2.722  -12.046 1.00 30.80 ? 52  ASP A CG    1 
ATOM   385  O  OD1   . ASP A 1 52  ? 12.224  -1.713  -12.212 1.00 24.92 ? 52  ASP A OD1   1 
ATOM   386  O  OD2   . ASP A 1 52  ? 11.250  -3.525  -12.961 1.00 26.67 ? 52  ASP A OD2   1 
ATOM   387  N  N     . TYR A 1 53  ? 9.757   -1.618  -8.036  1.00 17.92 ? 53  TYR A N     1 
ATOM   388  C  CA    . TYR A 1 53  ? 8.784   -1.820  -6.990  1.00 21.03 ? 53  TYR A CA    1 
ATOM   389  C  C     . TYR A 1 53  ? 7.521   -2.459  -7.571  1.00 15.08 ? 53  TYR A C     1 
ATOM   390  O  O     . TYR A 1 53  ? 7.115   -2.031  -8.648  1.00 15.00 ? 53  TYR A O     1 
ATOM   391  C  CB    . TYR A 1 53  ? 8.360   -0.502  -6.299  1.00 16.93 ? 53  TYR A CB    1 
ATOM   392  C  CG    . TYR A 1 53  ? 9.269   -0.118  -5.159  1.00 24.02 ? 53  TYR A CG    1 
ATOM   393  C  CD1   . TYR A 1 53  ? 10.385  0.675   -5.378  1.00 31.36 ? 53  TYR A CD1   1 
ATOM   394  C  CD2   . TYR A 1 53  ? 9.015   -0.562  -3.861  1.00 26.76 ? 53  TYR A CD2   1 
ATOM   395  C  CE1   . TYR A 1 53  ? 11.220  1.019   -4.327  1.00 40.78 ? 53  TYR A CE1   1 
ATOM   396  C  CE2   . TYR A 1 53  ? 9.847   -0.219  -2.813  1.00 31.38 ? 53  TYR A CE2   1 
ATOM   397  C  CZ    . TYR A 1 53  ? 10.950  0.569   -3.048  1.00 38.77 ? 53  TYR A CZ    1 
ATOM   398  O  OH    . TYR A 1 53  ? 11.793  0.915   -2.009  1.00 38.85 ? 53  TYR A OH    1 
ATOM   399  N  N     . LEU A 1 54  ? 6.933   -3.406  -6.846  1.00 15.88 ? 54  LEU A N     1 
ATOM   400  C  CA    . LEU A 1 54  ? 5.575   -3.869  -7.140  1.00 17.05 ? 54  LEU A CA    1 
ATOM   401  C  C     . LEU A 1 54  ? 4.657   -3.026  -6.245  1.00 15.59 ? 54  LEU A C     1 
ATOM   402  O  O     . LEU A 1 54  ? 4.905   -3.007  -5.023  1.00 16.08 ? 54  LEU A O     1 
ATOM   403  C  CB    . LEU A 1 54  ? 5.388   -5.353  -6.891  1.00 16.79 ? 54  LEU A CB    1 
ATOM   404  C  CG    . LEU A 1 54  ? 4.075   -6.038  -7.297  1.00 12.85 ? 54  LEU A CG    1 
ATOM   405  C  CD1   . LEU A 1 54  ? 4.299   -7.538  -7.451  1.00 16.06 ? 54  LEU A CD1   1 
ATOM   406  C  CD2   . LEU A 1 54  ? 2.924   -5.811  -6.323  1.00 14.50 ? 54  LEU A CD2   1 
ATOM   407  N  N     . ASN A 1 55  ? 3.653   -2.383  -6.815  1.00 14.40 ? 55  ASN A N     1 
ATOM   408  C  CA    . ASN A 1 55  ? 2.674   -1.647  -6.035  1.00 13.60 ? 55  ASN A CA    1 
ATOM   409  C  C     . ASN A 1 55  ? 1.249   -2.155  -6.238  1.00 15.87 ? 55  ASN A C     1 
ATOM   410  O  O     . ASN A 1 55  ? 0.844   -2.506  -7.347  1.00 15.59 ? 55  ASN A O     1 
ATOM   411  C  CB    . ASN A 1 55  ? 2.644   -0.166  -6.416  1.00 24.74 ? 55  ASN A CB    1 
ATOM   412  C  CG    . ASN A 1 55  ? 3.967   0.401   -6.882  1.00 30.76 ? 55  ASN A CG    1 
ATOM   413  O  OD1   . ASN A 1 55  ? 4.742   0.821   -6.023  1.00 22.37 ? 55  ASN A OD1   1 
ATOM   414  N  ND2   . ASN A 1 55  ? 4.202   0.421   -8.195  1.00 23.75 ? 55  ASN A ND2   1 
ATOM   415  N  N     . ALA A 1 56  ? 0.462   -2.138  -5.148  1.00 12.79 ? 56  ALA A N     1 
ATOM   416  C  CA    . ALA A 1 56  ? -0.942  -2.496  -5.275  1.00 9.37  ? 56  ALA A CA    1 
ATOM   417  C  C     . ALA A 1 56  ? -1.759  -1.814  -4.175  1.00 12.47 ? 56  ALA A C     1 
ATOM   418  O  O     . ALA A 1 56  ? -1.194  -1.332  -3.183  1.00 16.75 ? 56  ALA A O     1 
ATOM   419  C  CB    . ALA A 1 56  ? -1.162  -3.997  -5.225  1.00 12.77 ? 56  ALA A CB    1 
ATOM   420  N  N     . ALA A 1 57  ? -3.068  -1.787  -4.346  1.00 12.71 ? 57  ALA A N     1 
ATOM   421  C  CA    . ALA A 1 57  ? -3.993  -1.185  -3.390  1.00 12.02 ? 57  ALA A CA    1 
ATOM   422  C  C     . ALA A 1 57  ? -5.022  -2.226  -2.951  1.00 11.75 ? 57  ALA A C     1 
ATOM   423  O  O     . ALA A 1 57  ? -5.497  -3.024  -3.754  1.00 13.55 ? 57  ALA A O     1 
ATOM   424  C  CB    . ALA A 1 57  ? -4.715  0.028   -3.935  1.00 11.57 ? 57  ALA A CB    1 
ATOM   425  N  N     . VAL A 1 58  ? -5.359  -2.210  -1.674  1.00 11.07 ? 58  VAL A N     1 
ATOM   426  C  CA    . VAL A 1 58  ? -6.352  -3.125  -1.119  1.00 12.06 ? 58  VAL A CA    1 
ATOM   427  C  C     . VAL A 1 58  ? -7.457  -2.361  -0.396  1.00 14.48 ? 58  VAL A C     1 
ATOM   428  O  O     . VAL A 1 58  ? -7.124  -1.466  0.399   1.00 13.38 ? 58  VAL A O     1 
ATOM   429  C  CB    . VAL A 1 58  ? -5.699  -4.065  -0.087  1.00 12.81 ? 58  VAL A CB    1 
ATOM   430  C  CG1   . VAL A 1 58  ? -6.714  -5.042  0.486   1.00 14.46 ? 58  VAL A CG1   1 
ATOM   431  C  CG2   . VAL A 1 58  ? -4.523  -4.761  -0.728  1.00 13.36 ? 58  VAL A CG2   1 
ATOM   432  N  N     . ALA A 1 59  ? -8.700  -2.732  -0.642  1.00 10.18 ? 59  ALA A N     1 
ATOM   433  C  CA    . ALA A 1 59  ? -9.849  -2.227  0.121   1.00 10.16 ? 59  ALA A CA    1 
ATOM   434  C  C     . ALA A 1 59  ? -10.133 -3.209  1.255   1.00 14.29 ? 59  ALA A C     1 
ATOM   435  O  O     . ALA A 1 59  ? -10.362 -4.394  0.985   1.00 13.14 ? 59  ALA A O     1 
ATOM   436  C  CB    . ALA A 1 59  ? -11.076 -2.024  -0.744  1.00 13.06 ? 59  ALA A CB    1 
ATOM   437  N  N     . LEU A 1 60  ? -10.091 -2.728  2.488   1.00 12.70 ? 60  LEU A N     1 
ATOM   438  C  CA    . LEU A 1 60  ? -10.296 -3.603  3.635   1.00 10.31 ? 60  LEU A CA    1 
ATOM   439  C  C     . LEU A 1 60  ? -11.478 -3.093  4.442   1.00 17.89 ? 60  LEU A C     1 
ATOM   440  O  O     . LEU A 1 60  ? -11.478 -1.943  4.890   1.00 15.05 ? 60  LEU A O     1 
ATOM   441  C  CB    . LEU A 1 60  ? -9.039  -3.642  4.514   1.00 12.80 ? 60  LEU A CB    1 
ATOM   442  C  CG    . LEU A 1 60  ? -9.047  -4.597  5.702   1.00 14.15 ? 60  LEU A CG    1 
ATOM   443  C  CD1   . LEU A 1 60  ? -8.612  -5.990  5.274   1.00 16.51 ? 60  LEU A CD1   1 
ATOM   444  C  CD2   . LEU A 1 60  ? -8.118  -4.102  6.814   1.00 13.57 ? 60  LEU A CD2   1 
ATOM   445  N  N     . GLU A 1 61  ? -12.492 -3.944  4.633   1.00 15.02 ? 61  GLU A N     1 
ATOM   446  C  CA    . GLU A 1 61  ? -13.546 -3.573  5.563   1.00 11.97 ? 61  GLU A CA    1 
ATOM   447  C  C     . GLU A 1 61  ? -13.085 -3.932  6.976   1.00 14.60 ? 61  GLU A C     1 
ATOM   448  O  O     . GLU A 1 61  ? -12.614 -5.059  7.193   1.00 16.91 ? 61  GLU A O     1 
ATOM   449  C  CB    . GLU A 1 61  ? -14.848 -4.289  5.239   1.00 13.81 ? 61  GLU A CB    1 
ATOM   450  C  CG    . GLU A 1 61  ? -15.958 -4.083  6.249   1.00 16.22 ? 61  GLU A CG    1 
ATOM   451  C  CD    . GLU A 1 61  ? -16.450 -2.664  6.351   1.00 17.37 ? 61  GLU A CD    1 
ATOM   452  O  OE1   . GLU A 1 61  ? -16.495 -1.972  5.317   1.00 19.86 ? 61  GLU A OE1   1 
ATOM   453  O  OE2   . GLU A 1 61  ? -16.835 -2.227  7.458   1.00 19.03 ? 61  GLU A OE2   1 
ATOM   454  N  N     . THR A 1 62  ? -13.243 -2.967  7.883   1.00 12.76 ? 62  THR A N     1 
ATOM   455  C  CA    . THR A 1 62  ? -12.759 -3.224  9.233   1.00 12.64 ? 62  THR A CA    1 
ATOM   456  C  C     . THR A 1 62  ? -13.534 -2.481  10.308  1.00 17.50 ? 62  THR A C     1 
ATOM   457  O  O     . THR A 1 62  ? -14.074 -1.385  10.126  1.00 15.32 ? 62  THR A O     1 
ATOM   458  C  CB    . THR A 1 62  ? -11.273 -2.816  9.334   1.00 14.33 ? 62  THR A CB    1 
ATOM   459  O  OG1   . THR A 1 62  ? -10.768 -3.219  10.618  1.00 19.61 ? 62  THR A OG1   1 
ATOM   460  C  CG2   . THR A 1 62  ? -11.156 -1.303  9.235   1.00 15.05 ? 62  THR A CG2   1 
ATOM   461  N  N     . SER A 1 63  ? -13.575 -3.117  11.494  1.00 17.97 ? 63  SER A N     1 
ATOM   462  C  CA    . SER A 1 63  ? -14.235 -2.455  12.615  1.00 21.22 ? 63  SER A CA    1 
ATOM   463  C  C     . SER A 1 63  ? -13.209 -2.161  13.706  1.00 18.52 ? 63  SER A C     1 
ATOM   464  O  O     . SER A 1 63  ? -13.565 -1.711  14.802  1.00 19.86 ? 63  SER A O     1 
ATOM   465  C  CB    . SER A 1 63  ? -15.417 -3.271  13.146  1.00 21.23 ? 63  SER A CB    1 
ATOM   466  O  OG    . SER A 1 63  ? -14.980 -4.461  13.776  1.00 25.84 ? 63  SER A OG    1 
ATOM   467  N  N     . LEU A 1 64  ? -11.935 -2.385  13.392  1.00 17.13 ? 64  LEU A N     1 
ATOM   468  C  CA    . LEU A 1 64  ? -10.836 -1.940  14.238  1.00 17.89 ? 64  LEU A CA    1 
ATOM   469  C  C     . LEU A 1 64  ? -10.700 -0.410  14.210  1.00 17.70 ? 64  LEU A C     1 
ATOM   470  O  O     . LEU A 1 64  ? -11.033 0.249   13.228  1.00 15.83 ? 64  LEU A O     1 
ATOM   471  C  CB    . LEU A 1 64  ? -9.496  -2.522  13.791  1.00 14.24 ? 64  LEU A CB    1 
ATOM   472  C  CG    . LEU A 1 64  ? -9.366  -4.039  13.719  1.00 16.04 ? 64  LEU A CG    1 
ATOM   473  C  CD1   . LEU A 1 64  ? -8.012  -4.403  13.116  1.00 16.51 ? 64  LEU A CD1   1 
ATOM   474  C  CD2   . LEU A 1 64  ? -9.555  -4.633  15.100  1.00 17.83 ? 64  LEU A CD2   1 
ATOM   475  N  N     . ALA A 1 65  ? -10.157 0.147   15.283  1.00 17.84 ? 65  ALA A N     1 
ATOM   476  C  CA    . ALA A 1 65  ? -9.738  1.552   15.265  1.00 19.00 ? 65  ALA A CA    1 
ATOM   477  C  C     . ALA A 1 65  ? -8.493  1.724   14.409  1.00 14.65 ? 65  ALA A C     1 
ATOM   478  O  O     . ALA A 1 65  ? -7.726  0.767   14.209  1.00 16.00 ? 65  ALA A O     1 
ATOM   479  C  CB    . ALA A 1 65  ? -9.491  2.029   16.690  1.00 22.07 ? 65  ALA A CB    1 
ATOM   480  N  N     . PRO A 1 66  ? -8.286  2.914   13.854  1.00 16.84 ? 66  PRO A N     1 
ATOM   481  C  CA    . PRO A 1 66  ? -7.162  3.123   12.930  1.00 15.71 ? 66  PRO A CA    1 
ATOM   482  C  C     . PRO A 1 66  ? -5.832  2.688   13.485  1.00 14.04 ? 66  PRO A C     1 
ATOM   483  O  O     . PRO A 1 66  ? -5.043  2.086   12.775  1.00 16.15 ? 66  PRO A O     1 
ATOM   484  C  CB    . PRO A 1 66  ? -7.157  4.644   12.707  1.00 17.02 ? 66  PRO A CB    1 
ATOM   485  C  CG    . PRO A 1 66  ? -8.597  5.024   12.885  1.00 23.22 ? 66  PRO A CG    1 
ATOM   486  C  CD    . PRO A 1 66  ? -9.101  4.128   13.993  1.00 17.79 ? 66  PRO A CD    1 
ATOM   487  N  N     . GLU A 1 67  ? -5.522  2.972   14.751  1.00 18.56 ? 67  GLU A N     1 
ATOM   488  C  CA    . GLU A 1 67  ? -4.204  2.661   15.304  1.00 19.26 ? 67  GLU A CA    1 
ATOM   489  C  C     . GLU A 1 67  ? -4.078  1.163   15.590  1.00 12.10 ? 67  GLU A C     1 
ATOM   490  O  O     . GLU A 1 67  ? -2.971  0.630   15.558  1.00 14.08 ? 67  GLU A O     1 
ATOM   491  C  CB    . GLU A 1 67  ? -3.933  3.495   16.553  1.00 23.51 ? 67  GLU A CB    1 
ATOM   492  C  CG    . GLU A 1 67  ? -5.124  3.660   17.479  1.00 38.55 ? 67  GLU A CG    1 
ATOM   493  C  CD    . GLU A 1 67  ? -6.115  4.730   17.065  1.00 39.45 ? 67  GLU A CD    1 
ATOM   494  O  OE1   . GLU A 1 67  ? -5.712  5.651   16.294  1.00 70.09 ? 67  GLU A OE1   1 
ATOM   495  O  OE2   . GLU A 1 67  ? -7.292  4.675   17.469  1.00 44.71 ? 67  GLU A OE2   1 
ATOM   496  N  N     . GLU A 1 68  ? -5.207  0.505   15.836  1.00 16.39 ? 68  GLU A N     1 
ATOM   497  C  CA    . GLU A 1 68  ? -5.296  -0.945  15.932  1.00 17.73 ? 68  GLU A CA    1 
ATOM   498  C  C     . GLU A 1 68  ? -4.972  -1.571  14.581  1.00 13.98 ? 68  GLU A C     1 
ATOM   499  O  O     . GLU A 1 68  ? -4.286  -2.590  14.515  1.00 15.19 ? 68  GLU A O     1 
ATOM   500  C  CB    . GLU A 1 68  ? -6.682  -1.446  16.353  1.00 17.92 ? 68  GLU A CB    1 
ATOM   501  C  CG    . GLU A 1 68  ? -7.013  -1.218  17.820  1.00 22.45 ? 68  GLU A CG    1 
ATOM   502  C  CD    . GLU A 1 68  ? -8.383  -1.764  18.183  1.00 28.22 ? 68  GLU A CD    1 
ATOM   503  O  OE1   . GLU A 1 68  ? -9.403  -1.452  17.525  1.00 23.38 ? 68  GLU A OE1   1 
ATOM   504  O  OE2   . GLU A 1 68  ? -8.462  -2.546  19.155  1.00 41.75 ? 68  GLU A OE2   1 
ATOM   505  N  N     . LEU A 1 69  ? -5.474  -0.938  13.510  1.00 13.34 ? 69  LEU A N     1 
ATOM   506  C  CA    . LEU A 1 69  ? -5.133  -1.477  12.188  1.00 12.36 ? 69  LEU A CA    1 
ATOM   507  C  C     . LEU A 1 69  ? -3.653  -1.337  11.899  1.00 11.65 ? 69  LEU A C     1 
ATOM   508  O  O     . LEU A 1 69  ? -2.989  -2.211  11.347  1.00 13.95 ? 69  LEU A O     1 
ATOM   509  C  CB    . LEU A 1 69  ? -5.985  -0.775  11.113  1.00 15.03 ? 69  LEU A CB    1 
ATOM   510  C  CG    . LEU A 1 69  ? -5.716  -1.151  9.660   1.00 15.38 ? 69  LEU A CG    1 
ATOM   511  C  CD1   . LEU A 1 69  ? -5.866  -2.655  9.437   1.00 16.01 ? 69  LEU A CD1   1 
ATOM   512  C  CD2   . LEU A 1 69  ? -6.627  -0.377  8.710   1.00 14.05 ? 69  LEU A CD2   1 
ATOM   513  N  N     . LEU A 1 70  ? -3.072  -0.192  12.292  1.00 12.98 ? 70  LEU A N     1 
ATOM   514  C  CA    . LEU A 1 70  ? -1.645  0.004   12.103  1.00 13.02 ? 70  LEU A CA    1 
ATOM   515  C  C     . LEU A 1 70  ? -0.768  -0.974  12.863  1.00 8.90  ? 70  LEU A C     1 
ATOM   516  O  O     . LEU A 1 70  ? 0.306   -1.436  12.442  1.00 12.49 ? 70  LEU A O     1 
ATOM   517  C  CB    . LEU A 1 70  ? -1.329  1.437   12.605  1.00 15.68 ? 70  LEU A CB    1 
ATOM   518  C  CG    . LEU A 1 70  ? 0.138   1.817   12.439  1.00 16.21 ? 70  LEU A CG    1 
ATOM   519  C  CD1   . LEU A 1 70  ? 0.507   1.962   10.960  1.00 20.30 ? 70  LEU A CD1   1 
ATOM   520  C  CD2   . LEU A 1 70  ? 0.433   3.109   13.191  1.00 21.63 ? 70  LEU A CD2   1 
ATOM   521  N  N     . ASN A 1 71  ? -1.218  -1.299  14.076  1.00 13.93 ? 71  ASN A N     1 
ATOM   522  C  CA    . ASN A 1 71  ? -0.499  -2.341  14.822  1.00 12.55 ? 71  ASN A CA    1 
ATOM   523  C  C     . ASN A 1 71  ? -0.411  -3.637  14.003  1.00 12.05 ? 71  ASN A C     1 
ATOM   524  O  O     . ASN A 1 71  ? 0.659   -4.242  13.957  1.00 15.36 ? 71  ASN A O     1 
ATOM   525  C  CB    . ASN A 1 71  ? -1.194  -2.631  16.142  1.00 16.93 ? 71  ASN A CB    1 
ATOM   526  C  CG    . ASN A 1 71  ? -1.090  -1.500  17.147  1.00 14.96 ? 71  ASN A CG    1 
ATOM   527  O  OD1   . ASN A 1 71  ? -0.242  -0.627  16.993  1.00 18.26 ? 71  ASN A OD1   1 
ATOM   528  N  ND2   . ASN A 1 71  ? -1.954  -1.556  18.160  1.00 16.01 ? 71  ASN A ND2   1 
ATOM   529  N  N     . HIS A 1 72  ? -1.521  -3.991  13.345  1.00 11.93 ? 72  HIS A N     1 
ATOM   530  C  CA    . HIS A 1 72  ? -1.548  -5.200  12.519  1.00 12.60 ? 72  HIS A CA    1 
ATOM   531  C  C     . HIS A 1 72  ? -0.697  -5.094  11.273  1.00 12.54 ? 72  HIS A C     1 
ATOM   532  O  O     . HIS A 1 72  ? 0.049   -5.998  10.882  1.00 13.67 ? 72  HIS A O     1 
ATOM   533  C  CB    . HIS A 1 72  ? -2.987  -5.507  12.074  1.00 14.99 ? 72  HIS A CB    1 
ATOM   534  C  CG    . HIS A 1 72  ? -3.750  -6.117  13.205  1.00 16.50 ? 72  HIS A CG    1 
ATOM   535  N  ND1   . HIS A 1 72  ? -3.451  -7.380  13.651  1.00 20.16 ? 72  HIS A ND1   1 
ATOM   536  C  CD2   . HIS A 1 72  ? -4.772  -5.651  13.941  1.00 16.56 ? 72  HIS A CD2   1 
ATOM   537  C  CE1   . HIS A 1 72  ? -4.264  -7.676  14.647  1.00 25.16 ? 72  HIS A CE1   1 
ATOM   538  N  NE2   . HIS A 1 72  ? -5.074  -6.642  14.839  1.00 30.74 ? 72  HIS A NE2   1 
ATOM   539  N  N     . THR A 1 73  ? -0.795  -3.936  10.604  1.00 14.68 ? 73  THR A N     1 
ATOM   540  C  CA    . THR A 1 73  ? 0.039   -3.834  9.397   1.00 16.25 ? 73  THR A CA    1 
ATOM   541  C  C     . THR A 1 73  ? 1.514   -3.823  9.762   1.00 11.24 ? 73  THR A C     1 
ATOM   542  O  O     . THR A 1 73  ? 2.331   -4.418  9.064   1.00 12.53 ? 73  THR A O     1 
ATOM   543  C  CB    . THR A 1 73  ? -0.306  -2.600  8.557   1.00 16.27 ? 73  THR A CB    1 
ATOM   544  O  OG1   . THR A 1 73  ? -0.200  -1.394  9.340   1.00 16.72 ? 73  THR A OG1   1 
ATOM   545  C  CG2   . THR A 1 73  ? -1.749  -2.708  8.089   1.00 18.77 ? 73  THR A CG2   1 
ATOM   546  N  N     . GLN A 1 74  ? 1.898   -3.135  10.855  1.00 12.45 ? 74  GLN A N     1 
ATOM   547  C  CA    . GLN A 1 74  ? 3.295   -3.184  11.266  1.00 13.52 ? 74  GLN A CA    1 
ATOM   548  C  C     . GLN A 1 74  ? 3.696   -4.597  11.702  1.00 12.66 ? 74  GLN A C     1 
ATOM   549  O  O     . GLN A 1 74  ? 4.830   -5.013  11.415  1.00 12.92 ? 74  GLN A O     1 
ATOM   550  C  CB    . GLN A 1 74  ? 3.592   -2.178  12.391  1.00 12.82 ? 74  GLN A CB    1 
ATOM   551  C  CG    . GLN A 1 74  ? 3.377   -0.747  11.916  1.00 15.13 ? 74  GLN A CG    1 
ATOM   552  C  CD    . GLN A 1 74  ? 3.679   0.285   12.989  1.00 17.95 ? 74  GLN A CD    1 
ATOM   553  O  OE1   . GLN A 1 74  ? 3.616   0.026   14.182  1.00 16.37 ? 74  GLN A OE1   1 
ATOM   554  N  NE2   . GLN A 1 74  ? 4.009   1.482   12.523  1.00 17.43 ? 74  GLN A NE2   1 
ATOM   555  N  N     . ARG A 1 75  ? 2.800   -5.340  12.335  1.00 10.83 ? 75  ARG A N     1 
ATOM   556  C  CA    . ARG A 1 75  ? 3.042   -6.731  12.667  1.00 16.08 ? 75  ARG A CA    1 
ATOM   557  C  C     . ARG A 1 75  ? 3.303   -7.571  11.422  1.00 12.40 ? 75  ARG A C     1 
ATOM   558  O  O     . ARG A 1 75  ? 4.265   -8.340  11.323  1.00 15.89 ? 75  ARG A O     1 
ATOM   559  C  CB    . ARG A 1 75  ? 1.843   -7.303  13.443  1.00 13.13 ? 75  ARG A CB    1 
ATOM   560  C  CG    . ARG A 1 75  ? 2.075   -8.795  13.680  1.00 18.77 ? 75  ARG A CG    1 
ATOM   561  C  CD    . ARG A 1 75  ? 0.881   -9.453  14.325  1.00 16.38 ? 75  ARG A CD    1 
ATOM   562  N  NE    . ARG A 1 75  ? -0.400  -9.178  13.687  1.00 13.85 ? 75  ARG A NE    1 
ATOM   563  C  CZ    . ARG A 1 75  ? -0.883  -9.742  12.591  1.00 13.04 ? 75  ARG A CZ    1 
ATOM   564  N  NH1   . ARG A 1 75  ? -0.156  -10.656 11.965  1.00 15.29 ? 75  ARG A NH1   1 
ATOM   565  N  NH2   . ARG A 1 75  ? -2.079  -9.384  12.140  1.00 16.54 ? 75  ARG A NH2   1 
ATOM   566  N  N     . ILE A 1 76  ? 2.462   -7.394  10.411  1.00 14.87 ? 76  ILE A N     1 
ATOM   567  C  CA    . ILE A 1 76  ? 2.713   -8.101  9.141   1.00 12.65 ? 76  ILE A CA    1 
ATOM   568  C  C     . ILE A 1 76  ? 4.044   -7.712  8.530   1.00 11.20 ? 76  ILE A C     1 
ATOM   569  O  O     . ILE A 1 76  ? 4.836   -8.527  8.036   1.00 12.58 ? 76  ILE A O     1 
ATOM   570  C  CB    . ILE A 1 76  ? 1.518   -7.880  8.206   1.00 13.84 ? 76  ILE A CB    1 
ATOM   571  C  CG1   . ILE A 1 76  ? 0.236   -8.428  8.852   1.00 13.03 ? 76  ILE A CG1   1 
ATOM   572  C  CG2   . ILE A 1 76  ? 1.750   -8.473  6.826   1.00 11.84 ? 76  ILE A CG2   1 
ATOM   573  C  CD1   . ILE A 1 76  ? -1.076  -8.039  8.223   1.00 15.21 ? 76  ILE A CD1   1 
ATOM   574  N  N     . GLU A 1 77  ? 4.423   -6.424  8.547   1.00 11.12 ? 77  GLU A N     1 
ATOM   575  C  CA    . GLU A 1 77  ? 5.764   -6.051  8.088   1.00 13.77 ? 77  GLU A CA    1 
ATOM   576  C  C     . GLU A 1 77  ? 6.906   -6.769  8.801   1.00 8.63  ? 77  GLU A C     1 
ATOM   577  O  O     . GLU A 1 77  ? 7.937   -7.169  8.217   1.00 12.48 ? 77  GLU A O     1 
ATOM   578  C  CB    . GLU A 1 77  ? 5.938   -4.518  8.280   1.00 12.42 ? 77  GLU A CB    1 
ATOM   579  C  CG    . GLU A 1 77  ? 5.218   -3.729  7.181   1.00 12.49 ? 77  GLU A CG    1 
ATOM   580  C  CD    . GLU A 1 77  ? 5.367   -2.234  7.386   1.00 18.00 ? 77  GLU A CD    1 
ATOM   581  O  OE1   . GLU A 1 77  ? 5.838   -1.822  8.467   1.00 17.32 ? 77  GLU A OE1   1 
ATOM   582  O  OE2   . GLU A 1 77  ? 5.014   -1.482  6.469   1.00 14.50 ? 77  GLU A OE2   1 
ATOM   583  N  N     . LEU A 1 78  ? 6.737   -6.966  10.116  1.00 14.47 ? 78  LEU A N     1 
ATOM   584  C  CA    . LEU A 1 78  ? 7.736   -7.665  10.908  1.00 13.85 ? 78  LEU A CA    1 
ATOM   585  C  C     . LEU A 1 78  ? 7.688   -9.172  10.644  1.00 16.08 ? 78  LEU A C     1 
ATOM   586  O  O     . LEU A 1 78  ? 8.754   -9.788  10.650  1.00 21.27 ? 78  LEU A O     1 
ATOM   587  C  CB    . LEU A 1 78  ? 7.566   -7.452  12.416  1.00 16.27 ? 78  LEU A CB    1 
ATOM   588  C  CG    . LEU A 1 78  ? 7.869   -6.042  12.939  1.00 20.16 ? 78  LEU A CG    1 
ATOM   589  C  CD1   . LEU A 1 78  ? 7.415   -5.896  14.391  1.00 22.27 ? 78  LEU A CD1   1 
ATOM   590  C  CD2   . LEU A 1 78  ? 9.353   -5.710  12.833  1.00 18.59 ? 78  LEU A CD2   1 
ATOM   591  N  N     . GLN A 1 79  ? 6.507   -9.725  10.413  1.00 16.43 ? 79  GLN A N     1 
ATOM   592  C  CA    . GLN A 1 79  ? 6.481   -11.182 10.195  1.00 19.03 ? 79  GLN A CA    1 
ATOM   593  C  C     . GLN A 1 79  ? 6.763   -11.627 8.760   1.00 23.86 ? 79  GLN A C     1 
ATOM   594  O  O     . GLN A 1 79  ? 7.358   -12.703 8.569   1.00 25.46 ? 79  GLN A O     1 
ATOM   595  C  CB    . GLN A 1 79  ? 5.111   -11.703 10.652  1.00 15.02 ? 79  GLN A CB    1 
ATOM   596  C  CG    . GLN A 1 79  ? 4.906   -11.556 12.163  1.00 14.46 ? 79  GLN A CG    1 
ATOM   597  C  CD    . GLN A 1 79  ? 3.514   -11.879 12.644  1.00 15.06 ? 79  GLN A CD    1 
ATOM   598  O  OE1   . GLN A 1 79  ? 2.503   -11.813 11.947  1.00 18.05 ? 79  GLN A OE1   1 
ATOM   599  N  NE2   . GLN A 1 79  ? 3.378   -12.261 13.911  1.00 14.56 ? 79  GLN A NE2   1 
ATOM   600  N  N     . GLN A 1 80  ? 6.349   -10.880 7.743   1.00 18.06 ? 80  GLN A N     1 
ATOM   601  C  CA    . GLN A 1 80  ? 6.432   -11.257 6.343   1.00 21.82 ? 80  GLN A CA    1 
ATOM   602  C  C     . GLN A 1 80  ? 7.360   -10.363 5.524   1.00 23.15 ? 80  GLN A C     1 
ATOM   603  O  O     . GLN A 1 80  ? 7.590   -10.624 4.343   1.00 16.64 ? 80  GLN A O     1 
ATOM   604  C  CB    . GLN A 1 80  ? 5.065   -11.168 5.641   1.00 23.64 ? 80  GLN A CB    1 
ATOM   605  C  CG    . GLN A 1 80  ? 3.879   -11.629 6.475   1.00 31.22 ? 80  GLN A CG    1 
ATOM   606  C  CD    . GLN A 1 80  ? 3.904   -13.143 6.620   1.00 32.37 ? 80  GLN A CD    1 
ATOM   607  O  OE1   . GLN A 1 80  ? 4.644   -13.809 5.887   1.00 40.32 ? 80  GLN A OE1   1 
ATOM   608  N  NE2   . GLN A 1 80  ? 3.116   -13.645 7.552   1.00 27.42 ? 80  GLN A NE2   1 
ATOM   609  N  N     . GLY A 1 81  ? 7.846   -9.285  6.133   1.00 18.34 ? 81  GLY A N     1 
ATOM   610  C  CA    . GLY A 1 81  ? 8.531   -8.262  5.363   1.00 14.05 ? 81  GLY A CA    1 
ATOM   611  C  C     . GLY A 1 81  ? 9.978   -8.553  5.056   1.00 15.71 ? 81  GLY A C     1 
ATOM   612  O  O     . GLY A 1 81  ? 10.552  -7.890  4.183   1.00 17.21 ? 81  GLY A O     1 
ATOM   613  N  N     . ARG A 1 82  ? 10.595  -9.518  5.737   1.00 19.15 ? 82  ARG A N     1 
ATOM   614  C  CA    . ARG A 1 82  ? 11.976  -9.865  5.450   1.00 17.33 ? 82  ARG A CA    1 
ATOM   615  C  C     . ARG A 1 82  ? 12.076  -11.270 4.852   1.00 20.65 ? 82  ARG A C     1 
ATOM   616  O  O     . ARG A 1 82  ? 11.383  -12.175 5.329   1.00 20.29 ? 82  ARG A O     1 
ATOM   617  C  CB    . ARG A 1 82  ? 12.844  -9.770  6.712   1.00 31.72 ? 82  ARG A CB    1 
ATOM   618  C  CG    . ARG A 1 82  ? 12.991  -8.353  7.242   1.00 35.95 ? 82  ARG A CG    1 
ATOM   619  C  CD    . ARG A 1 82  ? 13.977  -8.214  8.388   1.00 45.48 ? 82  ARG A CD    1 
ATOM   620  N  NE    . ARG A 1 82  ? 13.431  -7.470  9.516   1.00 49.47 ? 82  ARG A NE    1 
ATOM   621  C  CZ    . ARG A 1 82  ? 13.989  -6.580  10.311  1.00 44.07 ? 82  ARG A CZ    1 
ATOM   622  N  NH1   . ARG A 1 82  ? 15.256  -6.219  10.152  1.00 43.30 ? 82  ARG A NH1   1 
ATOM   623  N  NH2   . ARG A 1 82  ? 13.277  -6.023  11.293  1.00 35.00 ? 82  ARG A NH2   1 
ATOM   624  N  N     . VAL A 1 83  ? 12.912  -11.418 3.827   1.00 19.04 ? 83  VAL A N     1 
ATOM   625  C  CA    . VAL A 1 83  ? 13.036  -12.723 3.155   1.00 20.93 ? 83  VAL A CA    1 
ATOM   626  C  C     . VAL A 1 83  ? 14.371  -13.340 3.503   1.00 23.69 ? 83  VAL A C     1 
ATOM   627  O  O     . VAL A 1 83  ? 15.399  -12.647 3.561   1.00 22.59 ? 83  VAL A O     1 
ATOM   628  C  CB    . VAL A 1 83  ? 12.816  -12.567 1.636   1.00 19.18 ? 83  VAL A CB    1 
ATOM   629  C  CG1   . VAL A 1 83  ? 13.090  -13.850 0.874   1.00 22.14 ? 83  VAL A CG1   1 
ATOM   630  C  CG2   . VAL A 1 83  ? 11.379  -12.128 1.379   1.00 24.22 ? 83  VAL A CG2   1 
ATOM   631  N  N     . ARG A 1 84  ? 14.408  -14.662 3.780   1.00 19.35 ? 84  ARG A N     1 
ATOM   632  C  CA    . ARG A 1 84  ? 15.739  -15.161 4.139   1.00 27.34 ? 84  ARG A CA    1 
ATOM   633  C  C     . ARG A 1 84  ? 16.578  -15.213 2.856   1.00 28.06 ? 84  ARG A C     1 
ATOM   634  O  O     . ARG A 1 84  ? 16.138  -15.637 1.797   1.00 24.57 ? 84  ARG A O     1 
ATOM   635  C  CB    . ARG A 1 84  ? 15.793  -16.507 4.874   1.00 24.75 ? 84  ARG A CB    1 
ATOM   636  C  CG    . ARG A 1 84  ? 17.243  -16.829 5.220   1.00 21.90 ? 84  ARG A CG    1 
ATOM   637  C  CD    . ARG A 1 84  ? 17.515  -17.493 6.549   1.00 23.28 ? 84  ARG A CD    1 
ATOM   638  N  NE    . ARG A 1 84  ? 18.781  -18.235 6.467   1.00 24.34 ? 84  ARG A NE    1 
ATOM   639  C  CZ    . ARG A 1 84  ? 19.166  -19.229 7.252   1.00 32.91 ? 84  ARG A CZ    1 
ATOM   640  N  NH1   . ARG A 1 84  ? 18.394  -19.665 8.247   1.00 21.10 ? 84  ARG A NH1   1 
ATOM   641  N  NH2   . ARG A 1 84  ? 20.348  -19.800 7.032   1.00 32.74 ? 84  ARG A NH2   1 
ATOM   642  N  N     A LYS A 1 85  ? 17.811  -14.726 2.970   0.50 30.22 ? 85  LYS A N     1 
ATOM   643  N  N     B LYS A 1 85  ? 17.815  -14.758 3.008   0.50 30.13 ? 85  LYS A N     1 
ATOM   644  C  CA    A LYS A 1 85  ? 18.697  -14.644 1.814   0.50 31.94 ? 85  LYS A CA    1 
ATOM   645  C  CA    B LYS A 1 85  ? 18.796  -14.739 1.937   0.50 31.86 ? 85  LYS A CA    1 
ATOM   646  C  C     A LYS A 1 85  ? 19.982  -15.418 2.097   0.50 29.28 ? 85  LYS A C     1 
ATOM   647  C  C     B LYS A 1 85  ? 19.174  -16.168 1.541   0.50 31.65 ? 85  LYS A C     1 
ATOM   648  O  O     A LYS A 1 85  ? 20.902  -14.879 2.702   0.50 15.50 ? 85  LYS A O     1 
ATOM   649  O  O     B LYS A 1 85  ? 18.381  -16.899 0.954   0.50 39.74 ? 85  LYS A O     1 
ATOM   650  C  CB    A LYS A 1 85  ? 19.013  -13.192 1.454   0.50 32.03 ? 85  LYS A CB    1 
ATOM   651  C  CB    B LYS A 1 85  ? 20.045  -13.971 2.382   0.50 30.57 ? 85  LYS A CB    1 
ATOM   652  C  CG    A LYS A 1 85  ? 20.061  -13.050 0.360   0.50 36.87 ? 85  LYS A CG    1 
ATOM   653  C  CG    B LYS A 1 85  ? 20.412  -12.786 1.506   0.50 37.56 ? 85  LYS A CG    1 
ATOM   654  C  CD    A LYS A 1 85  ? 20.375  -11.586 0.072   0.50 35.93 ? 85  LYS A CD    1 
ATOM   655  C  CD    B LYS A 1 85  ? 19.378  -11.676 1.604   0.50 34.99 ? 85  LYS A CD    1 
ATOM   656  C  CE    A LYS A 1 85  ? 19.374  -10.977 -0.898  0.50 35.58 ? 85  LYS A CE    1 
ATOM   657  C  CE    B LYS A 1 85  ? 19.303  -10.883 0.302   0.50 36.11 ? 85  LYS A CE    1 
ATOM   658  N  NZ    A LYS A 1 85  ? 20.030  -10.094 -1.906  0.50 55.29 ? 85  LYS A NZ    1 
ATOM   659  N  NZ    B LYS A 1 85  ? 19.277  -9.400  0.539   0.50 42.89 ? 85  LYS A NZ    1 
ATOM   660  N  N     A ALA A 1 86  ? 19.987  -16.676 1.652   0.50 25.64 ? 86  ALA A N     1 
ATOM   661  N  N     B ALA A 1 86  ? 20.399  -16.472 1.902   0.50 28.17 ? 86  ALA A N     1 
ATOM   662  C  CA    A ALA A 1 86  ? 21.112  -17.551 1.946   0.50 25.88 ? 86  ALA A CA    1 
ATOM   663  C  CA    B ALA A 1 86  ? 21.089  -17.735 1.983   0.50 25.18 ? 86  ALA A CA    1 
ATOM   664  C  C     A ALA A 1 86  ? 21.273  -17.667 3.466   0.50 25.11 ? 86  ALA A C     1 
ATOM   665  C  C     B ALA A 1 86  ? 21.468  -17.962 3.448   0.50 25.68 ? 86  ALA A C     1 
ATOM   666  O  O     A ALA A 1 86  ? 20.409  -18.223 4.142   0.50 27.62 ? 86  ALA A O     1 
ATOM   667  O  O     B ALA A 1 86  ? 20.936  -18.860 4.098   0.50 32.50 ? 86  ALA A O     1 
ATOM   668  C  CB    A ALA A 1 86  ? 22.397  -17.048 1.307   0.50 21.53 ? 86  ALA A CB    1 
ATOM   669  C  CB    B ALA A 1 86  ? 22.334  -17.779 1.115   0.50 24.24 ? 86  ALA A CB    1 
ATOM   670  N  N     . GLU A 1 87  ? 22.373  -17.132 3.968   1.00 23.55 ? 87  GLU A N     1 
ATOM   671  C  CA    . GLU A 1 87  ? 22.755  -17.341 5.367   1.00 27.00 ? 87  GLU A CA    1 
ATOM   672  C  C     . GLU A 1 87  ? 22.235  -16.261 6.291   1.00 23.76 ? 87  GLU A C     1 
ATOM   673  O  O     . GLU A 1 87  ? 22.543  -16.223 7.480   1.00 24.56 ? 87  GLU A O     1 
ATOM   674  C  CB    . GLU A 1 87  ? 24.278  -17.441 5.454   1.00 38.39 ? 87  GLU A CB    1 
ATOM   675  C  CG    . GLU A 1 87  ? 24.771  -18.874 5.252   1.00 46.04 ? 87  GLU A CG    1 
ATOM   676  C  CD    . GLU A 1 87  ? 24.815  -19.222 3.780   1.00 51.30 ? 87  GLU A CD    1 
ATOM   677  O  OE1   . GLU A 1 87  ? 25.495  -18.480 3.032   1.00 36.67 ? 87  GLU A OE1   1 
ATOM   678  O  OE2   . GLU A 1 87  ? 24.157  -20.222 3.420   1.00 54.53 ? 87  GLU A OE2   1 
ATOM   679  N  N     . ARG A 1 88  ? 21.428  -15.346 5.756   1.00 23.91 ? 88  ARG A N     1 
ATOM   680  C  CA    . ARG A 1 88  ? 20.904  -14.333 6.669   1.00 30.12 ? 88  ARG A CA    1 
ATOM   681  C  C     . ARG A 1 88  ? 19.551  -13.821 6.194   1.00 23.89 ? 88  ARG A C     1 
ATOM   682  O  O     . ARG A 1 88  ? 19.175  -14.027 5.040   1.00 26.71 ? 88  ARG A O     1 
ATOM   683  C  CB    . ARG A 1 88  ? 21.873  -13.156 6.789   1.00 38.40 ? 88  ARG A CB    1 
ATOM   684  C  CG    . ARG A 1 88  ? 21.926  -12.331 5.499   1.00 41.35 ? 88  ARG A CG    1 
ATOM   685  C  CD    . ARG A 1 88  ? 23.097  -11.370 5.539   1.00 49.17 ? 88  ARG A CD    1 
ATOM   686  N  NE    . ARG A 1 88  ? 23.965  -11.513 4.372   1.00 59.09 ? 88  ARG A NE    1 
ATOM   687  C  CZ    . ARG A 1 88  ? 25.297  -11.626 4.465   1.00 64.36 ? 88  ARG A CZ    1 
ATOM   688  N  NH1   . ARG A 1 88  ? 25.879  -11.608 5.665   1.00 57.28 ? 88  ARG A NH1   1 
ATOM   689  N  NH2   . ARG A 1 88  ? 26.030  -11.756 3.362   1.00 53.10 ? 88  ARG A NH2   1 
ATOM   690  N  N     . TRP A 1 89  ? 18.854  -13.147 7.108   1.00 19.38 ? 89  TRP A N     1 
ATOM   691  C  CA    . TRP A 1 89  ? 17.574  -12.548 6.750   1.00 21.32 ? 89  TRP A CA    1 
ATOM   692  C  C     . TRP A 1 89  ? 17.828  -11.188 6.124   1.00 23.82 ? 89  TRP A C     1 
ATOM   693  O  O     . TRP A 1 89  ? 18.612  -10.407 6.665   1.00 25.55 ? 89  TRP A O     1 
ATOM   694  C  CB    . TRP A 1 89  ? 16.659  -12.416 7.969   1.00 23.44 ? 89  TRP A CB    1 
ATOM   695  C  CG    . TRP A 1 89  ? 16.080  -13.735 8.371   1.00 20.32 ? 89  TRP A CG    1 
ATOM   696  C  CD1   . TRP A 1 89  ? 16.641  -14.620 9.249   1.00 22.18 ? 89  TRP A CD1   1 
ATOM   697  C  CD2   . TRP A 1 89  ? 14.852  -14.328 7.933   1.00 22.54 ? 89  TRP A CD2   1 
ATOM   698  N  NE1   . TRP A 1 89  ? 15.827  -15.725 9.378   1.00 20.68 ? 89  TRP A NE1   1 
ATOM   699  C  CE2   . TRP A 1 89  ? 14.727  -15.582 8.589   1.00 16.02 ? 89  TRP A CE2   1 
ATOM   700  C  CE3   . TRP A 1 89  ? 13.840  -13.940 7.055   1.00 19.08 ? 89  TRP A CE3   1 
ATOM   701  C  CZ2   . TRP A 1 89  ? 13.641  -16.430 8.392   1.00 18.31 ? 89  TRP A CZ2   1 
ATOM   702  C  CZ3   . TRP A 1 89  ? 12.764  -14.786 6.857   1.00 22.14 ? 89  TRP A CZ3   1 
ATOM   703  C  CH2   . TRP A 1 89  ? 12.672  -16.018 7.517   1.00 24.27 ? 89  TRP A CH2   1 
ATOM   704  N  N     . GLY A 1 90  ? 17.182  -10.936 4.992   1.00 28.17 ? 90  GLY A N     1 
ATOM   705  C  CA    . GLY A 1 90  ? 17.305  -9.659  4.309   1.00 27.69 ? 90  GLY A CA    1 
ATOM   706  C  C     . GLY A 1 90  ? 16.609  -8.565  5.117   1.00 26.75 ? 90  GLY A C     1 
ATOM   707  O  O     . GLY A 1 90  ? 15.928  -8.813  6.110   1.00 28.51 ? 90  GLY A O     1 
ATOM   708  N  N     . PRO A 1 91  ? 16.812  -7.350  4.628   1.00 30.10 ? 91  PRO A N     1 
ATOM   709  C  CA    . PRO A 1 91  ? 16.201  -6.169  5.251   1.00 33.69 ? 91  PRO A CA    1 
ATOM   710  C  C     . PRO A 1 91  ? 14.717  -6.156  4.905   1.00 25.98 ? 91  PRO A C     1 
ATOM   711  O  O     . PRO A 1 91  ? 14.339  -6.892  3.980   1.00 24.39 ? 91  PRO A O     1 
ATOM   712  C  CB    . PRO A 1 91  ? 16.987  -5.052  4.563   1.00 32.49 ? 91  PRO A CB    1 
ATOM   713  C  CG    . PRO A 1 91  ? 17.224  -5.592  3.186   1.00 32.16 ? 91  PRO A CG    1 
ATOM   714  C  CD    . PRO A 1 91  ? 17.596  -7.029  3.422   1.00 26.65 ? 91  PRO A CD    1 
ATOM   715  N  N     . ARG A 1 92  ? 13.872  -5.374  5.579   1.00 24.27 ? 92  ARG A N     1 
ATOM   716  C  CA    . ARG A 1 92  ? 12.471  -5.282  5.177   1.00 20.50 ? 92  ARG A CA    1 
ATOM   717  C  C     . ARG A 1 92  ? 12.320  -4.787  3.732   1.00 22.93 ? 92  ARG A C     1 
ATOM   718  O  O     . ARG A 1 92  ? 12.840  -3.736  3.372   1.00 22.59 ? 92  ARG A O     1 
ATOM   719  C  CB    . ARG A 1 92  ? 11.643  -4.319  6.036   1.00 27.94 ? 92  ARG A CB    1 
ATOM   720  C  CG    . ARG A 1 92  ? 10.142  -4.568  5.933   1.00 26.22 ? 92  ARG A CG    1 
ATOM   721  C  CD    . ARG A 1 92  ? 9.355   -3.633  6.848   1.00 33.27 ? 92  ARG A CD    1 
ATOM   722  N  NE    . ARG A 1 92  ? 9.104   -2.380  6.148   1.00 39.38 ? 92  ARG A NE    1 
ATOM   723  C  CZ    . ARG A 1 92  ? 9.056   -1.175  6.678   1.00 36.24 ? 92  ARG A CZ    1 
ATOM   724  N  NH1   . ARG A 1 92  ? 9.241   -1.006  7.977   1.00 29.28 ? 92  ARG A NH1   1 
ATOM   725  N  NH2   . ARG A 1 92  ? 8.821   -0.140  5.890   1.00 36.68 ? 92  ARG A NH2   1 
ATOM   726  N  N     . THR A 1 93  ? 11.587  -5.552  2.936   1.00 17.26 ? 93  THR A N     1 
ATOM   727  C  CA    . THR A 1 93  ? 11.287  -5.241  1.555   1.00 16.50 ? 93  THR A CA    1 
ATOM   728  C  C     . THR A 1 93  ? 9.799   -5.001  1.351   1.00 16.06 ? 93  THR A C     1 
ATOM   729  O  O     . THR A 1 93  ? 9.387   -4.612  0.251   1.00 19.70 ? 93  THR A O     1 
ATOM   730  C  CB    . THR A 1 93  ? 11.725  -6.381  0.613   1.00 23.32 ? 93  THR A CB    1 
ATOM   731  O  OG1   . THR A 1 93  ? 11.246  -7.633  1.121   1.00 22.01 ? 93  THR A OG1   1 
ATOM   732  C  CG2   . THR A 1 93  ? 13.248  -6.462  0.563   1.00 24.88 ? 93  THR A CG2   1 
ATOM   733  N  N     . LEU A 1 94  ? 8.994   -5.234  2.373   1.00 14.10 ? 94  LEU A N     1 
ATOM   734  C  CA    . LEU A 1 94  ? 7.562   -4.993  2.313   1.00 13.03 ? 94  LEU A CA    1 
ATOM   735  C  C     . LEU A 1 94  ? 7.160   -3.724  3.077   1.00 17.62 ? 94  LEU A C     1 
ATOM   736  O  O     . LEU A 1 94  ? 7.573   -3.539  4.225   1.00 13.76 ? 94  LEU A O     1 
ATOM   737  C  CB    . LEU A 1 94  ? 6.832   -6.208  2.886   1.00 13.80 ? 94  LEU A CB    1 
ATOM   738  C  CG    . LEU A 1 94  ? 5.304   -6.105  2.973   1.00 17.64 ? 94  LEU A CG    1 
ATOM   739  C  CD1   . LEU A 1 94  ? 4.674   -6.204  1.595   1.00 12.88 ? 94  LEU A CD1   1 
ATOM   740  C  CD2   . LEU A 1 94  ? 4.760   -7.185  3.905   1.00 14.22 ? 94  LEU A CD2   1 
ATOM   741  N  N     . ASP A 1 95  ? 6.352   -2.899  2.425   1.00 15.73 ? 95  ASP A N     1 
ATOM   742  C  CA    . ASP A 1 95  ? 5.778   -1.688  2.979   1.00 14.38 ? 95  ASP A CA    1 
ATOM   743  C  C     . ASP A 1 95  ? 4.261   -1.667  2.911   1.00 13.17 ? 95  ASP A C     1 
ATOM   744  O  O     . ASP A 1 95  ? 3.692   -1.752  1.826   1.00 14.27 ? 95  ASP A O     1 
ATOM   745  C  CB    . ASP A 1 95  ? 6.264   -0.440  2.219   1.00 19.81 ? 95  ASP A CB    1 
ATOM   746  C  CG    . ASP A 1 95  ? 7.776   -0.432  2.202   1.00 27.34 ? 95  ASP A CG    1 
ATOM   747  O  OD1   . ASP A 1 95  ? 8.328   -0.642  3.302   1.00 35.60 ? 95  ASP A OD1   1 
ATOM   748  O  OD2   . ASP A 1 95  ? 8.346   -0.246  1.111   1.00 39.49 ? 95  ASP A OD2   1 
ATOM   749  N  N     . LEU A 1 96  ? 3.611   -1.566  4.052   1.00 10.48 ? 96  LEU A N     1 
ATOM   750  C  CA    . LEU A 1 96  ? 2.164   -1.472  4.151   1.00 13.36 ? 96  LEU A CA    1 
ATOM   751  C  C     . LEU A 1 96  ? 1.800   -0.091  4.676   1.00 17.88 ? 96  LEU A C     1 
ATOM   752  O  O     . LEU A 1 96  ? 2.238   0.242   5.767   1.00 17.09 ? 96  LEU A O     1 
ATOM   753  C  CB    . LEU A 1 96  ? 1.612   -2.564  5.068   1.00 13.85 ? 96  LEU A CB    1 
ATOM   754  C  CG    . LEU A 1 96  ? 1.926   -3.995  4.618   1.00 16.30 ? 96  LEU A CG    1 
ATOM   755  C  CD1   . LEU A 1 96  ? 1.515   -5.007  5.687   1.00 15.29 ? 96  LEU A CD1   1 
ATOM   756  C  CD2   . LEU A 1 96  ? 1.225   -4.301  3.301   1.00 16.26 ? 96  LEU A CD2   1 
ATOM   757  N  N     . ASP A 1 97  ? 1.040   0.670   3.908   1.00 16.77 ? 97  ASP A N     1 
ATOM   758  C  CA    . ASP A 1 97  ? 0.658   2.016   4.328   1.00 15.12 ? 97  ASP A CA    1 
ATOM   759  C  C     . ASP A 1 97  ? -0.851  2.176   4.371   1.00 16.45 ? 97  ASP A C     1 
ATOM   760  O  O     . ASP A 1 97  ? -1.544  1.735   3.444   1.00 15.50 ? 97  ASP A O     1 
ATOM   761  C  CB    . ASP A 1 97  ? 1.216   3.076   3.375   1.00 14.68 ? 97  ASP A CB    1 
ATOM   762  C  CG    . ASP A 1 97  ? 2.698   3.283   3.636   1.00 23.36 ? 97  ASP A CG    1 
ATOM   763  O  OD1   . ASP A 1 97  ? 3.013   3.969   4.620   1.00 27.82 ? 97  ASP A OD1   1 
ATOM   764  O  OD2   . ASP A 1 97  ? 3.501   2.758   2.849   1.00 26.39 ? 97  ASP A OD2   1 
ATOM   765  N  N     . ILE A 1 98  ? -1.363  2.812   5.414   1.00 13.74 ? 98  ILE A N     1 
ATOM   766  C  CA    . ILE A 1 98  ? -2.803  3.081   5.419   1.00 12.31 ? 98  ILE A CA    1 
ATOM   767  C  C     . ILE A 1 98  ? -3.013  4.356   4.602   1.00 14.91 ? 98  ILE A C     1 
ATOM   768  O  O     . ILE A 1 98  ? -2.530  5.422   4.995   1.00 13.74 ? 98  ILE A O     1 
ATOM   769  C  CB    . ILE A 1 98  ? -3.342  3.189   6.844   1.00 12.87 ? 98  ILE A CB    1 
ATOM   770  C  CG1   . ILE A 1 98  ? -3.151  1.887   7.643   1.00 13.20 ? 98  ILE A CG1   1 
ATOM   771  C  CG2   . ILE A 1 98  ? -4.796  3.646   6.861   1.00 12.49 ? 98  ILE A CG2   1 
ATOM   772  C  CD1   . ILE A 1 98  ? -3.412  2.005   9.131   1.00 12.40 ? 98  ILE A CD1   1 
ATOM   773  N  N     . MET A 1 99  ? -3.695  4.275   3.452   1.00 11.34 ? 99  MET A N     1 
ATOM   774  C  CA    . MET A 1 99  ? -3.830  5.505   2.671   1.00 10.39 ? 99  MET A CA    1 
ATOM   775  C  C     . MET A 1 99  ? -5.015  6.334   3.129   1.00 12.65 ? 99  MET A C     1 
ATOM   776  O  O     . MET A 1 99  ? -4.932  7.558   3.206   1.00 15.12 ? 99  MET A O     1 
ATOM   777  C  CB    . MET A 1 99  ? -3.989  5.183   1.176   1.00 12.17 ? 99  MET A CB    1 
ATOM   778  C  CG    . MET A 1 99  ? -2.731  4.607   0.538   1.00 10.23 ? 99  MET A CG    1 
ATOM   779  S  SD    . MET A 1 99  ? -2.872  4.425   -1.258  1.00 14.70 ? 99  MET A SD    1 
ATOM   780  C  CE    . MET A 1 99  ? -3.799  2.883   -1.340  1.00 16.77 ? 99  MET A CE    1 
ATOM   781  N  N     . LEU A 1 100 ? -6.127  5.668   3.376   1.00 11.07 ? 100 LEU A N     1 
ATOM   782  C  CA    . LEU A 1 100 ? -7.369  6.300   3.790   1.00 14.53 ? 100 LEU A CA    1 
ATOM   783  C  C     . LEU A 1 100 ? -8.035  5.413   4.835   1.00 12.20 ? 100 LEU A C     1 
ATOM   784  O  O     . LEU A 1 100 ? -7.849  4.198   4.774   1.00 13.56 ? 100 LEU A O     1 
ATOM   785  C  CB    . LEU A 1 100 ? -8.306  6.515   2.598   1.00 12.11 ? 100 LEU A CB    1 
ATOM   786  C  CG    . LEU A 1 100 ? -7.734  7.523   1.581   1.00 20.04 ? 100 LEU A CG    1 
ATOM   787  C  CD1   . LEU A 1 100 ? -8.196  7.249   0.169   1.00 18.99 ? 100 LEU A CD1   1 
ATOM   788  C  CD2   . LEU A 1 100 ? -8.114  8.944   1.975   1.00 28.02 ? 100 LEU A CD2   1 
ATOM   789  N  N     . PHE A 1 101 ? -8.806  6.014   5.714   1.00 13.46 ? 101 PHE A N     1 
ATOM   790  C  CA    . PHE A 1 101 ? -9.556  5.256   6.718   1.00 13.64 ? 101 PHE A CA    1 
ATOM   791  C  C     . PHE A 1 101 ? -10.951 5.850   6.804   1.00 16.14 ? 101 PHE A C     1 
ATOM   792  O  O     . PHE A 1 101 ? -11.121 6.885   7.448   1.00 14.61 ? 101 PHE A O     1 
ATOM   793  C  CB    . PHE A 1 101 ? -8.838  5.303   8.069   1.00 16.00 ? 101 PHE A CB    1 
ATOM   794  C  CG    . PHE A 1 101 ? -9.449  4.351   9.087   1.00 15.17 ? 101 PHE A CG    1 
ATOM   795  C  CD1   . PHE A 1 101 ? -10.501 4.761   9.884   1.00 19.68 ? 101 PHE A CD1   1 
ATOM   796  C  CD2   . PHE A 1 101 ? -8.942  3.066   9.206   1.00 19.02 ? 101 PHE A CD2   1 
ATOM   797  C  CE1   . PHE A 1 101 ? -11.066 3.890   10.809  1.00 16.14 ? 101 PHE A CE1   1 
ATOM   798  C  CE2   . PHE A 1 101 ? -9.511  2.184   10.117  1.00 15.52 ? 101 PHE A CE2   1 
ATOM   799  C  CZ    . PHE A 1 101 ? -10.567 2.596   10.903  1.00 16.80 ? 101 PHE A CZ    1 
ATOM   800  N  N     . GLY A 1 102 ? -11.933 5.245   6.126   1.00 14.42 ? 102 GLY A N     1 
ATOM   801  C  CA    . GLY A 1 102 ? -13.227 5.912   6.041   1.00 15.90 ? 102 GLY A CA    1 
ATOM   802  C  C     . GLY A 1 102 ? -13.027 7.314   5.457   1.00 15.10 ? 102 GLY A C     1 
ATOM   803  O  O     . GLY A 1 102 ? -12.162 7.447   4.589   1.00 16.01 ? 102 GLY A O     1 
ATOM   804  N  N     . ASN A 1 103 ? -13.779 8.292   5.937   1.00 12.70 ? 103 ASN A N     1 
ATOM   805  C  CA    . ASN A 1 103 ? -13.613 9.691   5.622   1.00 14.48 ? 103 ASN A CA    1 
ATOM   806  C  C     . ASN A 1 103 ? -12.833 10.388  6.732   1.00 15.48 ? 103 ASN A C     1 
ATOM   807  O  O     . ASN A 1 103 ? -12.953 11.602  6.898   1.00 15.82 ? 103 ASN A O     1 
ATOM   808  C  CB    . ASN A 1 103 ? -14.957 10.413  5.486   1.00 18.42 ? 103 ASN A CB    1 
ATOM   809  C  CG    . ASN A 1 103 ? -15.893 9.910   4.414   1.00 26.77 ? 103 ASN A CG    1 
ATOM   810  O  OD1   . ASN A 1 103 ? -15.476 9.559   3.309   1.00 32.96 ? 103 ASN A OD1   1 
ATOM   811  N  ND2   . ASN A 1 103 ? -17.199 9.865   4.703   1.00 31.72 ? 103 ASN A ND2   1 
ATOM   812  N  N     . GLU A 1 104 ? -12.064 9.654   7.520   1.00 13.83 ? 104 GLU A N     1 
ATOM   813  C  CA    . GLU A 1 104 ? -11.446 10.238  8.704   1.00 14.00 ? 104 GLU A CA    1 
ATOM   814  C  C     . GLU A 1 104 ? -10.133 10.911  8.397   1.00 14.76 ? 104 GLU A C     1 
ATOM   815  O  O     . GLU A 1 104 ? -9.368  10.461  7.543   1.00 14.63 ? 104 GLU A O     1 
ATOM   816  C  CB    . GLU A 1 104 ? -11.238 9.115   9.749   1.00 15.58 ? 104 GLU A CB    1 
ATOM   817  C  CG    . GLU A 1 104 ? -12.550 8.480   10.172  1.00 15.13 ? 104 GLU A CG    1 
ATOM   818  C  CD    . GLU A 1 104 ? -12.486 7.679   11.449  1.00 21.42 ? 104 GLU A CD    1 
ATOM   819  O  OE1   . GLU A 1 104 ? -11.625 7.966   12.307  1.00 22.37 ? 104 GLU A OE1   1 
ATOM   820  O  OE2   . GLU A 1 104 ? -13.316 6.739   11.580  1.00 18.39 ? 104 GLU A OE2   1 
ATOM   821  N  N     . VAL A 1 105 ? -9.850  11.987  9.142   1.00 14.90 ? 105 VAL A N     1 
ATOM   822  C  CA    . VAL A 1 105 ? -8.553  12.661  9.128   1.00 15.95 ? 105 VAL A CA    1 
ATOM   823  C  C     . VAL A 1 105 ? -7.775  12.345  10.405  1.00 16.12 ? 105 VAL A C     1 
ATOM   824  O  O     . VAL A 1 105 ? -8.329  12.611  11.481  1.00 18.56 ? 105 VAL A O     1 
ATOM   825  C  CB    . VAL A 1 105 ? -8.749  14.188  8.996   1.00 14.30 ? 105 VAL A CB    1 
ATOM   826  C  CG1   . VAL A 1 105 ? -7.417  14.906  9.101   1.00 15.75 ? 105 VAL A CG1   1 
ATOM   827  C  CG2   . VAL A 1 105 ? -9.435  14.504  7.675   1.00 14.11 ? 105 VAL A CG2   1 
ATOM   828  N  N     . ILE A 1 106 ? -6.573  11.794  10.285  1.00 15.14 ? 106 ILE A N     1 
ATOM   829  C  CA    . ILE A 1 106 ? -5.793  11.385  11.467  1.00 14.37 ? 106 ILE A CA    1 
ATOM   830  C  C     . ILE A 1 106 ? -4.408  12.004  11.420  1.00 16.38 ? 106 ILE A C     1 
ATOM   831  O  O     . ILE A 1 106 ? -3.709  11.980  10.402  1.00 15.96 ? 106 ILE A O     1 
ATOM   832  C  CB    . ILE A 1 106 ? -5.684  9.850   11.568  1.00 13.90 ? 106 ILE A CB    1 
ATOM   833  C  CG1   . ILE A 1 106 ? -7.041  9.154   11.481  1.00 14.63 ? 106 ILE A CG1   1 
ATOM   834  C  CG2   . ILE A 1 106 ? -4.934  9.449   12.825  1.00 13.61 ? 106 ILE A CG2   1 
ATOM   835  C  CD1   . ILE A 1 106 ? -7.004  7.662   11.236  1.00 19.57 ? 106 ILE A CD1   1 
ATOM   836  N  N     . ASN A 1 107 ? -4.022  12.593  12.548  1.00 17.15 ? 107 ASN A N     1 
ATOM   837  C  CA    . ASN A 1 107 ? -2.737  13.239  12.702  1.00 15.49 ? 107 ASN A CA    1 
ATOM   838  C  C     . ASN A 1 107 ? -2.200  12.950  14.101  1.00 16.14 ? 107 ASN A C     1 
ATOM   839  O  O     . ASN A 1 107 ? -2.410  13.759  15.015  1.00 21.12 ? 107 ASN A O     1 
ATOM   840  C  CB    . ASN A 1 107 ? -2.818  14.759  12.529  1.00 16.90 ? 107 ASN A CB    1 
ATOM   841  C  CG    . ASN A 1 107 ? -3.306  15.165  11.156  1.00 18.86 ? 107 ASN A CG    1 
ATOM   842  O  OD1   . ASN A 1 107 ? -4.417  15.689  11.026  1.00 22.46 ? 107 ASN A OD1   1 
ATOM   843  N  ND2   . ASN A 1 107 ? -2.477  14.905  10.147  1.00 16.65 ? 107 ASN A ND2   1 
ATOM   844  N  N     . THR A 1 108 ? -1.535  11.820  14.256  1.00 18.03 ? 108 THR A N     1 
ATOM   845  C  CA    . THR A 1 108 ? -0.963  11.538  15.571  1.00 15.15 ? 108 THR A CA    1 
ATOM   846  C  C     . THR A 1 108 ? 0.524   11.273  15.363  1.00 16.45 ? 108 THR A C     1 
ATOM   847  O  O     . THR A 1 108 ? 1.004   11.323  14.231  1.00 15.61 ? 108 THR A O     1 
ATOM   848  C  CB    . THR A 1 108 ? -1.619  10.340  16.263  1.00 17.27 ? 108 THR A CB    1 
ATOM   849  O  OG1   . THR A 1 108 ? -1.338  9.181   15.469  1.00 18.27 ? 108 THR A OG1   1 
ATOM   850  C  CG2   . THR A 1 108 ? -3.128  10.499  16.311  1.00 19.21 ? 108 THR A CG2   1 
ATOM   851  N  N     . GLU A 1 109 ? 1.226   11.004  16.461  1.00 13.86 ? 109 GLU A N     1 
ATOM   852  C  CA    . GLU A 1 109 ? 2.633   10.705  16.312  1.00 15.93 ? 109 GLU A CA    1 
ATOM   853  C  C     . GLU A 1 109 ? 2.843   9.469   15.442  1.00 16.98 ? 109 GLU A C     1 
ATOM   854  O  O     . GLU A 1 109 ? 3.890   9.343   14.808  1.00 17.85 ? 109 GLU A O     1 
ATOM   855  C  CB    . GLU A 1 109 ? 3.265   10.461  17.685  1.00 21.15 ? 109 GLU A CB    1 
ATOM   856  C  CG    . GLU A 1 109 ? 3.166   11.633  18.647  1.00 17.39 ? 109 GLU A CG    1 
ATOM   857  C  CD    . GLU A 1 109 ? 1.949   11.541  19.530  1.00 23.86 ? 109 GLU A CD    1 
ATOM   858  O  OE1   . GLU A 1 109 ? 0.849   11.152  19.080  1.00 21.40 ? 109 GLU A OE1   1 
ATOM   859  O  OE2   . GLU A 1 109 ? 2.116   11.867  20.722  1.00 25.94 ? 109 GLU A OE2   1 
ATOM   860  N  N     . ARG A 1 110 ? 1.854   8.578   15.450  1.00 17.44 ? 110 ARG A N     1 
ATOM   861  C  CA    . ARG A 1 110 ? 2.013   7.304   14.737  1.00 18.97 ? 110 ARG A CA    1 
ATOM   862  C  C     . ARG A 1 110 ? 1.371   7.302   13.356  1.00 18.72 ? 110 ARG A C     1 
ATOM   863  O  O     . ARG A 1 110 ? 1.886   6.625   12.471  1.00 17.64 ? 110 ARG A O     1 
ATOM   864  C  CB    . ARG A 1 110 ? 1.395   6.151   15.545  1.00 17.05 ? 110 ARG A CB    1 
ATOM   865  C  CG    . ARG A 1 110 ? 2.207   5.774   16.774  1.00 16.11 ? 110 ARG A CG    1 
ATOM   866  C  CD    . ARG A 1 110 ? 1.629   4.522   17.416  1.00 18.13 ? 110 ARG A CD    1 
ATOM   867  N  NE    . ARG A 1 110 ? 1.859   3.345   16.593  1.00 15.70 ? 110 ARG A NE    1 
ATOM   868  C  CZ    . ARG A 1 110 ? 1.145   2.235   16.641  1.00 15.87 ? 110 ARG A CZ    1 
ATOM   869  N  NH1   . ARG A 1 110 ? 0.124   2.136   17.473  1.00 17.52 ? 110 ARG A NH1   1 
ATOM   870  N  NH2   . ARG A 1 110 ? 1.449   1.215   15.841  1.00 14.38 ? 110 ARG A NH2   1 
ATOM   871  N  N     . LEU A 1 111 ? 0.270   8.038   13.229  1.00 18.31 ? 111 LEU A N     1 
ATOM   872  C  CA    . LEU A 1 111 ? -0.566  7.985   12.034  1.00 16.40 ? 111 LEU A CA    1 
ATOM   873  C  C     . LEU A 1 111 ? -0.856  9.336   11.405  1.00 16.52 ? 111 LEU A C     1 
ATOM   874  O  O     . LEU A 1 111 ? -1.325  10.284  12.036  1.00 18.06 ? 111 LEU A O     1 
ATOM   875  C  CB    . LEU A 1 111 ? -1.891  7.338   12.432  1.00 19.66 ? 111 LEU A CB    1 
ATOM   876  C  CG    . LEU A 1 111 ? -2.611  6.394   11.484  1.00 25.07 ? 111 LEU A CG    1 
ATOM   877  C  CD1   . LEU A 1 111 ? -1.629  5.626   10.607  1.00 20.56 ? 111 LEU A CD1   1 
ATOM   878  C  CD2   . LEU A 1 111 ? -3.497  5.433   12.266  1.00 21.92 ? 111 LEU A CD2   1 
ATOM   879  N  N     . THR A 1 112 ? -0.596  9.406   10.102  1.00 15.84 ? 112 THR A N     1 
ATOM   880  C  CA    . THR A 1 112 ? -1.028  10.511  9.258   1.00 14.58 ? 112 THR A CA    1 
ATOM   881  C  C     . THR A 1 112 ? -1.926  9.904   8.166   1.00 9.91  ? 112 THR A C     1 
ATOM   882  O  O     . THR A 1 112 ? -1.393  9.178   7.340   1.00 16.10 ? 112 THR A O     1 
ATOM   883  C  CB    . THR A 1 112 ? 0.148   11.255  8.626   1.00 19.41 ? 112 THR A CB    1 
ATOM   884  O  OG1   . THR A 1 112 ? 0.854   11.955  9.671   1.00 20.25 ? 112 THR A OG1   1 
ATOM   885  C  CG2   . THR A 1 112 ? -0.322  12.293  7.625   1.00 19.30 ? 112 THR A CG2   1 
ATOM   886  N  N     . VAL A 1 113 ? -3.201  10.208  8.274   1.00 14.61 ? 113 VAL A N     1 
ATOM   887  C  CA    . VAL A 1 113 ? -4.202  9.768   7.314   1.00 15.01 ? 113 VAL A CA    1 
ATOM   888  C  C     . VAL A 1 113 ? -5.000  10.956  6.792   1.00 14.71 ? 113 VAL A C     1 
ATOM   889  O  O     . VAL A 1 113 ? -5.513  11.724  7.616   1.00 14.99 ? 113 VAL A O     1 
ATOM   890  C  CB    . VAL A 1 113 ? -5.166  8.708   7.871   1.00 14.79 ? 113 VAL A CB    1 
ATOM   891  C  CG1   . VAL A 1 113 ? -6.150  8.309   6.766   1.00 15.05 ? 113 VAL A CG1   1 
ATOM   892  C  CG2   . VAL A 1 113 ? -4.362  7.531   8.379   1.00 19.79 ? 113 VAL A CG2   1 
ATOM   893  N  N     . PRO A 1 114 ? -5.188  11.189  5.492   1.00 16.43 ? 114 PRO A N     1 
ATOM   894  C  CA    . PRO A 1 114 ? -4.608  10.485  4.360   1.00 13.18 ? 114 PRO A CA    1 
ATOM   895  C  C     . PRO A 1 114 ? -3.074  10.441  4.339   1.00 16.46 ? 114 PRO A C     1 
ATOM   896  O  O     . PRO A 1 114 ? -2.450  11.340  4.900   1.00 15.50 ? 114 PRO A O     1 
ATOM   897  C  CB    . PRO A 1 114 ? -5.065  11.316  3.145   1.00 10.90 ? 114 PRO A CB    1 
ATOM   898  C  CG    . PRO A 1 114 ? -6.355  11.914  3.605   1.00 11.09 ? 114 PRO A CG    1 
ATOM   899  C  CD    . PRO A 1 114 ? -6.119  12.263  5.055   1.00 16.11 ? 114 PRO A CD    1 
ATOM   900  N  N     . HIS A 1 115 ? -2.534  9.370   3.795   1.00 13.00 ? 115 HIS A N     1 
ATOM   901  C  CA    . HIS A 1 115 ? -1.095  9.153   3.697   1.00 11.85 ? 115 HIS A CA    1 
ATOM   902  C  C     . HIS A 1 115 ? -0.397  10.437  3.253   1.00 15.42 ? 115 HIS A C     1 
ATOM   903  O  O     . HIS A 1 115 ? -0.864  11.125  2.347   1.00 14.22 ? 115 HIS A O     1 
ATOM   904  C  CB    . HIS A 1 115 ? -0.817  7.983   2.763   1.00 12.83 ? 115 HIS A CB    1 
ATOM   905  C  CG    . HIS A 1 115 ? 0.638   7.734   2.541   1.00 12.21 ? 115 HIS A CG    1 
ATOM   906  N  ND1   . HIS A 1 115 ? 1.346   8.494   1.643   1.00 17.03 ? 115 HIS A ND1   1 
ATOM   907  C  CD2   . HIS A 1 115 ? 1.521   6.873   3.089   1.00 16.00 ? 115 HIS A CD2   1 
ATOM   908  C  CE1   . HIS A 1 115 ? 2.613   8.087   1.629   1.00 13.75 ? 115 HIS A CE1   1 
ATOM   909  N  NE2   . HIS A 1 115 ? 2.742   7.102   2.505   1.00 17.97 ? 115 HIS A NE2   1 
ATOM   910  N  N     . TYR A 1 116 ? 0.694   10.753  3.954   1.00 15.97 ? 116 TYR A N     1 
ATOM   911  C  CA    . TYR A 1 116 ? 1.282   12.082  3.844   1.00 18.87 ? 116 TYR A CA    1 
ATOM   912  C  C     . TYR A 1 116 ? 1.755   12.514  2.465   1.00 20.11 ? 116 TYR A C     1 
ATOM   913  O  O     . TYR A 1 116 ? 1.883   13.719  2.211   1.00 19.52 ? 116 TYR A O     1 
ATOM   914  C  CB    . TYR A 1 116 ? 2.474   12.164  4.810   1.00 16.44 ? 116 TYR A CB    1 
ATOM   915  C  CG    . TYR A 1 116 ? 3.783   11.624  4.302   1.00 17.45 ? 116 TYR A CG    1 
ATOM   916  C  CD1   . TYR A 1 116 ? 4.017   10.255  4.241   1.00 20.03 ? 116 TYR A CD1   1 
ATOM   917  C  CD2   . TYR A 1 116 ? 4.803   12.474  3.886   1.00 24.45 ? 116 TYR A CD2   1 
ATOM   918  C  CE1   . TYR A 1 116 ? 5.210   9.748   3.779   1.00 22.83 ? 116 TYR A CE1   1 
ATOM   919  C  CE2   . TYR A 1 116 ? 6.011   11.982  3.417   1.00 24.73 ? 116 TYR A CE2   1 
ATOM   920  C  CZ    . TYR A 1 116 ? 6.200   10.616  3.373   1.00 21.76 ? 116 TYR A CZ    1 
ATOM   921  O  OH    . TYR A 1 116 ? 7.377   10.078  2.913   1.00 26.71 ? 116 TYR A OH    1 
ATOM   922  N  N     . ASP A 1 117 ? 2.051   11.601  1.557   1.00 15.72 ? 117 ASP A N     1 
ATOM   923  C  CA    . ASP A 1 117 ? 2.618   12.007  0.269   1.00 13.45 ? 117 ASP A CA    1 
ATOM   924  C  C     . ASP A 1 117 ? 1.916   11.343  -0.894  1.00 11.48 ? 117 ASP A C     1 
ATOM   925  O  O     . ASP A 1 117 ? 2.437   11.399  -2.002  1.00 12.40 ? 117 ASP A O     1 
ATOM   926  C  CB    . ASP A 1 117 ? 4.107   11.630  0.235   1.00 15.28 ? 117 ASP A CB    1 
ATOM   927  C  CG    . ASP A 1 117 ? 4.858   12.423  -0.814  1.00 13.45 ? 117 ASP A CG    1 
ATOM   928  O  OD1   . ASP A 1 117 ? 4.526   13.618  -0.925  1.00 17.16 ? 117 ASP A OD1   1 
ATOM   929  O  OD2   . ASP A 1 117 ? 5.724   11.839  -1.488  1.00 16.17 ? 117 ASP A OD2   1 
ATOM   930  N  N     . MET A 1 118 ? 0.768   10.703  -0.667  1.00 14.32 ? 118 MET A N     1 
ATOM   931  C  CA    . MET A 1 118 ? 0.215   9.862   -1.746  1.00 13.82 ? 118 MET A CA    1 
ATOM   932  C  C     . MET A 1 118 ? -0.185  10.672  -2.968  1.00 12.71 ? 118 MET A C     1 
ATOM   933  O  O     . MET A 1 118 ? -0.192  10.157  -4.093  1.00 14.23 ? 118 MET A O     1 
ATOM   934  C  CB    . MET A 1 118 ? -0.973  9.051   -1.217  1.00 12.56 ? 118 MET A CB    1 
ATOM   935  C  CG    . MET A 1 118 ? -2.123  9.887   -0.701  1.00 12.59 ? 118 MET A CG    1 
ATOM   936  S  SD    . MET A 1 118 ? -3.472  8.881   -0.028  1.00 16.09 ? 118 MET A SD    1 
ATOM   937  C  CE    . MET A 1 118 ? -4.195  8.192   -1.512  1.00 14.52 ? 118 MET A CE    1 
ATOM   938  N  N     . LYS A 1 119 ? -0.508  11.964  -2.796  1.00 13.35 ? 119 LYS A N     1 
ATOM   939  C  CA    . LYS A 1 119 ? -0.936  12.788  -3.941  1.00 11.47 ? 119 LYS A CA    1 
ATOM   940  C  C     . LYS A 1 119 ? 0.224   13.082  -4.880  1.00 13.14 ? 119 LYS A C     1 
ATOM   941  O  O     . LYS A 1 119 ? 0.010   13.524  -6.021  1.00 14.31 ? 119 LYS A O     1 
ATOM   942  C  CB    . LYS A 1 119 ? -1.571  14.095  -3.457  1.00 15.10 ? 119 LYS A CB    1 
ATOM   943  C  CG    . LYS A 1 119 ? -2.843  13.968  -2.637  1.00 18.31 ? 119 LYS A CG    1 
ATOM   944  C  CD    . LYS A 1 119 ? -3.655  15.260  -2.609  1.00 24.56 ? 119 LYS A CD    1 
ATOM   945  C  CE    . LYS A 1 119 ? -3.384  16.127  -1.404  1.00 34.27 ? 119 LYS A CE    1 
ATOM   946  N  NZ    . LYS A 1 119 ? -3.521  17.597  -1.693  1.00 28.06 ? 119 LYS A NZ    1 
ATOM   947  N  N     . ASN A 1 120 ? 1.462   12.837  -4.455  1.00 12.28 ? 120 ASN A N     1 
ATOM   948  C  CA    . ASN A 1 120 ? 2.606   12.996  -5.341  1.00 14.65 ? 120 ASN A CA    1 
ATOM   949  C  C     . ASN A 1 120 ? 3.034   11.675  -5.966  1.00 12.19 ? 120 ASN A C     1 
ATOM   950  O  O     . ASN A 1 120 ? 4.032   11.635  -6.677  1.00 14.28 ? 120 ASN A O     1 
ATOM   951  C  CB    . ASN A 1 120 ? 3.836   13.536  -4.587  1.00 15.62 ? 120 ASN A CB    1 
ATOM   952  C  CG    . ASN A 1 120 ? 3.833   15.040  -4.388  1.00 14.05 ? 120 ASN A CG    1 
ATOM   953  O  OD1   . ASN A 1 120 ? 3.625   15.794  -5.334  1.00 13.56 ? 120 ASN A OD1   1 
ATOM   954  N  ND2   . ASN A 1 120 ? 4.084   15.457  -3.149  1.00 14.85 ? 120 ASN A ND2   1 
ATOM   955  N  N     . ARG A 1 121 ? 2.321   10.581  -5.710  1.00 13.99 ? 121 ARG A N     1 
ATOM   956  C  CA    . ARG A 1 121 ? 2.820   9.273   -6.112  1.00 12.69 ? 121 ARG A CA    1 
ATOM   957  C  C     . ARG A 1 121 ? 1.888   8.537   -7.064  1.00 12.99 ? 121 ARG A C     1 
ATOM   958  O  O     . ARG A 1 121 ? 0.857   8.015   -6.634  1.00 16.62 ? 121 ARG A O     1 
ATOM   959  C  CB    . ARG A 1 121 ? 3.071   8.445   -4.838  1.00 13.17 ? 121 ARG A CB    1 
ATOM   960  C  CG    . ARG A 1 121 ? 4.184   9.077   -4.002  1.00 14.15 ? 121 ARG A CG    1 
ATOM   961  C  CD    . ARG A 1 121 ? 4.133   8.498   -2.588  1.00 19.30 ? 121 ARG A CD    1 
ATOM   962  N  NE    . ARG A 1 121 ? 5.215   9.057   -1.793  1.00 19.03 ? 121 ARG A NE    1 
ATOM   963  C  CZ    . ARG A 1 121 ? 5.863   8.438   -0.819  1.00 31.01 ? 121 ARG A CZ    1 
ATOM   964  N  NH1   . ARG A 1 121 ? 5.542   7.198   -0.488  1.00 44.06 ? 121 ARG A NH1   1 
ATOM   965  N  NH2   . ARG A 1 121 ? 6.828   9.085   -0.183  1.00 33.28 ? 121 ARG A NH2   1 
ATOM   966  N  N     . GLY A 1 122 ? 2.248   8.551   -8.350  1.00 13.77 ? 122 GLY A N     1 
ATOM   967  C  CA    . GLY A 1 122 ? 1.431   7.838   -9.339  1.00 12.98 ? 122 GLY A CA    1 
ATOM   968  C  C     . GLY A 1 122 ? 1.276   6.371   -8.921  1.00 15.97 ? 122 GLY A C     1 
ATOM   969  O  O     . GLY A 1 122 ? 0.233   5.746   -9.160  1.00 14.36 ? 122 GLY A O     1 
ATOM   970  N  N     . PHE A 1 123 ? 2.332   5.844   -8.302  1.00 16.62 ? 123 PHE A N     1 
ATOM   971  C  CA    . PHE A 1 123 ? 2.360   4.434   -7.910  1.00 19.76 ? 123 PHE A CA    1 
ATOM   972  C  C     . PHE A 1 123 ? 1.401   4.123   -6.772  1.00 14.23 ? 123 PHE A C     1 
ATOM   973  O  O     . PHE A 1 123 ? 1.102   2.943   -6.573  1.00 15.71 ? 123 PHE A O     1 
ATOM   974  C  CB    . PHE A 1 123 ? 3.781   3.987   -7.568  1.00 19.60 ? 123 PHE A CB    1 
ATOM   975  C  CG    . PHE A 1 123 ? 4.468   4.626   -6.376  1.00 16.87 ? 123 PHE A CG    1 
ATOM   976  C  CD1   . PHE A 1 123 ? 4.220   4.206   -5.087  1.00 19.17 ? 123 PHE A CD1   1 
ATOM   977  C  CD2   . PHE A 1 123 ? 5.385   5.647   -6.569  1.00 18.08 ? 123 PHE A CD2   1 
ATOM   978  C  CE1   . PHE A 1 123 ? 4.851   4.767   -3.991  1.00 24.64 ? 123 PHE A CE1   1 
ATOM   979  C  CE2   . PHE A 1 123 ? 6.022   6.223   -5.478  1.00 21.18 ? 123 PHE A CE2   1 
ATOM   980  C  CZ    . PHE A 1 123 ? 5.756   5.786   -4.199  1.00 19.41 ? 123 PHE A CZ    1 
ATOM   981  N  N     . MET A 1 124 ? 0.916   5.122   -6.041  1.00 13.22 ? 124 MET A N     1 
ATOM   982  C  CA    . MET A 1 124 ? -0.154  4.943   -5.074  1.00 10.62 ? 124 MET A CA    1 
ATOM   983  C  C     . MET A 1 124 ? -1.519  5.277   -5.664  1.00 14.35 ? 124 MET A C     1 
ATOM   984  O  O     . MET A 1 124 ? -2.550  4.636   -5.425  1.00 13.30 ? 124 MET A O     1 
ATOM   985  C  CB    . MET A 1 124 ? 0.082   5.806   -3.815  1.00 15.89 ? 124 MET A CB    1 
ATOM   986  C  CG    . MET A 1 124 ? 1.194   5.238   -2.962  1.00 13.98 ? 124 MET A CG    1 
ATOM   987  S  SD    . MET A 1 124 ? 1.624   6.203   -1.511  1.00 18.78 ? 124 MET A SD    1 
ATOM   988  C  CE    . MET A 1 124 ? 1.053   5.108   -0.202  1.00 19.95 ? 124 MET A CE    1 
ATOM   989  N  N     . LEU A 1 125 ? -1.556  6.337   -6.491  1.00 14.02 ? 125 LEU A N     1 
ATOM   990  C  CA    . LEU A 1 125 ? -2.859  6.832   -6.943  1.00 12.89 ? 125 LEU A CA    1 
ATOM   991  C  C     . LEU A 1 125 ? -3.521  5.958   -8.014  1.00 11.25 ? 125 LEU A C     1 
ATOM   992  O  O     . LEU A 1 125 ? -4.746  5.765   -8.056  1.00 11.59 ? 125 LEU A O     1 
ATOM   993  C  CB    . LEU A 1 125 ? -2.680  8.260   -7.483  1.00 12.90 ? 125 LEU A CB    1 
ATOM   994  C  CG    . LEU A 1 125 ? -2.235  9.315   -6.472  1.00 16.42 ? 125 LEU A CG    1 
ATOM   995  C  CD1   . LEU A 1 125 ? -2.128  10.678  -7.174  1.00 18.38 ? 125 LEU A CD1   1 
ATOM   996  C  CD2   . LEU A 1 125 ? -3.183  9.416   -5.296  1.00 15.11 ? 125 LEU A CD2   1 
ATOM   997  N  N     . TRP A 1 126 ? -2.675  5.457   -8.914  1.00 11.45 ? 126 TRP A N     1 
ATOM   998  C  CA    . TRP A 1 126 ? -3.243  4.692   -10.036 1.00 10.04 ? 126 TRP A CA    1 
ATOM   999  C  C     . TRP A 1 126 ? -3.839  3.377   -9.547  1.00 11.50 ? 126 TRP A C     1 
ATOM   1000 O  O     . TRP A 1 126 ? -4.978  3.068   -9.955  1.00 11.21 ? 126 TRP A O     1 
ATOM   1001 C  CB    . TRP A 1 126 ? -2.169  4.470   -11.093 1.00 15.80 ? 126 TRP A CB    1 
ATOM   1002 C  CG    . TRP A 1 126 ? -2.054  5.576   -12.101 1.00 19.82 ? 126 TRP A CG    1 
ATOM   1003 C  CD1   . TRP A 1 126 ? -0.971  6.408   -12.275 1.00 23.68 ? 126 TRP A CD1   1 
ATOM   1004 C  CD2   . TRP A 1 126 ? -3.035  5.967   -13.063 1.00 19.43 ? 126 TRP A CD2   1 
ATOM   1005 N  NE1   . TRP A 1 126 ? -1.246  7.285   -13.298 1.00 20.72 ? 126 TRP A NE1   1 
ATOM   1006 C  CE2   . TRP A 1 126 ? -2.495  7.047   -13.800 1.00 18.65 ? 126 TRP A CE2   1 
ATOM   1007 C  CE3   . TRP A 1 126 ? -4.312  5.511   -13.375 1.00 18.17 ? 126 TRP A CE3   1 
ATOM   1008 C  CZ2   . TRP A 1 126 ? -3.197  7.676   -14.826 1.00 15.97 ? 126 TRP A CZ2   1 
ATOM   1009 C  CZ3   . TRP A 1 126 ? -5.008  6.135   -14.398 1.00 25.72 ? 126 TRP A CZ3   1 
ATOM   1010 C  CH2   . TRP A 1 126 ? -4.451  7.206   -15.113 1.00 20.89 ? 126 TRP A CH2   1 
ATOM   1011 N  N     . PRO A 1 127 ? -3.173  2.581   -8.719  1.00 15.90 ? 127 PRO A N     1 
ATOM   1012 C  CA    . PRO A 1 127 ? -3.850  1.364   -8.184  1.00 12.05 ? 127 PRO A CA    1 
ATOM   1013 C  C     . PRO A 1 127 ? -5.100  1.684   -7.388  1.00 13.54 ? 127 PRO A C     1 
ATOM   1014 O  O     . PRO A 1 127 ? -6.135  1.003   -7.411  1.00 13.39 ? 127 PRO A O     1 
ATOM   1015 C  CB    . PRO A 1 127 ? -2.778  0.752   -7.285  1.00 15.94 ? 127 PRO A CB    1 
ATOM   1016 C  CG    . PRO A 1 127 ? -1.488  1.254   -7.853  1.00 19.18 ? 127 PRO A CG    1 
ATOM   1017 C  CD    . PRO A 1 127 ? -1.778  2.673   -8.275  1.00 11.58 ? 127 PRO A CD    1 
ATOM   1018 N  N     . LEU A 1 128 ? -5.086  2.778   -6.618  1.00 11.28 ? 128 LEU A N     1 
ATOM   1019 C  CA    . LEU A 1 128 ? -6.317  3.138   -5.916  1.00 11.13 ? 128 LEU A CA    1 
ATOM   1020 C  C     . LEU A 1 128 ? -7.425  3.484   -6.903  1.00 10.92 ? 128 LEU A C     1 
ATOM   1021 O  O     . LEU A 1 128 ? -8.600  3.149   -6.706  1.00 12.84 ? 128 LEU A O     1 
ATOM   1022 C  CB    . LEU A 1 128 ? -6.013  4.292   -4.954  1.00 11.27 ? 128 LEU A CB    1 
ATOM   1023 C  CG    . LEU A 1 128 ? -7.131  4.797   -4.043  1.00 12.97 ? 128 LEU A CG    1 
ATOM   1024 C  CD1   . LEU A 1 128 ? -7.715  3.708   -3.150  1.00 12.56 ? 128 LEU A CD1   1 
ATOM   1025 C  CD2   . LEU A 1 128 ? -6.592  5.942   -3.178  1.00 13.23 ? 128 LEU A CD2   1 
ATOM   1026 N  N     . PHE A 1 129 ? -7.081  4.219   -7.959  1.00 11.88 ? 129 PHE A N     1 
ATOM   1027 C  CA    . PHE A 1 129 ? -8.062  4.668   -8.946  1.00 11.45 ? 129 PHE A CA    1 
ATOM   1028 C  C     . PHE A 1 129 ? -8.703  3.463   -9.643  1.00 12.33 ? 129 PHE A C     1 
ATOM   1029 O  O     . PHE A 1 129 ? -9.877  3.522   -10.000 1.00 12.47 ? 129 PHE A O     1 
ATOM   1030 C  CB    . PHE A 1 129 ? -7.406  5.573   -9.974  1.00 13.81 ? 129 PHE A CB    1 
ATOM   1031 C  CG    . PHE A 1 129 ? -8.313  6.173   -11.031 1.00 13.82 ? 129 PHE A CG    1 
ATOM   1032 C  CD1   . PHE A 1 129 ? -9.302  7.092   -10.681 1.00 14.91 ? 129 PHE A CD1   1 
ATOM   1033 C  CD2   . PHE A 1 129 ? -8.169  5.797   -12.350 1.00 14.32 ? 129 PHE A CD2   1 
ATOM   1034 C  CE1   . PHE A 1 129 ? -10.152 7.645   -11.625 1.00 11.54 ? 129 PHE A CE1   1 
ATOM   1035 C  CE2   . PHE A 1 129 ? -8.997  6.359   -13.311 1.00 15.85 ? 129 PHE A CE2   1 
ATOM   1036 C  CZ    . PHE A 1 129 ? -9.974  7.266   -12.948 1.00 13.93 ? 129 PHE A CZ    1 
ATOM   1037 N  N     . GLU A 1 130 ? -7.899  2.399   -9.793  1.00 11.16 ? 130 GLU A N     1 
ATOM   1038 C  CA    . GLU A 1 130 ? -8.484  1.204   -10.389 1.00 13.05 ? 130 GLU A CA    1 
ATOM   1039 C  C     . GLU A 1 130 ? -9.629  0.684   -9.544  1.00 13.74 ? 130 GLU A C     1 
ATOM   1040 O  O     . GLU A 1 130 ? -10.661 0.286   -10.088 1.00 16.51 ? 130 GLU A O     1 
ATOM   1041 C  CB    . GLU A 1 130 ? -7.413  0.114   -10.549 1.00 13.98 ? 130 GLU A CB    1 
ATOM   1042 C  CG    . GLU A 1 130 ? -7.970  -1.240  -10.980 1.00 15.46 ? 130 GLU A CG    1 
ATOM   1043 C  CD    . GLU A 1 130 ? -6.879  -2.281  -11.146 1.00 20.97 ? 130 GLU A CD    1 
ATOM   1044 O  OE1   . GLU A 1 130 ? -5.718  -2.067  -10.754 1.00 19.91 ? 130 GLU A OE1   1 
ATOM   1045 O  OE2   . GLU A 1 130 ? -7.152  -3.372  -11.700 1.00 33.40 ? 130 GLU A OE2   1 
ATOM   1046 N  N     . ILE A 1 131 ? -9.443  0.642   -8.229  1.00 12.41 ? 131 ILE A N     1 
ATOM   1047 C  CA    . ILE A 1 131 ? -10.447 0.003   -7.381  1.00 14.45 ? 131 ILE A CA    1 
ATOM   1048 C  C     . ILE A 1 131 ? -11.423 0.994   -6.770  1.00 12.43 ? 131 ILE A C     1 
ATOM   1049 O  O     . ILE A 1 131 ? -12.432 0.573   -6.201  1.00 14.97 ? 131 ILE A O     1 
ATOM   1050 C  CB    . ILE A 1 131 ? -9.769  -0.825  -6.256  1.00 13.76 ? 131 ILE A CB    1 
ATOM   1051 C  CG1   . ILE A 1 131 ? -8.916  0.032   -5.324  1.00 11.22 ? 131 ILE A CG1   1 
ATOM   1052 C  CG2   . ILE A 1 131 ? -8.940  -1.955  -6.834  1.00 13.62 ? 131 ILE A CG2   1 
ATOM   1053 C  CD1   . ILE A 1 131 ? -8.364  -0.730  -4.122  1.00 13.35 ? 131 ILE A CD1   1 
ATOM   1054 N  N     . ALA A 1 132 ? -11.178 2.295   -6.887  1.00 10.93 ? 132 ALA A N     1 
ATOM   1055 C  CA    . ALA A 1 132 ? -12.066 3.320   -6.355  1.00 14.26 ? 132 ALA A CA    1 
ATOM   1056 C  C     . ALA A 1 132 ? -12.071 4.583   -7.191  1.00 16.00 ? 132 ALA A C     1 
ATOM   1057 O  O     . ALA A 1 132 ? -11.660 5.661   -6.735  1.00 14.10 ? 132 ALA A O     1 
ATOM   1058 C  CB    . ALA A 1 132 ? -11.630 3.671   -4.933  1.00 16.67 ? 132 ALA A CB    1 
ATOM   1059 N  N     . PRO A 1 133 ? -12.527 4.488   -8.438  1.00 13.89 ? 133 PRO A N     1 
ATOM   1060 C  CA    . PRO A 1 133 ? -12.430 5.645   -9.333  1.00 12.33 ? 133 PRO A CA    1 
ATOM   1061 C  C     . PRO A 1 133 ? -13.210 6.867   -8.869  1.00 15.21 ? 133 PRO A C     1 
ATOM   1062 O  O     . PRO A 1 133 ? -12.839 7.989   -9.251  1.00 12.74 ? 133 PRO A O     1 
ATOM   1063 C  CB    . PRO A 1 133 ? -12.978 5.114   -10.662 1.00 14.02 ? 133 PRO A CB    1 
ATOM   1064 C  CG    . PRO A 1 133 ? -13.731 3.869   -10.324 1.00 17.20 ? 133 PRO A CG    1 
ATOM   1065 C  CD    . PRO A 1 133 ? -13.117 3.302   -9.073  1.00 16.23 ? 133 PRO A CD    1 
ATOM   1066 N  N     . GLU A 1 134 ? -14.254 6.682   -8.054  1.00 13.52 ? 134 GLU A N     1 
ATOM   1067 C  CA    . GLU A 1 134 ? -15.058 7.828   -7.638  1.00 13.80 ? 134 GLU A CA    1 
ATOM   1068 C  C     . GLU A 1 134 ? -14.664 8.367   -6.259  1.00 16.81 ? 134 GLU A C     1 
ATOM   1069 O  O     . GLU A 1 134 ? -15.382 9.200   -5.691  1.00 16.41 ? 134 GLU A O     1 
ATOM   1070 C  CB    . GLU A 1 134 ? -16.552 7.492   -7.638  1.00 18.64 ? 134 GLU A CB    1 
ATOM   1071 C  CG    . GLU A 1 134 ? -17.020 6.855   -8.954  1.00 17.74 ? 134 GLU A CG    1 
ATOM   1072 C  CD    . GLU A 1 134 ? -16.832 7.769   -10.143 1.00 26.95 ? 134 GLU A CD    1 
ATOM   1073 O  OE1   . GLU A 1 134 ? -17.202 8.953   -10.002 1.00 26.47 ? 134 GLU A OE1   1 
ATOM   1074 O  OE2   . GLU A 1 134 ? -16.328 7.313   -11.193 1.00 32.98 ? 134 GLU A OE2   1 
ATOM   1075 N  N     . LEU A 1 135 ? -13.516 7.935   -5.758  1.00 13.48 ? 135 LEU A N     1 
ATOM   1076 C  CA    . LEU A 1 135 ? -13.084 8.248   -4.411  1.00 14.98 ? 135 LEU A CA    1 
ATOM   1077 C  C     . LEU A 1 135 ? -12.943 9.753   -4.182  1.00 15.40 ? 135 LEU A C     1 
ATOM   1078 O  O     . LEU A 1 135 ? -12.424 10.496  -5.018  1.00 14.63 ? 135 LEU A O     1 
ATOM   1079 C  CB    . LEU A 1 135 ? -11.757 7.536   -4.136  1.00 13.71 ? 135 LEU A CB    1 
ATOM   1080 C  CG    . LEU A 1 135 ? -11.301 7.544   -2.673  1.00 16.84 ? 135 LEU A CG    1 
ATOM   1081 C  CD1   . LEU A 1 135 ? -10.628 6.246   -2.304  1.00 21.81 ? 135 LEU A CD1   1 
ATOM   1082 C  CD2   . LEU A 1 135 ? -10.346 8.711   -2.436  1.00 20.50 ? 135 LEU A CD2   1 
ATOM   1083 N  N     . VAL A 1 136 ? -13.421 10.175  -3.007  1.00 14.61 ? 136 VAL A N     1 
ATOM   1084 C  CA    . VAL A 1 136 ? -13.298 11.565  -2.594  1.00 14.29 ? 136 VAL A CA    1 
ATOM   1085 C  C     . VAL A 1 136 ? -12.497 11.587  -1.293  1.00 14.63 ? 136 VAL A C     1 
ATOM   1086 O  O     . VAL A 1 136 ? -12.745 10.713  -0.446  1.00 18.36 ? 136 VAL A O     1 
ATOM   1087 C  CB    . VAL A 1 136 ? -14.637 12.252  -2.300  1.00 22.10 ? 136 VAL A CB    1 
ATOM   1088 C  CG1   . VAL A 1 136 ? -14.443 13.743  -2.025  1.00 16.10 ? 136 VAL A CG1   1 
ATOM   1089 C  CG2   . VAL A 1 136 ? -15.602 12.031  -3.459  1.00 30.33 ? 136 VAL A CG2   1 
ATOM   1090 N  N     . PHE A 1 137 ? -11.590 12.542  -1.195  1.00 13.14 ? 137 PHE A N     1 
ATOM   1091 C  CA    . PHE A 1 137 ? -10.791 12.602  0.027   1.00 14.54 ? 137 PHE A CA    1 
ATOM   1092 C  C     . PHE A 1 137 ? -11.546 13.375  1.100   1.00 13.40 ? 137 PHE A C     1 
ATOM   1093 O  O     . PHE A 1 137 ? -12.478 14.112  0.790   1.00 16.11 ? 137 PHE A O     1 
ATOM   1094 C  CB    . PHE A 1 137 ? -9.440  13.239  -0.233  1.00 15.83 ? 137 PHE A CB    1 
ATOM   1095 C  CG    . PHE A 1 137 ? -8.432  12.435  -1.032  1.00 15.96 ? 137 PHE A CG    1 
ATOM   1096 C  CD1   . PHE A 1 137 ? -8.524  12.316  -2.410  1.00 19.76 ? 137 PHE A CD1   1 
ATOM   1097 C  CD2   . PHE A 1 137 ? -7.378  11.804  -0.408  1.00 23.04 ? 137 PHE A CD2   1 
ATOM   1098 C  CE1   . PHE A 1 137 ? -7.586  11.591  -3.122  1.00 20.39 ? 137 PHE A CE1   1 
ATOM   1099 C  CE2   . PHE A 1 137 ? -6.426  11.079  -1.109  1.00 21.53 ? 137 PHE A CE2   1 
ATOM   1100 C  CZ    . PHE A 1 137 ? -6.535  10.974  -2.485  1.00 17.15 ? 137 PHE A CZ    1 
ATOM   1101 N  N     . PRO A 1 138 ? -11.149 13.200  2.350   1.00 15.89 ? 138 PRO A N     1 
ATOM   1102 C  CA    . PRO A 1 138 ? -11.819 13.948  3.425   1.00 15.22 ? 138 PRO A CA    1 
ATOM   1103 C  C     . PRO A 1 138 ? -11.803 15.451  3.182   1.00 14.49 ? 138 PRO A C     1 
ATOM   1104 O  O     . PRO A 1 138 ? -12.729 16.139  3.615   1.00 18.89 ? 138 PRO A O     1 
ATOM   1105 C  CB    . PRO A 1 138 ? -11.003 13.553  4.655   1.00 16.18 ? 138 PRO A CB    1 
ATOM   1106 C  CG    . PRO A 1 138 ? -10.480 12.196  4.311   1.00 14.85 ? 138 PRO A CG    1 
ATOM   1107 C  CD    . PRO A 1 138 ? -10.111 12.284  2.850   1.00 12.66 ? 138 PRO A CD    1 
ATOM   1108 N  N     . ASP A 1 139 ? -10.813 15.999  2.495   1.00 16.80 ? 139 ASP A N     1 
ATOM   1109 C  CA    . ASP A 1 139 ? -10.837 17.450  2.270   1.00 20.77 ? 139 ASP A CA    1 
ATOM   1110 C  C     . ASP A 1 139 ? -11.713 17.824  1.088   1.00 21.27 ? 139 ASP A C     1 
ATOM   1111 O  O     . ASP A 1 139 ? -11.841 19.006  0.755   1.00 22.89 ? 139 ASP A O     1 
ATOM   1112 C  CB    . ASP A 1 139 ? -9.419  17.984  2.045   1.00 19.88 ? 139 ASP A CB    1 
ATOM   1113 C  CG    . ASP A 1 139 ? -8.789  17.439  0.781   1.00 25.81 ? 139 ASP A CG    1 
ATOM   1114 O  OD1   . ASP A 1 139 ? -9.407  16.644  0.039   1.00 17.25 ? 139 ASP A OD1   1 
ATOM   1115 O  OD2   . ASP A 1 139 ? -7.620  17.813  0.520   1.00 30.86 ? 139 ASP A OD2   1 
ATOM   1116 N  N     . GLY A 1 140 ? -12.348 16.852  0.432   1.00 18.67 ? 140 GLY A N     1 
ATOM   1117 C  CA    . GLY A 1 140 ? -13.176 17.237  -0.705  1.00 23.84 ? 140 GLY A CA    1 
ATOM   1118 C  C     . GLY A 1 140 ? -12.504 17.077  -2.045  1.00 23.53 ? 140 GLY A C     1 
ATOM   1119 O  O     . GLY A 1 140 ? -13.164 17.171  -3.087  1.00 23.27 ? 140 GLY A O     1 
ATOM   1120 N  N     . GLU A 1 141 ? -11.194 16.809  -2.073  1.00 19.47 ? 141 GLU A N     1 
ATOM   1121 C  CA    . GLU A 1 141 ? -10.557 16.543  -3.363  1.00 14.97 ? 141 GLU A CA    1 
ATOM   1122 C  C     . GLU A 1 141 ? -11.047 15.192  -3.901  1.00 16.47 ? 141 GLU A C     1 
ATOM   1123 O  O     . GLU A 1 141 ? -11.346 14.286  -3.129  1.00 17.26 ? 141 GLU A O     1 
ATOM   1124 C  CB    . GLU A 1 141 ? -9.035  16.559  -3.276  1.00 20.84 ? 141 GLU A CB    1 
ATOM   1125 C  CG    . GLU A 1 141 ? -8.430  17.942  -3.044  1.00 32.44 ? 141 GLU A CG    1 
ATOM   1126 C  CD    . GLU A 1 141 ? -7.021  18.060  -3.600  1.00 47.06 ? 141 GLU A CD    1 
ATOM   1127 O  OE1   . GLU A 1 141 ? -6.055  17.707  -2.890  1.00 30.93 ? 141 GLU A OE1   1 
ATOM   1128 O  OE2   . GLU A 1 141 ? -6.875  18.499  -4.762  1.00 43.93 ? 141 GLU A OE2   1 
ATOM   1129 N  N     . MET A 1 142 ? -11.124 15.077  -5.231  1.00 18.73 ? 142 MET A N     1 
ATOM   1130 C  CA    . MET A 1 142 ? -11.487 13.802  -5.854  1.00 18.50 ? 142 MET A CA    1 
ATOM   1131 C  C     . MET A 1 142 ? -10.203 13.197  -6.416  1.00 11.27 ? 142 MET A C     1 
ATOM   1132 O  O     . MET A 1 142 ? -9.353  13.864  -7.005  1.00 15.33 ? 142 MET A O     1 
ATOM   1133 C  CB    . MET A 1 142 ? -12.558 13.895  -6.953  1.00 19.51 ? 142 MET A CB    1 
ATOM   1134 C  CG    . MET A 1 142 ? -13.962 14.200  -6.435  1.00 24.78 ? 142 MET A CG    1 
ATOM   1135 S  SD    . MET A 1 142 ? -15.311 13.960  -7.614  1.00 36.55 ? 142 MET A SD    1 
ATOM   1136 C  CE    . MET A 1 142 ? -16.645 14.829  -6.771  1.00 46.03 ? 142 MET A CE    1 
ATOM   1137 N  N     . LEU A 1 143 ? -10.077 11.886  -6.220  1.00 12.41 ? 143 LEU A N     1 
ATOM   1138 C  CA    . LEU A 1 143 ? -8.943  11.148  -6.740  1.00 12.04 ? 143 LEU A CA    1 
ATOM   1139 C  C     . LEU A 1 143 ? -8.738  11.398  -8.232  1.00 14.56 ? 143 LEU A C     1 
ATOM   1140 O  O     . LEU A 1 143 ? -7.631  11.614  -8.742  1.00 12.71 ? 143 LEU A O     1 
ATOM   1141 C  CB    . LEU A 1 143 ? -9.174  9.648   -6.484  1.00 10.68 ? 143 LEU A CB    1 
ATOM   1142 C  CG    . LEU A 1 143 ? -8.092  8.717   -7.009  1.00 12.70 ? 143 LEU A CG    1 
ATOM   1143 C  CD1   . LEU A 1 143 ? -6.689  9.117   -6.569  1.00 15.76 ? 143 LEU A CD1   1 
ATOM   1144 C  CD2   . LEU A 1 143 ? -8.411  7.291   -6.561  1.00 15.42 ? 143 LEU A CD2   1 
ATOM   1145 N  N     . ARG A 1 144 ? -9.863  11.334  -8.956  1.00 11.71 ? 144 ARG A N     1 
ATOM   1146 C  CA    . ARG A 1 144 ? -9.793  11.566  -10.403 1.00 12.43 ? 144 ARG A CA    1 
ATOM   1147 C  C     . ARG A 1 144 ? -9.131  12.903  -10.713 1.00 14.14 ? 144 ARG A C     1 
ATOM   1148 O  O     . ARG A 1 144 ? -8.325  12.970  -11.650 1.00 16.12 ? 144 ARG A O     1 
ATOM   1149 C  CB    . ARG A 1 144 ? -11.214 11.471  -10.951 1.00 16.64 ? 144 ARG A CB    1 
ATOM   1150 C  CG    . ARG A 1 144 ? -11.359 11.711  -12.445 1.00 19.08 ? 144 ARG A CG    1 
ATOM   1151 C  CD    . ARG A 1 144 ? -12.689 12.416  -12.744 1.00 23.32 ? 144 ARG A CD    1 
ATOM   1152 N  NE    . ARG A 1 144 ? -12.647 13.781  -12.199 1.00 28.35 ? 144 ARG A NE    1 
ATOM   1153 C  CZ    . ARG A 1 144 ? -13.359 14.123  -11.127 1.00 33.34 ? 144 ARG A CZ    1 
ATOM   1154 N  NH1   . ARG A 1 144 ? -14.144 13.235  -10.522 1.00 26.18 ? 144 ARG A NH1   1 
ATOM   1155 N  NH2   . ARG A 1 144 ? -13.303 15.359  -10.650 1.00 27.82 ? 144 ARG A NH2   1 
ATOM   1156 N  N     . GLN A 1 145 ? -9.486  13.918  -9.923  1.00 14.62 ? 145 GLN A N     1 
ATOM   1157 C  CA    . GLN A 1 145 ? -8.998  15.274  -10.144 1.00 17.15 ? 145 GLN A CA    1 
ATOM   1158 C  C     . GLN A 1 145 ? -7.484  15.335  -9.973  1.00 16.15 ? 145 GLN A C     1 
ATOM   1159 O  O     . GLN A 1 145 ? -6.756  15.914  -10.785 1.00 16.19 ? 145 GLN A O     1 
ATOM   1160 C  CB    . GLN A 1 145 ? -9.697  16.270  -9.205  1.00 19.51 ? 145 GLN A CB    1 
ATOM   1161 C  CG    . GLN A 1 145 ? -9.342  17.716  -9.493  1.00 26.05 ? 145 GLN A CG    1 
ATOM   1162 C  CD    . GLN A 1 145 ? -9.779  18.187  -10.864 1.00 33.47 ? 145 GLN A CD    1 
ATOM   1163 O  OE1   . GLN A 1 145 ? -10.954 18.151  -11.225 1.00 39.57 ? 145 GLN A OE1   1 
ATOM   1164 N  NE2   . GLN A 1 145 ? -8.844  18.654  -11.687 1.00 40.03 ? 145 GLN A NE2   1 
ATOM   1165 N  N     . ILE A 1 146 ? -6.986  14.711  -8.909  1.00 13.44 ? 146 ILE A N     1 
ATOM   1166 C  CA    . ILE A 1 146 ? -5.541  14.695  -8.688  1.00 12.20 ? 146 ILE A CA    1 
ATOM   1167 C  C     . ILE A 1 146 ? -4.834  14.088  -9.887  1.00 15.47 ? 146 ILE A C     1 
ATOM   1168 O  O     . ILE A 1 146 ? -3.852  14.648  -10.363 1.00 14.74 ? 146 ILE A O     1 
ATOM   1169 C  CB    . ILE A 1 146 ? -5.202  13.954  -7.379  1.00 17.45 ? 146 ILE A CB    1 
ATOM   1170 C  CG1   . ILE A 1 146 ? -5.912  14.577  -6.167  1.00 18.78 ? 146 ILE A CG1   1 
ATOM   1171 C  CG2   . ILE A 1 146 ? -3.699  13.867  -7.181  1.00 15.45 ? 146 ILE A CG2   1 
ATOM   1172 C  CD1   . ILE A 1 146 ? -5.739  13.865  -4.850  1.00 24.32 ? 146 ILE A CD1   1 
ATOM   1173 N  N     . LEU A 1 147 ? -5.315  12.941  -10.404 1.00 12.08 ? 147 LEU A N     1 
ATOM   1174 C  CA    . LEU A 1 147 ? -4.666  12.352  -11.564 1.00 12.10 ? 147 LEU A CA    1 
ATOM   1175 C  C     . LEU A 1 147 ? -4.816  13.211  -12.820 1.00 11.15 ? 147 LEU A C     1 
ATOM   1176 O  O     . LEU A 1 147 ? -3.912  13.268  -13.631 1.00 15.81 ? 147 LEU A O     1 
ATOM   1177 C  CB    . LEU A 1 147 ? -5.267  10.958  -11.859 1.00 13.07 ? 147 LEU A CB    1 
ATOM   1178 C  CG    . LEU A 1 147 ? -4.850  9.924   -10.798 1.00 14.12 ? 147 LEU A CG    1 
ATOM   1179 C  CD1   . LEU A 1 147 ? -5.788  8.733   -10.818 1.00 16.13 ? 147 LEU A CD1   1 
ATOM   1180 C  CD2   . LEU A 1 147 ? -3.399  9.502   -11.013 1.00 11.19 ? 147 LEU A CD2   1 
ATOM   1181 N  N     . HIS A 1 148 ? -5.976  13.848  -12.951 1.00 15.57 ? 148 HIS A N     1 
ATOM   1182 C  CA    . HIS A 1 148 ? -6.160  14.735  -14.113 1.00 14.68 ? 148 HIS A CA    1 
ATOM   1183 C  C     . HIS A 1 148 ? -5.210  15.921  -14.059 1.00 18.86 ? 148 HIS A C     1 
ATOM   1184 O  O     . HIS A 1 148 ? -4.605  16.325  -15.053 1.00 19.58 ? 148 HIS A O     1 
ATOM   1185 C  CB    . HIS A 1 148 ? -7.613  15.184  -14.116 1.00 20.05 ? 148 HIS A CB    1 
ATOM   1186 C  CG    . HIS A 1 148 ? -8.012  16.189  -15.145 1.00 30.57 ? 148 HIS A CG    1 
ATOM   1187 N  ND1   . HIS A 1 148 ? -8.242  15.852  -16.451 1.00 29.27 ? 148 HIS A ND1   1 
ATOM   1188 C  CD2   . HIS A 1 148 ? -8.236  17.528  -15.049 1.00 34.91 ? 148 HIS A CD2   1 
ATOM   1189 C  CE1   . HIS A 1 148 ? -8.590  16.919  -17.131 1.00 23.68 ? 148 HIS A CE1   1 
ATOM   1190 N  NE2   . HIS A 1 148 ? -8.594  17.956  -16.305 1.00 33.60 ? 148 HIS A NE2   1 
ATOM   1191 N  N     . THR A 1 149 ? -5.076  16.507  -12.868 1.00 15.36 ? 149 THR A N     1 
ATOM   1192 C  CA    . THR A 1 149 ? -4.295  17.725  -12.686 1.00 14.62 ? 149 THR A CA    1 
ATOM   1193 C  C     . THR A 1 149 ? -2.811  17.471  -12.892 1.00 16.76 ? 149 THR A C     1 
ATOM   1194 O  O     . THR A 1 149 ? -2.153  18.253  -13.570 1.00 18.49 ? 149 THR A O     1 
ATOM   1195 C  CB    . THR A 1 149 ? -4.502  18.304  -11.267 1.00 17.48 ? 149 THR A CB    1 
ATOM   1196 O  OG1   . THR A 1 149 ? -5.805  18.885  -11.149 1.00 17.59 ? 149 THR A OG1   1 
ATOM   1197 C  CG2   . THR A 1 149 ? -3.480  19.392  -10.997 1.00 20.12 ? 149 THR A CG2   1 
ATOM   1198 N  N     . ARG A 1 150 ? -2.272  16.403  -12.293 1.00 13.12 ? 150 ARG A N     1 
ATOM   1199 C  CA    . ARG A 1 150 ? -0.849  16.102  -12.415 1.00 11.91 ? 150 ARG A CA    1 
ATOM   1200 C  C     . ARG A 1 150 ? -0.476  15.306  -13.654 1.00 16.15 ? 150 ARG A C     1 
ATOM   1201 O  O     . ARG A 1 150 ? 0.710   15.257  -14.029 1.00 17.77 ? 150 ARG A O     1 
ATOM   1202 C  CB    . ARG A 1 150 ? -0.385  15.297  -11.197 1.00 15.85 ? 150 ARG A CB    1 
ATOM   1203 C  CG    . ARG A 1 150 ? -0.524  15.929  -9.831  1.00 15.85 ? 150 ARG A CG    1 
ATOM   1204 C  CD    . ARG A 1 150 ? 0.472   17.048  -9.601  1.00 13.54 ? 150 ARG A CD    1 
ATOM   1205 N  NE    . ARG A 1 150 ? 1.847   16.652  -9.882  1.00 13.70 ? 150 ARG A NE    1 
ATOM   1206 C  CZ    . ARG A 1 150 ? 2.683   16.223  -8.936  1.00 11.99 ? 150 ARG A CZ    1 
ATOM   1207 N  NH1   . ARG A 1 150 ? 2.215   16.145  -7.701  1.00 16.34 ? 150 ARG A NH1   1 
ATOM   1208 N  NH2   . ARG A 1 150 ? 3.932   15.878  -9.230  1.00 15.19 ? 150 ARG A NH2   1 
ATOM   1209 N  N     . ALA A 1 151 ? -1.439  14.639  -14.285 1.00 18.16 ? 151 ALA A N     1 
ATOM   1210 C  CA    . ALA A 1 151 ? -1.149  13.854  -15.493 1.00 19.21 ? 151 ALA A CA    1 
ATOM   1211 C  C     . ALA A 1 151 ? -0.006  12.871  -15.297 1.00 21.26 ? 151 ALA A C     1 
ATOM   1212 O  O     . ALA A 1 151 ? 0.878   12.692  -16.138 1.00 25.56 ? 151 ALA A O     1 
ATOM   1213 C  CB    . ALA A 1 151 ? -0.868  14.760  -16.691 1.00 16.61 ? 151 ALA A CB    1 
ATOM   1214 N  N     . PHE A 1 152 ? -0.012  12.201  -14.145 1.00 19.02 ? 152 PHE A N     1 
ATOM   1215 C  CA    . PHE A 1 152 ? 0.942   11.127  -13.904 1.00 19.72 ? 152 PHE A CA    1 
ATOM   1216 C  C     . PHE A 1 152 ? 0.862   10.058  -14.993 1.00 22.74 ? 152 PHE A C     1 
ATOM   1217 O  O     . PHE A 1 152 ? -0.238  9.620   -15.361 1.00 20.68 ? 152 PHE A O     1 
ATOM   1218 C  CB    . PHE A 1 152 ? 0.636   10.477  -12.540 1.00 16.20 ? 152 PHE A CB    1 
ATOM   1219 C  CG    . PHE A 1 152 ? 0.915   11.339  -11.322 1.00 14.55 ? 152 PHE A CG    1 
ATOM   1220 C  CD1   . PHE A 1 152 ? 2.181   11.874  -11.114 1.00 22.63 ? 152 PHE A CD1   1 
ATOM   1221 C  CD2   . PHE A 1 152 ? -0.073  11.603  -10.401 1.00 17.64 ? 152 PHE A CD2   1 
ATOM   1222 C  CE1   . PHE A 1 152 ? 2.444   12.659  -10.002 1.00 24.00 ? 152 PHE A CE1   1 
ATOM   1223 C  CE2   . PHE A 1 152 ? 0.175   12.392  -9.285  1.00 20.01 ? 152 PHE A CE2   1 
ATOM   1224 C  CZ    . PHE A 1 152 ? 1.433   12.921  -9.091  1.00 16.45 ? 152 PHE A CZ    1 
ATOM   1225 N  N     . ASP A 1 153 ? 2.018   9.641   -15.477 1.00 26.05 ? 153 ASP A N     1 
ATOM   1226 C  CA    . ASP A 1 153 ? 2.058   8.517   -16.411 1.00 29.77 ? 153 ASP A CA    1 
ATOM   1227 C  C     . ASP A 1 153 ? 1.343   7.293   -15.852 1.00 22.23 ? 153 ASP A C     1 
ATOM   1228 O  O     . ASP A 1 153 ? 1.352   7.055   -14.641 1.00 23.03 ? 153 ASP A O     1 
ATOM   1229 C  CB    . ASP A 1 153 ? 3.515   8.170   -16.723 1.00 34.50 ? 153 ASP A CB    1 
ATOM   1230 C  CG    . ASP A 1 153 ? 4.132   9.082   -17.766 1.00 35.00 ? 153 ASP A CG    1 
ATOM   1231 O  OD1   . ASP A 1 153 ? 3.376   9.772   -18.478 1.00 37.27 ? 153 ASP A OD1   1 
ATOM   1232 O  OD2   . ASP A 1 153 ? 5.383   9.089   -17.859 1.00 58.53 ? 153 ASP A OD2   1 
ATOM   1233 N  N     . LYS A 1 154 ? 0.710   6.496   -16.718 1.00 24.54 ? 154 LYS A N     1 
ATOM   1234 C  CA    . LYS A 1 154 ? 0.093   5.252   -16.249 1.00 24.17 ? 154 LYS A CA    1 
ATOM   1235 C  C     . LYS A 1 154 ? 1.196   4.229   -16.038 1.00 21.29 ? 154 LYS A C     1 
ATOM   1236 O  O     . LYS A 1 154 ? 2.250   4.298   -16.661 1.00 23.05 ? 154 LYS A O     1 
ATOM   1237 C  CB    . LYS A 1 154 ? -0.966  4.718   -17.212 1.00 24.89 ? 154 LYS A CB    1 
ATOM   1238 C  CG    . LYS A 1 154 ? -2.404  4.971   -16.765 1.00 27.60 ? 154 LYS A CG    1 
ATOM   1239 C  CD    . LYS A 1 154 ? -3.374  4.873   -17.919 1.00 31.62 ? 154 LYS A CD    1 
ATOM   1240 C  CE    . LYS A 1 154 ? -3.647  3.418   -18.272 1.00 35.40 ? 154 LYS A CE    1 
ATOM   1241 N  NZ    . LYS A 1 154 ? -4.519  2.784   -17.219 1.00 45.08 ? 154 LYS A NZ    1 
ATOM   1242 N  N     . LEU A 1 155 ? 0.984   3.274   -15.123 1.00 21.37 ? 155 LEU A N     1 
ATOM   1243 C  CA    . LEU A 1 155 ? 2.043   2.317   -14.831 1.00 19.22 ? 155 LEU A CA    1 
ATOM   1244 C  C     . LEU A 1 155 ? 1.752   0.989   -15.509 1.00 13.76 ? 155 LEU A C     1 
ATOM   1245 O  O     . LEU A 1 155 ? 0.591   0.695   -15.738 1.00 21.53 ? 155 LEU A O     1 
ATOM   1246 C  CB    . LEU A 1 155 ? 2.124   2.101   -13.314 1.00 23.03 ? 155 LEU A CB    1 
ATOM   1247 C  CG    . LEU A 1 155 ? 1.471   3.265   -12.548 1.00 26.46 ? 155 LEU A CG    1 
ATOM   1248 C  CD1   . LEU A 1 155 ? 0.858   2.793   -11.241 1.00 41.75 ? 155 LEU A CD1   1 
ATOM   1249 C  CD2   . LEU A 1 155 ? 2.519   4.331   -12.337 1.00 22.91 ? 155 LEU A CD2   1 
ATOM   1250 N  N     . ASN A 1 156 ? 2.787   0.235   -15.819 1.00 13.71 ? 156 ASN A N     1 
ATOM   1251 C  CA    . ASN A 1 156 ? 2.569   -1.071  -16.432 1.00 15.93 ? 156 ASN A CA    1 
ATOM   1252 C  C     . ASN A 1 156 ? 2.198   -2.080  -15.350 1.00 16.12 ? 156 ASN A C     1 
ATOM   1253 O  O     . ASN A 1 156 ? 2.667   -1.979  -14.220 1.00 15.56 ? 156 ASN A O     1 
ATOM   1254 C  CB    . ASN A 1 156 ? 3.830   -1.532  -17.172 1.00 17.61 ? 156 ASN A CB    1 
ATOM   1255 C  CG    . ASN A 1 156 ? 4.182   -0.704  -18.387 1.00 24.47 ? 156 ASN A CG    1 
ATOM   1256 O  OD1   . ASN A 1 156 ? 3.401   0.124   -18.856 1.00 24.42 ? 156 ASN A OD1   1 
ATOM   1257 N  ND2   . ASN A 1 156 ? 5.384   -0.914  -18.905 1.00 27.80 ? 156 ASN A ND2   1 
ATOM   1258 N  N     . LYS A 1 157 ? 1.376   -3.052  -15.734 1.00 14.56 ? 157 LYS A N     1 
ATOM   1259 C  CA    . LYS A 1 157 ? 1.130   -4.179  -14.847 1.00 17.24 ? 157 LYS A CA    1 
ATOM   1260 C  C     . LYS A 1 157 ? 2.379   -5.035  -14.696 1.00 17.13 ? 157 LYS A C     1 
ATOM   1261 O  O     . LYS A 1 157 ? 3.191   -5.150  -15.620 1.00 16.92 ? 157 LYS A O     1 
ATOM   1262 C  CB    . LYS A 1 157 ? -0.033  -5.012  -15.404 1.00 18.26 ? 157 LYS A CB    1 
ATOM   1263 C  CG    . LYS A 1 157 ? -1.357  -4.267  -15.203 1.00 23.74 ? 157 LYS A CG    1 
ATOM   1264 C  CD    . LYS A 1 157 ? -2.542  -5.004  -15.803 1.00 25.18 ? 157 LYS A CD    1 
ATOM   1265 C  CE    . LYS A 1 157 ? -3.822  -4.270  -15.416 1.00 29.52 ? 157 LYS A CE    1 
ATOM   1266 N  NZ    . LYS A 1 157 ? -5.023  -5.041  -15.843 1.00 46.88 ? 157 LYS A NZ    1 
ATOM   1267 N  N     . TRP A 1 158 ? 2.552   -5.640  -13.532 1.00 13.87 ? 158 TRP A N     1 
ATOM   1268 C  CA    . TRP A 1 158 ? 3.688   -6.493  -13.265 1.00 16.65 ? 158 TRP A CA    1 
ATOM   1269 C  C     . TRP A 1 158 ? 3.803   -7.602  -14.301 1.00 20.72 ? 158 TRP A C     1 
ATOM   1270 O  O     . TRP A 1 158 ? 4.945   -7.850  -14.754 1.00 20.74 ? 158 TRP A O     1 
ATOM   1271 C  CB    . TRP A 1 158 ? 3.573   -7.072  -11.835 1.00 16.25 ? 158 TRP A CB    1 
ATOM   1272 C  CG    . TRP A 1 158 ? 4.869   -7.707  -11.425 1.00 17.72 ? 158 TRP A CG    1 
ATOM   1273 C  CD1   . TRP A 1 158 ? 5.206   -9.018  -11.540 1.00 18.58 ? 158 TRP A CD1   1 
ATOM   1274 C  CD2   . TRP A 1 158 ? 5.997   -7.047  -10.838 1.00 16.06 ? 158 TRP A CD2   1 
ATOM   1275 N  NE1   . TRP A 1 158 ? 6.483   -9.209  -11.059 1.00 22.29 ? 158 TRP A NE1   1 
ATOM   1276 C  CE2   . TRP A 1 158 ? 6.992   -8.019  -10.622 1.00 15.47 ? 158 TRP A CE2   1 
ATOM   1277 C  CE3   . TRP A 1 158 ? 6.246   -5.721  -10.479 1.00 17.56 ? 158 TRP A CE3   1 
ATOM   1278 C  CZ2   . TRP A 1 158 ? 8.238   -7.741  -10.062 1.00 17.35 ? 158 TRP A CZ2   1 
ATOM   1279 C  CZ3   . TRP A 1 158 ? 7.483   -5.450  -9.925  1.00 18.91 ? 158 TRP A CZ3   1 
ATOM   1280 C  CH2   . TRP A 1 158 ? 8.458   -6.429  -9.719  1.00 16.57 ? 158 TRP A CH2   1 
ATOM   1281 O  OXT   . TRP A 1 158 ? 2.754   -8.192  -14.647 1.00 20.67 ? 158 TRP A OXT   1 
HETATM 1282 MG MG    . MG  B 2 .   ? 4.880   1.086   6.197   1.00 27.89 ? 161 MG  A MG    1 
HETATM 1283 P  P     . PO4 C 3 .   ? 9.363   3.958   -2.253  1.00 57.92 ? 181 PO4 A P     1 
HETATM 1284 O  O1    . PO4 C 3 .   ? 10.149  2.949   -1.502  1.00 54.08 ? 181 PO4 A O1    1 
HETATM 1285 O  O2    . PO4 C 3 .   ? 8.317   3.410   -3.151  1.00 39.59 ? 181 PO4 A O2    1 
HETATM 1286 O  O3    . PO4 C 3 .   ? 9.019   5.133   -1.380  1.00 56.10 ? 181 PO4 A O3    1 
HETATM 1287 O  O4    . PO4 C 3 .   ? 10.385  4.510   -3.371  1.00 53.73 ? 181 PO4 A O4    1 
HETATM 1288 P  PB    A ADP D 4 .   ? 6.130   3.393   4.796   0.50 48.07 ? 171 ADP A PB    1 
HETATM 1289 P  PB    B ADP D 4 .   ? 7.097   2.483   5.927   0.50 45.21 ? 171 ADP A PB    1 
HETATM 1290 O  O1B   A ADP D 4 .   ? 5.603   2.014   4.567   0.50 42.61 ? 171 ADP A O1B   1 
HETATM 1291 O  O1B   B ADP D 4 .   ? 6.818   1.129   5.345   0.50 48.40 ? 171 ADP A O1B   1 
HETATM 1292 O  O2B   A ADP D 4 .   ? 6.412   4.215   3.621   0.50 35.47 ? 171 ADP A O2B   1 
HETATM 1293 O  O2B   B ADP D 4 .   ? 7.821   3.455   5.083   0.50 50.51 ? 171 ADP A O2B   1 
HETATM 1294 O  O3B   A ADP D 4 .   ? 5.114   4.170   5.825   0.50 27.84 ? 171 ADP A O3B   1 
HETATM 1295 O  O3B   B ADP D 4 .   ? 5.668   3.112   6.418   0.50 45.43 ? 171 ADP A O3B   1 
HETATM 1296 P  PA    A ADP D 4 .   ? 8.408   4.164   6.459   0.50 40.79 ? 171 ADP A PA    1 
HETATM 1297 P  PA    B ADP D 4 .   ? 8.841   2.992   8.203   0.50 26.68 ? 171 ADP A PA    1 
HETATM 1298 O  O1A   A ADP D 4 .   ? 9.452   3.340   7.080   0.50 34.12 ? 171 ADP A O1A   1 
HETATM 1299 O  O1A   B ADP D 4 .   ? 9.752   2.004   8.782   0.50 26.09 ? 171 ADP A O1A   1 
HETATM 1300 O  O2A   A ADP D 4 .   ? 8.825   5.283   5.570   0.50 50.04 ? 171 ADP A O2A   1 
HETATM 1301 O  O2A   B ADP D 4 .   ? 9.407   4.168   7.495   0.50 27.57 ? 171 ADP A O2A   1 
HETATM 1302 O  O3A   A ADP D 4 .   ? 7.362   3.218   5.736   0.50 49.03 ? 171 ADP A O3A   1 
HETATM 1303 O  O3A   B ADP D 4 .   ? 7.792   2.219   7.288   0.50 37.91 ? 171 ADP A O3A   1 
HETATM 1304 O  "O5'" A ADP D 4 .   ? 7.510   4.734   7.591   0.50 32.54 ? 171 ADP A "O5'" 1 
HETATM 1305 O  "O5'" B ADP D 4 .   ? 7.869   3.492   9.327   0.50 22.56 ? 171 ADP A "O5'" 1 
HETATM 1306 C  "C5'" A ADP D 4 .   ? 7.184   4.040   8.802   0.50 25.82 ? 171 ADP A "C5'" 1 
HETATM 1307 C  "C5'" B ADP D 4 .   ? 6.696   4.242   8.977   0.50 26.13 ? 171 ADP A "C5'" 1 
HETATM 1308 C  "C4'" A ADP D 4 .   ? 6.641   4.993   9.816   0.50 19.00 ? 171 ADP A "C4'" 1 
HETATM 1309 C  "C4'" B ADP D 4 .   ? 6.198   5.062   10.120  0.50 16.61 ? 171 ADP A "C4'" 1 
HETATM 1310 O  "O4'" A ADP D 4 .   ? 5.561   5.756   9.210   0.50 16.47 ? 171 ADP A "O4'" 1 
HETATM 1311 O  "O4'" B ADP D 4 .   ? 5.198   5.973   9.583   0.50 16.37 ? 171 ADP A "O4'" 1 
HETATM 1312 C  "C3'" A ADP D 4 .   ? 6.059   4.319   11.016  0.50 17.35 ? 171 ADP A "C3'" 1 
HETATM 1313 C  "C3'" B ADP D 4 .   ? 5.523   4.295   11.203  0.50 16.83 ? 171 ADP A "C3'" 1 
HETATM 1314 O  "O3'" A ADP D 4 .   ? 6.847   4.525   12.187  0.50 21.91 ? 171 ADP A "O3'" 1 
HETATM 1315 O  "O3'" B ADP D 4 .   ? 6.279   4.249   12.408  0.50 22.48 ? 171 ADP A "O3'" 1 
HETATM 1316 C  "C2'" A ADP D 4 .   ? 4.629   4.741   11.085  0.50 18.32 ? 171 ADP A "C2'" 1 
HETATM 1317 C  "C2'" B ADP D 4 .   ? 4.120   4.800   11.289  0.50 16.97 ? 171 ADP A "C2'" 1 
HETATM 1318 O  "O2'" A ADP D 4 .   ? 4.223   5.092   12.403  0.50 15.30 ? 171 ADP A "O2'" 1 
HETATM 1319 O  "O2'" B ADP D 4 .   ? 3.713   5.123   12.616  0.50 18.55 ? 171 ADP A "O2'" 1 
HETATM 1320 C  "C1'" A ADP D 4 .   ? 4.547   5.992   10.201  0.50 15.42 ? 171 ADP A "C1'" 1 
HETATM 1321 C  "C1'" B ADP D 4 .   ? 4.083   6.095   10.477  0.50 15.92 ? 171 ADP A "C1'" 1 
HETATM 1322 N  N9    A ADP D 4 .   ? 3.237   6.261   9.556   0.50 13.64 ? 171 ADP A N9    1 
HETATM 1323 N  N9    B ADP D 4 .   ? 2.843   6.352   9.693   0.50 14.71 ? 171 ADP A N9    1 
HETATM 1324 C  C8    A ADP D 4 .   ? 2.601   7.475   9.443   0.50 13.96 ? 171 ADP A C8    1 
HETATM 1325 C  C8    B ADP D 4 .   ? 2.057   7.481   9.706   0.50 13.34 ? 171 ADP A C8    1 
HETATM 1326 N  N7    A ADP D 4 .   ? 1.459   7.449   8.837   0.50 15.02 ? 171 ADP A N7    1 
HETATM 1327 N  N7    B ADP D 4 .   ? 1.015   7.447   8.937   0.50 14.52 ? 171 ADP A N7    1 
HETATM 1328 C  C5    A ADP D 4 .   ? 1.298   6.114   8.536   0.50 14.09 ? 171 ADP A C5    1 
HETATM 1329 C  C5    B ADP D 4 .   ? 1.113   6.204   8.347   0.50 15.20 ? 171 ADP A C5    1 
HETATM 1330 C  C6    A ADP D 4 .   ? 0.256   5.432   7.859   0.50 15.29 ? 171 ADP A C6    1 
HETATM 1331 C  C6    B ADP D 4 .   ? 0.301   5.578   7.370   0.50 13.65 ? 171 ADP A C6    1 
HETATM 1332 N  N6    A ADP D 4 .   ? -0.798  6.080   7.385   0.50 13.58 ? 171 ADP A N6    1 
HETATM 1333 N  N6    B ADP D 4 .   ? -0.746  6.197   6.848   0.50 10.42 ? 171 ADP A N6    1 
HETATM 1334 N  N1    A ADP D 4 .   ? 0.427   4.118   7.633   0.50 11.74 ? 171 ADP A N1    1 
HETATM 1335 N  N1    B ADP D 4 .   ? 0.639   4.335   6.991   0.50 13.63 ? 171 ADP A N1    1 
HETATM 1336 C  C2    A ADP D 4 .   ? 1.503   3.505   8.105   0.50 13.45 ? 171 ADP A C2    1 
HETATM 1337 C  C2    B ADP D 4 .   ? 1.716   3.761   7.518   0.50 12.15 ? 171 ADP A C2    1 
HETATM 1338 N  N3    A ADP D 4 .   ? 2.528   4.022   8.799   0.50 15.51 ? 171 ADP A N3    1 
HETATM 1339 N  N3    B ADP D 4 .   ? 2.592   4.268   8.398   0.50 15.80 ? 171 ADP A N3    1 
HETATM 1340 C  C4    A ADP D 4 .   ? 2.387   5.378   8.933   0.50 14.06 ? 171 ADP A C4    1 
HETATM 1341 C  C4    B ADP D 4 .   ? 2.220   5.525   8.789   0.50 13.34 ? 171 ADP A C4    1 
HETATM 1342 O  O     . HOH E 5 .   ? 4.011   -10.991 -17.817 1.00 28.44 ? 201 HOH A O     1 
HETATM 1343 O  O     . HOH E 5 .   ? 2.560   -9.184  -17.022 1.00 22.97 ? 202 HOH A O     1 
HETATM 1344 O  O     . HOH E 5 .   ? 2.719   -6.625  -17.765 1.00 49.87 ? 203 HOH A O     1 
HETATM 1345 O  O     . HOH E 5 .   ? 4.116   -7.877  -19.095 1.00 34.31 ? 204 HOH A O     1 
HETATM 1346 O  O     . HOH E 5 .   ? 4.742   -5.939  -20.083 1.00 44.41 ? 205 HOH A O     1 
HETATM 1347 O  O     . HOH E 5 .   ? 3.135   -4.459  -18.399 1.00 34.03 ? 206 HOH A O     1 
HETATM 1348 O  O     . HOH E 5 .   ? 5.859   -4.974  -16.266 1.00 24.86 ? 207 HOH A O     1 
HETATM 1349 O  O     . HOH E 5 .   ? 6.020   -7.622  -17.872 1.00 37.73 ? 208 HOH A O     1 
HETATM 1350 O  O     . HOH E 5 .   ? 8.251   -9.233  -17.015 1.00 36.44 ? 209 HOH A O     1 
HETATM 1351 O  O     . HOH E 5 .   ? 5.796   -10.140 -15.120 1.00 34.65 ? 210 HOH A O     1 
HETATM 1352 O  O     . HOH E 5 .   ? 9.977   -8.922  -12.768 1.00 31.12 ? 211 HOH A O     1 
HETATM 1353 O  O     . HOH E 5 .   ? 10.598  -10.912 -11.100 1.00 28.79 ? 212 HOH A O     1 
HETATM 1354 O  O     . HOH E 5 .   ? 8.096   -11.635 -10.830 1.00 25.35 ? 213 HOH A O     1 
HETATM 1355 O  O     . HOH E 5 .   ? 7.914   -12.693 -8.236  1.00 22.56 ? 214 HOH A O     1 
HETATM 1356 O  O     . HOH E 5 .   ? 8.189   -14.662 -6.030  1.00 32.45 ? 215 HOH A O     1 
HETATM 1357 O  O     . HOH E 5 .   ? 10.170  -15.525 -5.247  1.00 35.06 ? 216 HOH A O     1 
HETATM 1358 O  O     . HOH E 5 .   ? 12.217  -13.983 -3.423  1.00 27.16 ? 217 HOH A O     1 
HETATM 1359 O  O     . HOH E 5 .   ? 13.478  -11.999 -4.871  1.00 24.33 ? 218 HOH A O     1 
HETATM 1360 O  O     . HOH E 5 .   ? 14.926  -13.612 -7.029  1.00 29.56 ? 219 HOH A O     1 
HETATM 1361 O  O     . HOH E 5 .   ? 16.118  -11.400 -3.459  1.00 31.19 ? 220 HOH A O     1 
HETATM 1362 O  O     . HOH E 5 .   ? 15.757  -8.612  -3.881  1.00 26.63 ? 221 HOH A O     1 
HETATM 1363 O  O     . HOH E 5 .   ? 16.207  -7.379  -0.895  1.00 40.73 ? 222 HOH A O     1 
HETATM 1364 O  O     . HOH E 5 .   ? 15.735  -9.265  1.048   1.00 33.63 ? 223 HOH A O     1 
HETATM 1365 O  O     . HOH E 5 .   ? 13.648  -8.969  2.288   1.00 25.93 ? 224 HOH A O     1 
HETATM 1366 O  O     . HOH E 5 .   ? 9.847   -14.228 3.919   1.00 24.40 ? 225 HOH A O     1 
HETATM 1367 O  O     . HOH E 5 .   ? 7.396   -13.232 3.196   1.00 23.31 ? 226 HOH A O     1 
HETATM 1368 O  O     . HOH E 5 .   ? 5.852   -15.197 4.000   1.00 23.65 ? 227 HOH A O     1 
HETATM 1369 O  O     . HOH E 5 .   ? 6.627   -16.943 6.938   1.00 44.03 ? 228 HOH A O     1 
HETATM 1370 O  O     . HOH E 5 .   ? 4.445   -17.340 8.145   1.00 46.01 ? 229 HOH A O     1 
HETATM 1371 O  O     . HOH E 5 .   ? 0.973   -17.684 7.489   1.00 45.30 ? 230 HOH A O     1 
HETATM 1372 O  O     . HOH E 5 .   ? 0.744   -15.267 5.023   1.00 21.97 ? 231 HOH A O     1 
HETATM 1373 O  O     . HOH E 5 .   ? -1.408  -14.595 7.835   1.00 49.50 ? 232 HOH A O     1 
HETATM 1374 O  O     . HOH E 5 .   ? -0.911  -13.061 9.835   1.00 32.54 ? 233 HOH A O     1 
HETATM 1375 O  O     . HOH E 5 .   ? -2.816  -11.389 10.036  1.00 15.87 ? 234 HOH A O     1 
HETATM 1376 O  O     . HOH E 5 .   ? -4.125  -12.593 12.114  1.00 42.10 ? 235 HOH A O     1 
HETATM 1377 O  O     . HOH E 5 .   ? -3.512  -10.995 15.210  1.00 31.57 ? 236 HOH A O     1 
HETATM 1378 O  O     . HOH E 5 .   ? -1.056  -11.460 16.418  1.00 23.10 ? 237 HOH A O     1 
HETATM 1379 O  O     . HOH E 5 .   ? -1.566  -13.406 18.343  1.00 32.23 ? 238 HOH A O     1 
HETATM 1380 O  O     . HOH E 5 .   ? -0.422  -14.276 20.694  1.00 42.63 ? 239 HOH A O     1 
HETATM 1381 O  O     . HOH E 5 .   ? 1.448   -15.427 15.782  1.00 30.79 ? 240 HOH A O     1 
HETATM 1382 O  O     . HOH E 5 .   ? 0.677   -13.244 14.886  1.00 19.77 ? 241 HOH A O     1 
HETATM 1383 O  O     . HOH E 5 .   ? -0.512  -14.458 13.022  1.00 34.33 ? 242 HOH A O     1 
HETATM 1384 O  O     . HOH E 5 .   ? 1.727   -11.921 9.357   1.00 20.17 ? 243 HOH A O     1 
HETATM 1385 O  O     . HOH E 5 .   ? 4.612   -15.196 12.588  1.00 43.07 ? 244 HOH A O     1 
HETATM 1386 O  O     . HOH E 5 .   ? 3.505   -17.461 12.519  1.00 48.36 ? 245 HOH A O     1 
HETATM 1387 O  O     . HOH E 5 .   ? 5.340   -13.274 15.916  1.00 16.10 ? 246 HOH A O     1 
HETATM 1388 O  O     . HOH E 5 .   ? 8.101   -15.155 10.292  1.00 44.24 ? 247 HOH A O     1 
HETATM 1389 O  O     . HOH E 5 .   ? 8.977   -15.947 6.234   1.00 27.84 ? 248 HOH A O     1 
HETATM 1390 O  O     . HOH E 5 .   ? 10.079  -11.259 8.048   1.00 32.64 ? 249 HOH A O     1 
HETATM 1391 O  O     . HOH E 5 .   ? 10.148  -6.715  8.775   1.00 40.00 ? 250 HOH A O     1 
HETATM 1392 O  O     . HOH E 5 .   ? 14.384  -4.000  8.332   1.00 34.57 ? 251 HOH A O     1 
HETATM 1393 O  O     . HOH E 5 .   ? 15.923  -3.348  6.508   1.00 42.98 ? 252 HOH A O     1 
HETATM 1394 O  O     . HOH E 5 .   ? 16.898  -4.403  9.650   1.00 31.84 ? 253 HOH A O     1 
HETATM 1395 O  O     . HOH E 5 .   ? 16.868  -9.003  9.181   1.00 33.26 ? 254 HOH A O     1 
HETATM 1396 O  O     . HOH E 5 .   ? 20.187  -10.830 9.281   1.00 38.54 ? 255 HOH A O     1 
HETATM 1397 O  O     . HOH E 5 .   ? 20.280  -8.537  5.977   1.00 36.67 ? 256 HOH A O     1 
HETATM 1398 O  O     . HOH E 5 .   ? 21.655  -8.836  3.329   1.00 40.05 ? 257 HOH A O     1 
HETATM 1399 O  O     . HOH E 5 .   ? 22.970  -13.554 2.379   1.00 36.35 ? 258 HOH A O     1 
HETATM 1400 O  O     . HOH E 5 .   ? 24.630  -14.961 3.777   1.00 33.07 ? 259 HOH A O     1 
HETATM 1401 O  O     . HOH E 5 .   ? 26.664  -16.057 2.741   1.00 35.85 ? 260 HOH A O     1 
HETATM 1402 O  O     . HOH E 5 .   ? 28.690  -15.123 5.420   1.00 48.42 ? 261 HOH A O     1 
HETATM 1403 O  O     . HOH E 5 .   ? 24.639  -14.354 6.151   1.00 51.15 ? 262 HOH A O     1 
HETATM 1404 O  O     . HOH E 5 .   ? 21.646  -21.746 5.428   1.00 34.74 ? 263 HOH A O     1 
HETATM 1405 O  O     . HOH E 5 .   ? 20.289  -23.556 6.658   1.00 37.79 ? 264 HOH A O     1 
HETATM 1406 O  O     . HOH E 5 .   ? 20.187  -25.761 4.759   1.00 50.51 ? 265 HOH A O     1 
HETATM 1407 O  O     . HOH E 5 .   ? 18.483  -19.922 3.080   1.00 26.70 ? 266 HOH A O     1 
HETATM 1408 O  O     . HOH E 5 .   ? 14.268  -15.553 -2.445  1.00 33.65 ? 267 HOH A O     1 
HETATM 1409 O  O     . HOH E 5 .   ? 12.628  -19.243 -3.103  1.00 30.93 ? 268 HOH A O     1 
HETATM 1410 O  O     . HOH E 5 .   ? 10.085  -17.423 -2.809  1.00 46.26 ? 269 HOH A O     1 
HETATM 1411 O  O     . HOH E 5 .   ? 8.543   -12.902 -3.167  1.00 15.99 ? 270 HOH A O     1 
HETATM 1412 O  O     . HOH E 5 .   ? 3.280   -16.501 -1.201  1.00 26.10 ? 271 HOH A O     1 
HETATM 1413 O  O     . HOH E 5 .   ? 2.828   -17.426 -3.760  1.00 30.52 ? 272 HOH A O     1 
HETATM 1414 O  O     . HOH E 5 .   ? -2.579  -12.940 -6.020  1.00 26.12 ? 273 HOH A O     1 
HETATM 1415 O  O     . HOH E 5 .   ? -6.969  -8.658  -7.789  1.00 18.55 ? 274 HOH A O     1 
HETATM 1416 O  O     . HOH E 5 .   ? -6.616  -7.732  -10.557 1.00 33.68 ? 275 HOH A O     1 
HETATM 1417 O  O     . HOH E 5 .   ? -7.598  -5.777  -11.247 1.00 28.50 ? 276 HOH A O     1 
HETATM 1418 O  O     . HOH E 5 .   ? -10.719 -3.648  -10.053 1.00 26.99 ? 277 HOH A O     1 
HETATM 1419 O  O     . HOH E 5 .   ? -12.111 -3.793  -7.874  1.00 28.44 ? 278 HOH A O     1 
HETATM 1420 O  O     . HOH E 5 .   ? -13.700 -1.685  -6.977  1.00 25.24 ? 279 HOH A O     1 
HETATM 1421 O  O     . HOH E 5 .   ? -15.101 -2.788  -5.021  1.00 37.56 ? 280 HOH A O     1 
HETATM 1422 O  O     . HOH E 5 .   ? -15.609 -5.822  -5.169  1.00 36.74 ? 281 HOH A O     1 
HETATM 1423 O  O     . HOH E 5 .   ? -13.643 -6.829  -6.004  1.00 25.31 ? 282 HOH A O     1 
HETATM 1424 O  O     . HOH E 5 .   ? -16.250 -3.150  -2.180  1.00 38.78 ? 283 HOH A O     1 
HETATM 1425 O  O     . HOH E 5 .   ? -14.346 -1.570  -2.048  1.00 28.54 ? 284 HOH A O     1 
HETATM 1426 O  O     . HOH E 5 .   ? -13.528 0.489   -3.470  1.00 27.39 ? 285 HOH A O     1 
HETATM 1427 O  O     . HOH E 5 .   ? -16.498 -0.457  -1.150  1.00 30.18 ? 286 HOH A O     1 
HETATM 1428 O  O     . HOH E 5 .   ? -18.092 -1.199  0.890   1.00 24.34 ? 287 HOH A O     1 
HETATM 1429 O  O     . HOH E 5 .   ? -18.076 -2.425  3.225   1.00 23.44 ? 288 HOH A O     1 
HETATM 1430 O  O     . HOH E 5 .   ? -18.810 -5.400  3.115   1.00 30.90 ? 289 HOH A O     1 
HETATM 1431 O  O     . HOH E 5 .   ? -19.739 -3.058  7.223   1.00 20.43 ? 290 HOH A O     1 
HETATM 1432 O  O     . HOH E 5 .   ? -17.232 -3.548  9.767   1.00 20.62 ? 291 HOH A O     1 
HETATM 1433 O  O     . HOH E 5 .   ? -15.343 -6.020  9.802   1.00 31.56 ? 292 HOH A O     1 
HETATM 1434 O  O     . HOH E 5 .   ? -15.087 -7.940  8.578   1.00 35.43 ? 293 HOH A O     1 
HETATM 1435 O  O     . HOH E 5 .   ? -14.334 -11.032 9.258   1.00 51.65 ? 294 HOH A O     1 
HETATM 1436 O  O     . HOH E 5 .   ? -12.131 -11.442 10.574  1.00 41.17 ? 295 HOH A O     1 
HETATM 1437 O  O     . HOH E 5 .   ? -10.069 -11.848 9.636   1.00 34.54 ? 296 HOH A O     1 
HETATM 1438 O  O     . HOH E 5 .   ? -10.922 -11.660 7.519   1.00 35.07 ? 297 HOH A O     1 
HETATM 1439 O  O     . HOH E 5 .   ? -11.135 -12.881 5.585   1.00 46.62 ? 298 HOH A O     1 
HETATM 1440 O  O     . HOH E 5 .   ? -10.571 -11.305 3.647   1.00 23.00 ? 299 HOH A O     1 
HETATM 1441 O  O     . HOH E 5 .   ? -8.981  -12.400 2.228   1.00 24.09 ? 300 HOH A O     1 
HETATM 1442 O  O     . HOH E 5 .   ? -6.251  -12.384 1.477   1.00 29.32 ? 301 HOH A O     1 
HETATM 1443 O  O     . HOH E 5 .   ? -6.499  -14.497 4.490   1.00 26.15 ? 302 HOH A O     1 
HETATM 1444 O  O     . HOH E 5 .   ? -9.149  -15.504 8.258   1.00 42.49 ? 303 HOH A O     1 
HETATM 1445 O  O     . HOH E 5 .   ? -8.171  -13.155 13.032  1.00 43.79 ? 304 HOH A O     1 
HETATM 1446 O  O     . HOH E 5 .   ? -10.808 -13.131 12.967  1.00 41.69 ? 305 HOH A O     1 
HETATM 1447 O  O     . HOH E 5 .   ? -12.204 -11.447 13.740  1.00 28.16 ? 306 HOH A O     1 
HETATM 1448 O  O     . HOH E 5 .   ? -11.895 -11.217 16.777  1.00 37.48 ? 307 HOH A O     1 
HETATM 1449 O  O     . HOH E 5 .   ? -9.155  -7.676  17.549  1.00 41.37 ? 308 HOH A O     1 
HETATM 1450 O  O     . HOH E 5 .   ? -6.795  -6.685  17.178  1.00 30.20 ? 309 HOH A O     1 
HETATM 1451 O  O     . HOH E 5 .   ? -6.792  -4.865  18.612  1.00 41.30 ? 310 HOH A O     1 
HETATM 1452 O  O     . HOH E 5 .   ? -6.920  -6.565  21.121  1.00 47.83 ? 311 HOH A O     1 
HETATM 1453 O  O     . HOH E 5 .   ? -5.463  -8.623  17.975  1.00 36.30 ? 312 HOH A O     1 
HETATM 1454 O  O     . HOH E 5 .   ? -13.101 -2.598  20.040  1.00 44.24 ? 313 HOH A O     1 
HETATM 1455 O  O     . HOH E 5 .   ? -13.269 -1.297  17.480  1.00 37.44 ? 314 HOH A O     1 
HETATM 1456 O  O     . HOH E 5 .   ? -13.739 1.448   12.492  1.00 28.79 ? 315 HOH A O     1 
HETATM 1457 O  O     . HOH E 5 .   ? -12.716 4.521   15.765  1.00 57.34 ? 316 HOH A O     1 
HETATM 1458 O  O     . HOH E 5 .   ? -11.336 6.856   14.808  1.00 28.22 ? 317 HOH A O     1 
HETATM 1459 O  O     . HOH E 5 .   ? -9.559  7.406   16.205  1.00 46.23 ? 318 HOH A O     1 
HETATM 1460 O  O     . HOH E 5 .   ? -6.707  2.248   19.314  1.00 67.11 ? 319 HOH A O     1 
HETATM 1461 O  O     . HOH E 5 .   ? -2.103  0.851   20.253  1.00 34.67 ? 320 HOH A O     1 
HETATM 1462 O  O     . HOH E 5 .   ? -1.248  3.961   19.075  1.00 30.15 ? 321 HOH A O     1 
HETATM 1463 O  O     . HOH E 5 .   ? -2.619  7.170   16.198  1.00 27.54 ? 322 HOH A O     1 
HETATM 1464 O  O     . HOH E 5 .   ? 0.202   8.331   17.873  1.00 33.34 ? 323 HOH A O     1 
HETATM 1465 O  O     . HOH E 5 .   ? -1.809  12.276  19.261  1.00 40.01 ? 324 HOH A O     1 
HETATM 1466 O  O     . HOH E 5 .   ? -2.298  13.836  17.651  1.00 32.38 ? 325 HOH A O     1 
HETATM 1467 O  O     . HOH E 5 .   ? -4.952  13.941  17.212  1.00 31.71 ? 326 HOH A O     1 
HETATM 1468 O  O     . HOH E 5 .   ? -5.876  12.744  14.751  1.00 22.27 ? 327 HOH A O     1 
HETATM 1469 O  O     . HOH E 5 .   ? -6.512  15.976  13.156  1.00 27.48 ? 328 HOH A O     1 
HETATM 1470 O  O     . HOH E 5 .   ? -4.804  17.105  8.695   1.00 22.04 ? 329 HOH A O     1 
HETATM 1471 O  O     . HOH E 5 .   ? -3.688  14.000  7.846   1.00 21.73 ? 330 HOH A O     1 
HETATM 1472 O  O     . HOH E 5 .   ? -2.557  13.887  5.373   1.00 23.04 ? 331 HOH A O     1 
HETATM 1473 O  O     . HOH E 5 .   ? -2.306  13.366  1.490   1.00 22.27 ? 332 HOH A O     1 
HETATM 1474 O  O     . HOH E 5 .   ? -0.457  13.330  -0.362  1.00 26.39 ? 333 HOH A O     1 
HETATM 1475 O  O     . HOH E 5 .   ? -1.966  16.261  1.493   1.00 33.53 ? 334 HOH A O     1 
HETATM 1476 O  O     . HOH E 5 .   ? -6.068  15.205  1.028   1.00 32.16 ? 335 HOH A O     1 
HETATM 1477 O  O     . HOH E 5 .   ? -3.952  17.702  -4.178  1.00 40.71 ? 336 HOH A O     1 
HETATM 1478 O  O     . HOH E 5 .   ? -2.215  18.231  -5.591  1.00 28.33 ? 337 HOH A O     1 
HETATM 1479 O  O     . HOH E 5 .   ? -0.372  16.244  -6.415  1.00 16.48 ? 338 HOH A O     1 
HETATM 1480 O  O     . HOH E 5 .   ? -1.178  18.544  -2.918  1.00 17.09 ? 339 HOH A O     1 
HETATM 1481 O  O     . HOH E 5 .   ? -9.056  17.757  -6.284  1.00 29.86 ? 340 HOH A O     1 
HETATM 1482 O  O     . HOH E 5 .   ? -10.515 19.604  -6.618  1.00 35.72 ? 341 HOH A O     1 
HETATM 1483 O  O     . HOH E 5 .   ? -12.520 19.444  -5.274  1.00 40.48 ? 342 HOH A O     1 
HETATM 1484 O  O     . HOH E 5 .   ? -11.866 17.321  -6.941  1.00 36.36 ? 343 HOH A O     1 
HETATM 1485 O  O     . HOH E 5 .   ? -13.816 16.697  -8.222  1.00 38.40 ? 344 HOH A O     1 
HETATM 1486 O  O     . HOH E 5 .   ? -11.602 16.203  -12.260 1.00 33.05 ? 345 HOH A O     1 
HETATM 1487 O  O     . HOH E 5 .   ? -14.937 11.051  -11.432 1.00 35.87 ? 346 HOH A O     1 
HETATM 1488 O  O     . HOH E 5 .   ? -13.717 9.080   -11.608 1.00 18.00 ? 347 HOH A O     1 
HETATM 1489 O  O     . HOH E 5 .   ? -16.934 9.593   -13.082 1.00 24.54 ? 348 HOH A O     1 
HETATM 1490 O  O     . HOH E 5 .   ? -12.446 10.389  -7.999  1.00 15.81 ? 349 HOH A O     1 
HETATM 1491 O  O     . HOH E 5 .   ? -17.764 9.688   -5.086  1.00 45.52 ? 350 HOH A O     1 
HETATM 1492 O  O     . HOH E 5 .   ? -15.537 8.594   -1.487  1.00 25.29 ? 351 HOH A O     1 
HETATM 1493 O  O     . HOH E 5 .   ? -14.539 8.040   1.552   1.00 45.25 ? 352 HOH A O     1 
HETATM 1494 O  O     . HOH E 5 .   ? -13.958 6.038   0.652   1.00 42.72 ? 353 HOH A O     1 
HETATM 1495 O  O     . HOH E 5 .   ? -14.522 4.710   -1.450  1.00 30.33 ? 354 HOH A O     1 
HETATM 1496 O  O     . HOH E 5 .   ? -15.265 3.503   0.332   1.00 42.30 ? 355 HOH A O     1 
HETATM 1497 O  O     . HOH E 5 .   ? -15.030 4.868   2.735   1.00 26.73 ? 356 HOH A O     1 
HETATM 1498 O  O     . HOH E 5 .   ? -15.832 3.665   5.078   1.00 15.88 ? 357 HOH A O     1 
HETATM 1499 O  O     . HOH E 5 .   ? -11.939 5.228   2.875   1.00 27.84 ? 358 HOH A O     1 
HETATM 1500 O  O     . HOH E 5 .   ? -9.335  8.728   5.355   1.00 12.72 ? 359 HOH A O     1 
HETATM 1501 O  O     . HOH E 5 .   ? -12.995 10.408  2.254   1.00 25.49 ? 360 HOH A O     1 
HETATM 1502 O  O     . HOH E 5 .   ? -16.399 11.149  1.640   1.00 47.45 ? 361 HOH A O     1 
HETATM 1503 O  O     . HOH E 5 .   ? -15.212 13.849  1.798   1.00 28.32 ? 362 HOH A O     1 
HETATM 1504 O  O     . HOH E 5 .   ? -17.373 15.369  -0.207  1.00 44.02 ? 363 HOH A O     1 
HETATM 1505 O  O     . HOH E 5 .   ? -15.618 17.241  -3.049  1.00 44.85 ? 364 HOH A O     1 
HETATM 1506 O  O     . HOH E 5 .   ? -14.826 18.527  3.171   1.00 46.41 ? 365 HOH A O     1 
HETATM 1507 O  O     . HOH E 5 .   ? -12.724 21.104  2.263   1.00 45.90 ? 366 HOH A O     1 
HETATM 1508 O  O     . HOH E 5 .   ? -12.574 16.238  7.411   1.00 33.54 ? 367 HOH A O     1 
HETATM 1509 O  O     . HOH E 5 .   ? -14.199 14.174  6.905   1.00 29.79 ? 368 HOH A O     1 
HETATM 1510 O  O     . HOH E 5 .   ? -16.603 14.450  8.285   1.00 29.24 ? 369 HOH A O     1 
HETATM 1511 O  O     . HOH E 5 .   ? -17.110 17.021  8.176   1.00 50.04 ? 370 HOH A O     1 
HETATM 1512 O  O     . HOH E 5 .   ? -11.794 12.447  11.306  1.00 18.42 ? 371 HOH A O     1 
HETATM 1513 O  O     . HOH E 5 .   ? -15.824 6.865   10.513  1.00 24.33 ? 372 HOH A O     1 
HETATM 1514 O  O     . HOH E 5 .   ? -16.846 4.584   9.719   1.00 19.64 ? 373 HOH A O     1 
HETATM 1515 O  O     . HOH E 5 .   ? -18.335 0.551   10.032  1.00 19.20 ? 374 HOH A O     1 
HETATM 1516 O  O     . HOH E 5 .   ? -18.804 -1.397  11.520  1.00 33.03 ? 375 HOH A O     1 
HETATM 1517 O  O     . HOH E 5 .   ? -19.958 0.561   7.731   1.00 21.56 ? 376 HOH A O     1 
HETATM 1518 O  O     . HOH E 5 .   ? -19.006 -5.357  13.377  1.00 43.32 ? 377 HOH A O     1 
HETATM 1519 O  O     . HOH E 5 .   ? -16.287 -6.721  12.845  1.00 44.87 ? 378 HOH A O     1 
HETATM 1520 O  O     . HOH E 5 .   ? -18.055 -9.564  8.736   1.00 47.36 ? 379 HOH A O     1 
HETATM 1521 O  O     . HOH E 5 .   ? -14.459 -9.333  -0.370  1.00 38.27 ? 380 HOH A O     1 
HETATM 1522 O  O     . HOH E 5 .   ? -13.465 -0.545  -9.832  1.00 31.63 ? 381 HOH A O     1 
HETATM 1523 O  O     . HOH E 5 .   ? -11.798 0.479   -12.575 1.00 36.52 ? 382 HOH A O     1 
HETATM 1524 O  O     . HOH E 5 .   ? -10.502 -1.139  -13.806 1.00 27.79 ? 383 HOH A O     1 
HETATM 1525 O  O     . HOH E 5 .   ? -8.204  0.509   -14.513 1.00 52.03 ? 384 HOH A O     1 
HETATM 1526 O  O     . HOH E 5 .   ? -7.799  2.896   -14.416 1.00 34.05 ? 385 HOH A O     1 
HETATM 1527 O  O     . HOH E 5 .   ? -7.137  3.507   -16.484 1.00 41.92 ? 386 HOH A O     1 
HETATM 1528 O  O     . HOH E 5 .   ? -3.740  2.715   -14.848 1.00 33.65 ? 387 HOH A O     1 
HETATM 1529 O  O     . HOH E 5 .   ? -1.482  2.732   -14.153 1.00 35.79 ? 388 HOH A O     1 
HETATM 1530 O  O     . HOH E 5 .   ? -1.802  -0.836  -16.710 1.00 27.14 ? 389 HOH A O     1 
HETATM 1531 O  O     . HOH E 5 .   ? -3.945  0.049   -16.905 1.00 46.61 ? 390 HOH A O     1 
HETATM 1532 O  O     . HOH E 5 .   ? -5.341  -1.932  -18.517 1.00 41.24 ? 391 HOH A O     1 
HETATM 1533 O  O     . HOH E 5 .   ? -6.762  -2.820  -16.953 1.00 39.82 ? 392 HOH A O     1 
HETATM 1534 O  O     . HOH E 5 .   ? -7.806  -2.468  -14.936 1.00 41.95 ? 393 HOH A O     1 
HETATM 1535 O  O     . HOH E 5 .   ? -5.847  -1.291  -14.724 1.00 46.50 ? 394 HOH A O     1 
HETATM 1536 O  O     . HOH E 5 .   ? -5.566  2.595   -12.551 1.00 30.96 ? 395 HOH A O     1 
HETATM 1537 O  O     . HOH E 5 .   ? -2.215  2.028   -4.263  1.00 17.69 ? 396 HOH A O     1 
HETATM 1538 O  O     . HOH E 5 .   ? 0.452   1.449   -3.862  1.00 19.15 ? 397 HOH A O     1 
HETATM 1539 O  O     . HOH E 5 .   ? 2.951   1.650   -2.185  1.00 37.74 ? 398 HOH A O     1 
HETATM 1540 O  O     . HOH E 5 .   ? 3.974   0.567   -3.972  1.00 36.53 ? 399 HOH A O     1 
HETATM 1541 O  O     . HOH E 5 .   ? 6.509   2.021   -3.286  1.00 32.52 ? 400 HOH A O     1 
HETATM 1542 O  O     . HOH E 5 .   ? 7.313   2.506   -5.379  1.00 27.40 ? 401 HOH A O     1 
HETATM 1543 O  O     . HOH E 5 .   ? 9.281   4.129   -5.509  1.00 35.00 ? 402 HOH A O     1 
HETATM 1544 O  O     . HOH E 5 .   ? 5.416   4.693   -0.639  1.00 40.22 ? 403 HOH A O     1 
HETATM 1545 O  O     . HOH E 5 .   ? 5.430   5.844   2.327   1.00 34.59 ? 404 HOH A O     1 
HETATM 1546 O  O     . HOH E 5 .   ? 7.201   7.412   2.704   1.00 38.29 ? 405 HOH A O     1 
HETATM 1547 O  O     . HOH E 5 .   ? 6.249   6.624   6.345   1.00 47.55 ? 406 HOH A O     1 
HETATM 1548 O  O     . HOH E 5 .   ? 3.082   6.670   5.781   1.00 26.27 ? 407 HOH A O     1 
HETATM 1549 O  O     . HOH E 5 .   ? 1.336   9.136   6.226   1.00 18.23 ? 408 HOH A O     1 
HETATM 1550 O  O     . HOH E 5 .   ? 3.322   12.199  8.254   1.00 40.73 ? 409 HOH A O     1 
HETATM 1551 O  O     . HOH E 5 .   ? 5.301   9.530   8.283   1.00 44.62 ? 410 HOH A O     1 
HETATM 1552 O  O     . HOH E 5 .   ? 2.368   10.473  11.721  1.00 18.71 ? 411 HOH A O     1 
HETATM 1553 O  O     . HOH E 5 .   ? 1.065   13.780  12.949  1.00 26.15 ? 412 HOH A O     1 
HETATM 1554 O  O     . HOH E 5 .   ? 0.199   14.164  10.517  1.00 19.29 ? 413 HOH A O     1 
HETATM 1555 O  O     . HOH E 5 .   ? 0.750   14.621  15.895  1.00 24.14 ? 414 HOH A O     1 
HETATM 1556 O  O     . HOH E 5 .   ? 6.961   7.233   13.282  1.00 48.81 ? 415 HOH A O     1 
HETATM 1557 O  O     . HOH E 5 .   ? 6.492   5.066   15.425  1.00 33.46 ? 416 HOH A O     1 
HETATM 1558 O  O     . HOH E 5 .   ? 4.223   3.350   14.860  1.00 21.43 ? 417 HOH A O     1 
HETATM 1559 O  O     . HOH E 5 .   ? 3.835   1.770   9.544   1.00 16.68 ? 418 HOH A O     1 
HETATM 1560 O  O     . HOH E 5 .   ? 6.056   0.727   8.616   1.00 27.61 ? 419 HOH A O     1 
HETATM 1561 O  O     . HOH E 5 .   ? 2.421   -0.513  8.463   1.00 19.24 ? 420 HOH A O     1 
HETATM 1562 O  O     . HOH E 5 .   ? 3.059   0.920   0.712   1.00 17.57 ? 421 HOH A O     1 
HETATM 1563 O  O     . HOH E 5 .   ? 8.168   3.714   1.569   1.00 42.21 ? 422 HOH A O     1 
HETATM 1564 O  O     . HOH E 5 .   ? 10.635  -1.512  0.518   1.00 50.61 ? 423 HOH A O     1 
HETATM 1565 O  O     . HOH E 5 .   ? 11.309  -1.017  3.380   1.00 37.92 ? 424 HOH A O     1 
HETATM 1566 O  O     . HOH E 5 .   ? 11.653  -0.488  6.000   1.00 55.96 ? 425 HOH A O     1 
HETATM 1567 O  O     . HOH E 5 .   ? 13.020  -1.750  8.622   1.00 47.49 ? 426 HOH A O     1 
HETATM 1568 O  O     . HOH E 5 .   ? 11.973  0.453   9.582   1.00 46.76 ? 427 HOH A O     1 
HETATM 1569 O  O     . HOH E 5 .   ? 15.018  0.941   9.310   1.00 39.48 ? 428 HOH A O     1 
HETATM 1570 O  O     . HOH E 5 .   ? 14.264  -0.108  -5.182  1.00 35.44 ? 429 HOH A O     1 
HETATM 1571 O  O     . HOH E 5 .   ? 11.525  -5.883  -8.351  1.00 29.12 ? 430 HOH A O     1 
HETATM 1572 O  O     . HOH E 5 .   ? 13.711  -8.940  -11.081 1.00 45.55 ? 431 HOH A O     1 
HETATM 1573 O  O     . HOH E 5 .   ? 0.444   -8.512  -13.398 1.00 20.13 ? 432 HOH A O     1 
HETATM 1574 O  O     . HOH E 5 .   ? -1.550  -7.838  -11.889 1.00 21.25 ? 433 HOH A O     1 
HETATM 1575 O  O     . HOH E 5 .   ? -1.978  -8.793  -15.537 1.00 39.31 ? 434 HOH A O     1 
HETATM 1576 O  O     . HOH E 5 .   ? -0.978  -7.744  -17.759 1.00 30.26 ? 435 HOH A O     1 
HETATM 1577 O  O     . HOH E 5 .   ? -0.006  -10.241 -17.365 1.00 28.77 ? 436 HOH A O     1 
HETATM 1578 O  O     . HOH E 5 .   ? -0.169  -12.174 -15.959 1.00 24.31 ? 437 HOH A O     1 
HETATM 1579 O  O     . HOH E 5 .   ? -0.063  -2.623  -18.527 1.00 11.02 ? 438 HOH A O     1 
HETATM 1580 O  O     . HOH E 5 .   ? 3.992   2.978   -18.301 1.00 34.48 ? 439 HOH A O     1 
HETATM 1581 O  O     . HOH E 5 .   ? 5.439   0.856   -15.315 1.00 22.97 ? 440 HOH A O     1 
HETATM 1582 O  O     . HOH E 5 .   ? 3.103   7.648   -12.345 1.00 25.43 ? 441 HOH A O     1 
HETATM 1583 O  O     . HOH E 5 .   ? 4.786   6.911   -9.857  1.00 36.96 ? 442 HOH A O     1 
HETATM 1584 O  O     . HOH E 5 .   ? 4.581   9.687   -9.076  1.00 25.16 ? 443 HOH A O     1 
HETATM 1585 O  O     . HOH E 5 .   ? 6.239   12.921  -10.667 1.00 43.77 ? 444 HOH A O     1 
HETATM 1586 O  O     . HOH E 5 .   ? 5.395   13.897  -7.810  1.00 18.34 ? 445 HOH A O     1 
HETATM 1587 O  O     . HOH E 5 .   ? 4.513   15.717  -11.801 1.00 33.85 ? 446 HOH A O     1 
HETATM 1588 O  O     . HOH E 5 .   ? 2.574   16.697  -12.693 1.00 23.14 ? 447 HOH A O     1 
HETATM 1589 O  O     . HOH E 5 .   ? -2.682  18.217  -16.549 1.00 21.57 ? 448 HOH A O     1 
HETATM 1590 O  O     . HOH E 5 .   ? -5.066  15.514  -17.640 1.00 26.24 ? 449 HOH A O     1 
HETATM 1591 O  O     . HOH E 5 .   ? -6.659  13.507  -18.340 1.00 37.33 ? 450 HOH A O     1 
HETATM 1592 O  O     . HOH E 5 .   ? -8.882  13.662  -17.791 1.00 25.55 ? 451 HOH A O     1 
HETATM 1593 O  O     . HOH E 5 .   ? -2.537  10.804  -14.812 1.00 34.73 ? 452 HOH A O     1 
HETATM 1594 O  O     . HOH E 5 .   ? 3.437   10.520  -21.302 1.00 37.87 ? 453 HOH A O     1 
HETATM 1595 O  O     . HOH E 5 .   ? 17.712  3.711   -14.686 1.00 47.12 ? 454 HOH A O     1 
HETATM 1596 O  O     . HOH E 5 .   ? 7.146   13.266  -3.166  1.00 31.93 ? 455 HOH A O     1 
HETATM 1597 O  O     . HOH E 5 .   ? 8.701   12.058  2.005   1.00 51.65 ? 456 HOH A O     1 
HETATM 1598 O  O     . HOH E 5 .   ? -16.097 4.981   -3.810  1.00 33.88 ? 457 HOH A O     1 
HETATM 1599 O  O     . HOH E 5 .   ? -15.365 4.316   -6.628  1.00 21.35 ? 458 HOH A O     1 
# 
loop_
_pdbx_poly_seq_scheme.asym_id 
_pdbx_poly_seq_scheme.entity_id 
_pdbx_poly_seq_scheme.seq_id 
_pdbx_poly_seq_scheme.mon_id 
_pdbx_poly_seq_scheme.ndb_seq_num 
_pdbx_poly_seq_scheme.pdb_seq_num 
_pdbx_poly_seq_scheme.auth_seq_num 
_pdbx_poly_seq_scheme.pdb_mon_id 
_pdbx_poly_seq_scheme.auth_mon_id 
_pdbx_poly_seq_scheme.pdb_strand_id 
_pdbx_poly_seq_scheme.pdb_ins_code 
_pdbx_poly_seq_scheme.hetero 
A 1 1   THR 1   1   1   THR THR A . n 
A 1 2   VAL 2   2   2   VAL VAL A . n 
A 1 3   ALA 3   3   3   ALA ALA A . n 
A 1 4   TYR 4   4   4   TYR TYR A . n 
A 1 5   ILE 5   5   5   ILE ILE A . n 
A 1 6   ALA 6   6   6   ALA ALA A . n 
A 1 7   ILE 7   7   7   ILE ILE A . n 
A 1 8   GLY 8   8   8   GLY GLY A . n 
A 1 9   SER 9   9   9   SER SER A . n 
A 1 10  ASN 10  10  10  ASN ASN A . n 
A 1 11  LEU 11  11  11  LEU LEU A . n 
A 1 12  ALA 12  12  12  ALA ALA A . n 
A 1 13  SER 13  13  13  SER SER A . n 
A 1 14  PRO 14  14  14  PRO PRO A . n 
A 1 15  LEU 15  15  15  LEU LEU A . n 
A 1 16  GLU 16  16  16  GLU GLU A . n 
A 1 17  GLN 17  17  17  GLN GLN A . n 
A 1 18  VAL 18  18  18  VAL VAL A . n 
A 1 19  ASN 19  19  19  ASN ASN A . n 
A 1 20  ALA 20  20  20  ALA ALA A . n 
A 1 21  ALA 21  21  21  ALA ALA A . n 
A 1 22  LEU 22  22  22  LEU LEU A . n 
A 1 23  LYS 23  23  23  LYS LYS A . n 
A 1 24  ALA 24  24  24  ALA ALA A . n 
A 1 25  LEU 25  25  25  LEU LEU A . n 
A 1 26  GLY 26  26  26  GLY GLY A . n 
A 1 27  ASP 27  27  27  ASP ASP A . n 
A 1 28  ILE 28  28  28  ILE ILE A . n 
A 1 29  PRO 29  29  29  PRO PRO A . n 
A 1 30  GLU 30  30  30  GLU GLU A . n 
A 1 31  SER 31  31  31  SER SER A . n 
A 1 32  HIS 32  32  32  HIS HIS A . n 
A 1 33  ILE 33  33  33  ILE ILE A . n 
A 1 34  LEU 34  34  34  LEU LEU A . n 
A 1 35  THR 35  35  35  THR THR A . n 
A 1 36  VAL 36  36  36  VAL VAL A . n 
A 1 37  SER 37  37  37  SER SER A . n 
A 1 38  SER 38  38  38  SER SER A . n 
A 1 39  PHE 39  39  39  PHE PHE A . n 
A 1 40  TYR 40  40  40  TYR TYR A . n 
A 1 41  ARG 41  41  41  ARG ARG A . n 
A 1 42  THR 42  42  42  THR THR A . n 
A 1 43  PRO 43  43  43  PRO PRO A . n 
A 1 44  PRO 44  44  44  PRO PRO A . n 
A 1 45  LEU 45  45  45  LEU LEU A . n 
A 1 46  GLY 46  46  46  GLY GLY A . n 
A 1 47  PRO 47  47  47  PRO PRO A . n 
A 1 48  GLN 48  48  48  GLN GLN A . n 
A 1 49  ASP 49  49  49  ASP ASP A . n 
A 1 50  GLN 50  50  50  GLN GLN A . n 
A 1 51  PRO 51  51  51  PRO PRO A . n 
A 1 52  ASP 52  52  52  ASP ASP A . n 
A 1 53  TYR 53  53  53  TYR TYR A . n 
A 1 54  LEU 54  54  54  LEU LEU A . n 
A 1 55  ASN 55  55  55  ASN ASN A . n 
A 1 56  ALA 56  56  56  ALA ALA A . n 
A 1 57  ALA 57  57  57  ALA ALA A . n 
A 1 58  VAL 58  58  58  VAL VAL A . n 
A 1 59  ALA 59  59  59  ALA ALA A . n 
A 1 60  LEU 60  60  60  LEU LEU A . n 
A 1 61  GLU 61  61  61  GLU GLU A . n 
A 1 62  THR 62  62  62  THR THR A . n 
A 1 63  SER 63  63  63  SER SER A . n 
A 1 64  LEU 64  64  64  LEU LEU A . n 
A 1 65  ALA 65  65  65  ALA ALA A . n 
A 1 66  PRO 66  66  66  PRO PRO A . n 
A 1 67  GLU 67  67  67  GLU GLU A . n 
A 1 68  GLU 68  68  68  GLU GLU A . n 
A 1 69  LEU 69  69  69  LEU LEU A . n 
A 1 70  LEU 70  70  70  LEU LEU A . n 
A 1 71  ASN 71  71  71  ASN ASN A . n 
A 1 72  HIS 72  72  72  HIS HIS A . n 
A 1 73  THR 73  73  73  THR THR A . n 
A 1 74  GLN 74  74  74  GLN GLN A . n 
A 1 75  ARG 75  75  75  ARG ARG A . n 
A 1 76  ILE 76  76  76  ILE ILE A . n 
A 1 77  GLU 77  77  77  GLU GLU A . n 
A 1 78  LEU 78  78  78  LEU LEU A . n 
A 1 79  GLN 79  79  79  GLN GLN A . n 
A 1 80  GLN 80  80  80  GLN GLN A . n 
A 1 81  GLY 81  81  81  GLY GLY A . n 
A 1 82  ARG 82  82  82  ARG ARG A . n 
A 1 83  VAL 83  83  83  VAL VAL A . n 
A 1 84  ARG 84  84  84  ARG ARG A . n 
A 1 85  LYS 85  85  85  LYS LYS A . n 
A 1 86  ALA 86  86  86  ALA ALA A . n 
A 1 87  GLU 87  87  87  GLU GLU A . n 
A 1 88  ARG 88  88  88  ARG ARG A . n 
A 1 89  TRP 89  89  89  TRP TRP A . n 
A 1 90  GLY 90  90  90  GLY GLY A . n 
A 1 91  PRO 91  91  91  PRO PRO A . n 
A 1 92  ARG 92  92  92  ARG ARG A . n 
A 1 93  THR 93  93  93  THR THR A . n 
A 1 94  LEU 94  94  94  LEU LEU A . n 
A 1 95  ASP 95  95  95  ASP ASP A . n 
A 1 96  LEU 96  96  96  LEU LEU A . n 
A 1 97  ASP 97  97  97  ASP ASP A . n 
A 1 98  ILE 98  98  98  ILE ILE A . n 
A 1 99  MET 99  99  99  MET MET A . n 
A 1 100 LEU 100 100 100 LEU LEU A . n 
A 1 101 PHE 101 101 101 PHE PHE A . n 
A 1 102 GLY 102 102 102 GLY GLY A . n 
A 1 103 ASN 103 103 103 ASN ASN A . n 
A 1 104 GLU 104 104 104 GLU GLU A . n 
A 1 105 VAL 105 105 105 VAL VAL A . n 
A 1 106 ILE 106 106 106 ILE ILE A . n 
A 1 107 ASN 107 107 107 ASN ASN A . n 
A 1 108 THR 108 108 108 THR THR A . n 
A 1 109 GLU 109 109 109 GLU GLU A . n 
A 1 110 ARG 110 110 110 ARG ARG A . n 
A 1 111 LEU 111 111 111 LEU LEU A . n 
A 1 112 THR 112 112 112 THR THR A . n 
A 1 113 VAL 113 113 113 VAL VAL A . n 
A 1 114 PRO 114 114 114 PRO PRO A . n 
A 1 115 HIS 115 115 115 HIS HIS A . n 
A 1 116 TYR 116 116 116 TYR TYR A . n 
A 1 117 ASP 117 117 117 ASP ASP A . n 
A 1 118 MET 118 118 118 MET MET A . n 
A 1 119 LYS 119 119 119 LYS LYS A . n 
A 1 120 ASN 120 120 120 ASN ASN A . n 
A 1 121 ARG 121 121 121 ARG ARG A . n 
A 1 122 GLY 122 122 122 GLY GLY A . n 
A 1 123 PHE 123 123 123 PHE PHE A . n 
A 1 124 MET 124 124 124 MET MET A . n 
A 1 125 LEU 125 125 125 LEU LEU A . n 
A 1 126 TRP 126 126 126 TRP TRP A . n 
A 1 127 PRO 127 127 127 PRO PRO A . n 
A 1 128 LEU 128 128 128 LEU LEU A . n 
A 1 129 PHE 129 129 129 PHE PHE A . n 
A 1 130 GLU 130 130 130 GLU GLU A . n 
A 1 131 ILE 131 131 131 ILE ILE A . n 
A 1 132 ALA 132 132 132 ALA ALA A . n 
A 1 133 PRO 133 133 133 PRO PRO A . n 
A 1 134 GLU 134 134 134 GLU GLU A . n 
A 1 135 LEU 135 135 135 LEU LEU A . n 
A 1 136 VAL 136 136 136 VAL VAL A . n 
A 1 137 PHE 137 137 137 PHE PHE A . n 
A 1 138 PRO 138 138 138 PRO PRO A . n 
A 1 139 ASP 139 139 139 ASP ASP A . n 
A 1 140 GLY 140 140 140 GLY GLY A . n 
A 1 141 GLU 141 141 141 GLU GLU A . n 
A 1 142 MET 142 142 142 MET MET A . n 
A 1 143 LEU 143 143 143 LEU LEU A . n 
A 1 144 ARG 144 144 144 ARG ARG A . n 
A 1 145 GLN 145 145 145 GLN GLN A . n 
A 1 146 ILE 146 146 146 ILE ILE A . n 
A 1 147 LEU 147 147 147 LEU LEU A . n 
A 1 148 HIS 148 148 148 HIS HIS A . n 
A 1 149 THR 149 149 149 THR THR A . n 
A 1 150 ARG 150 150 150 ARG ARG A . n 
A 1 151 ALA 151 151 151 ALA ALA A . n 
A 1 152 PHE 152 152 152 PHE PHE A . n 
A 1 153 ASP 153 153 153 ASP ASP A . n 
A 1 154 LYS 154 154 154 LYS LYS A . n 
A 1 155 LEU 155 155 155 LEU LEU A . n 
A 1 156 ASN 156 156 156 ASN ASN A . n 
A 1 157 LYS 157 157 157 LYS LYS A . n 
A 1 158 TRP 158 158 158 TRP TRP A . n 
# 
loop_
_pdbx_nonpoly_scheme.asym_id 
_pdbx_nonpoly_scheme.entity_id 
_pdbx_nonpoly_scheme.mon_id 
_pdbx_nonpoly_scheme.ndb_seq_num 
_pdbx_nonpoly_scheme.pdb_seq_num 
_pdbx_nonpoly_scheme.auth_seq_num 
_pdbx_nonpoly_scheme.pdb_mon_id 
_pdbx_nonpoly_scheme.auth_mon_id 
_pdbx_nonpoly_scheme.pdb_strand_id 
_pdbx_nonpoly_scheme.pdb_ins_code 
B 2 MG  1   161 161 MG  MG  A . 
C 3 PO4 1   181 181 PO4 PO4 A . 
D 4 ADP 1   171 171 ADP ADP A . 
E 5 HOH 1   201 201 HOH HOH A . 
E 5 HOH 2   202 202 HOH HOH A . 
E 5 HOH 3   203 203 HOH HOH A . 
E 5 HOH 4   204 204 HOH HOH A . 
E 5 HOH 5   205 205 HOH HOH A . 
E 5 HOH 6   206 206 HOH HOH A . 
E 5 HOH 7   207 207 HOH HOH A . 
E 5 HOH 8   208 208 HOH HOH A . 
E 5 HOH 9   209 209 HOH HOH A . 
E 5 HOH 10  210 210 HOH HOH A . 
E 5 HOH 11  211 211 HOH HOH A . 
E 5 HOH 12  212 212 HOH HOH A . 
E 5 HOH 13  213 213 HOH HOH A . 
E 5 HOH 14  214 214 HOH HOH A . 
E 5 HOH 15  215 215 HOH HOH A . 
E 5 HOH 16  216 216 HOH HOH A . 
E 5 HOH 17  217 217 HOH HOH A . 
E 5 HOH 18  218 218 HOH HOH A . 
E 5 HOH 19  219 219 HOH HOH A . 
E 5 HOH 20  220 220 HOH HOH A . 
E 5 HOH 21  221 221 HOH HOH A . 
E 5 HOH 22  222 222 HOH HOH A . 
E 5 HOH 23  223 223 HOH HOH A . 
E 5 HOH 24  224 224 HOH HOH A . 
E 5 HOH 25  225 225 HOH HOH A . 
E 5 HOH 26  226 226 HOH HOH A . 
E 5 HOH 27  227 227 HOH HOH A . 
E 5 HOH 28  228 228 HOH HOH A . 
E 5 HOH 29  229 229 HOH HOH A . 
E 5 HOH 30  230 230 HOH HOH A . 
E 5 HOH 31  231 231 HOH HOH A . 
E 5 HOH 32  232 232 HOH HOH A . 
E 5 HOH 33  233 233 HOH HOH A . 
E 5 HOH 34  234 234 HOH HOH A . 
E 5 HOH 35  235 235 HOH HOH A . 
E 5 HOH 36  236 236 HOH HOH A . 
E 5 HOH 37  237 237 HOH HOH A . 
E 5 HOH 38  238 238 HOH HOH A . 
E 5 HOH 39  239 239 HOH HOH A . 
E 5 HOH 40  240 240 HOH HOH A . 
E 5 HOH 41  241 241 HOH HOH A . 
E 5 HOH 42  242 242 HOH HOH A . 
E 5 HOH 43  243 243 HOH HOH A . 
E 5 HOH 44  244 244 HOH HOH A . 
E 5 HOH 45  245 245 HOH HOH A . 
E 5 HOH 46  246 246 HOH HOH A . 
E 5 HOH 47  247 247 HOH HOH A . 
E 5 HOH 48  248 248 HOH HOH A . 
E 5 HOH 49  249 249 HOH HOH A . 
E 5 HOH 50  250 250 HOH HOH A . 
E 5 HOH 51  251 251 HOH HOH A . 
E 5 HOH 52  252 252 HOH HOH A . 
E 5 HOH 53  253 253 HOH HOH A . 
E 5 HOH 54  254 254 HOH HOH A . 
E 5 HOH 55  255 255 HOH HOH A . 
E 5 HOH 56  256 256 HOH HOH A . 
E 5 HOH 57  257 257 HOH HOH A . 
E 5 HOH 58  258 258 HOH HOH A . 
E 5 HOH 59  259 259 HOH HOH A . 
E 5 HOH 60  260 260 HOH HOH A . 
E 5 HOH 61  261 261 HOH HOH A . 
E 5 HOH 62  262 262 HOH HOH A . 
E 5 HOH 63  263 263 HOH HOH A . 
E 5 HOH 64  264 264 HOH HOH A . 
E 5 HOH 65  265 265 HOH HOH A . 
E 5 HOH 66  266 266 HOH HOH A . 
E 5 HOH 67  267 267 HOH HOH A . 
E 5 HOH 68  268 268 HOH HOH A . 
E 5 HOH 69  269 269 HOH HOH A . 
E 5 HOH 70  270 270 HOH HOH A . 
E 5 HOH 71  271 271 HOH HOH A . 
E 5 HOH 72  272 272 HOH HOH A . 
E 5 HOH 73  273 273 HOH HOH A . 
E 5 HOH 74  274 274 HOH HOH A . 
E 5 HOH 75  275 275 HOH HOH A . 
E 5 HOH 76  276 276 HOH HOH A . 
E 5 HOH 77  277 277 HOH HOH A . 
E 5 HOH 78  278 278 HOH HOH A . 
E 5 HOH 79  279 279 HOH HOH A . 
E 5 HOH 80  280 280 HOH HOH A . 
E 5 HOH 81  281 281 HOH HOH A . 
E 5 HOH 82  282 282 HOH HOH A . 
E 5 HOH 83  283 283 HOH HOH A . 
E 5 HOH 84  284 284 HOH HOH A . 
E 5 HOH 85  285 285 HOH HOH A . 
E 5 HOH 86  286 286 HOH HOH A . 
E 5 HOH 87  287 287 HOH HOH A . 
E 5 HOH 88  288 288 HOH HOH A . 
E 5 HOH 89  289 289 HOH HOH A . 
E 5 HOH 90  290 290 HOH HOH A . 
E 5 HOH 91  291 291 HOH HOH A . 
E 5 HOH 92  292 292 HOH HOH A . 
E 5 HOH 93  293 293 HOH HOH A . 
E 5 HOH 94  294 294 HOH HOH A . 
E 5 HOH 95  295 295 HOH HOH A . 
E 5 HOH 96  296 296 HOH HOH A . 
E 5 HOH 97  297 297 HOH HOH A . 
E 5 HOH 98  298 298 HOH HOH A . 
E 5 HOH 99  299 299 HOH HOH A . 
E 5 HOH 100 300 300 HOH HOH A . 
E 5 HOH 101 301 301 HOH HOH A . 
E 5 HOH 102 302 302 HOH HOH A . 
E 5 HOH 103 303 303 HOH HOH A . 
E 5 HOH 104 304 304 HOH HOH A . 
E 5 HOH 105 305 305 HOH HOH A . 
E 5 HOH 106 306 306 HOH HOH A . 
E 5 HOH 107 307 307 HOH HOH A . 
E 5 HOH 108 308 308 HOH HOH A . 
E 5 HOH 109 309 309 HOH HOH A . 
E 5 HOH 110 310 310 HOH HOH A . 
E 5 HOH 111 311 311 HOH HOH A . 
E 5 HOH 112 312 312 HOH HOH A . 
E 5 HOH 113 313 313 HOH HOH A . 
E 5 HOH 114 314 314 HOH HOH A . 
E 5 HOH 115 315 315 HOH HOH A . 
E 5 HOH 116 316 316 HOH HOH A . 
E 5 HOH 117 317 317 HOH HOH A . 
E 5 HOH 118 318 318 HOH HOH A . 
E 5 HOH 119 319 319 HOH HOH A . 
E 5 HOH 120 320 320 HOH HOH A . 
E 5 HOH 121 321 321 HOH HOH A . 
E 5 HOH 122 322 322 HOH HOH A . 
E 5 HOH 123 323 323 HOH HOH A . 
E 5 HOH 124 324 324 HOH HOH A . 
E 5 HOH 125 325 325 HOH HOH A . 
E 5 HOH 126 326 326 HOH HOH A . 
E 5 HOH 127 327 327 HOH HOH A . 
E 5 HOH 128 328 328 HOH HOH A . 
E 5 HOH 129 329 329 HOH HOH A . 
E 5 HOH 130 330 330 HOH HOH A . 
E 5 HOH 131 331 331 HOH HOH A . 
E 5 HOH 132 332 332 HOH HOH A . 
E 5 HOH 133 333 333 HOH HOH A . 
E 5 HOH 134 334 334 HOH HOH A . 
E 5 HOH 135 335 335 HOH HOH A . 
E 5 HOH 136 336 336 HOH HOH A . 
E 5 HOH 137 337 337 HOH HOH A . 
E 5 HOH 138 338 338 HOH HOH A . 
E 5 HOH 139 339 339 HOH HOH A . 
E 5 HOH 140 340 340 HOH HOH A . 
E 5 HOH 141 341 341 HOH HOH A . 
E 5 HOH 142 342 342 HOH HOH A . 
E 5 HOH 143 343 343 HOH HOH A . 
E 5 HOH 144 344 344 HOH HOH A . 
E 5 HOH 145 345 345 HOH HOH A . 
E 5 HOH 146 346 346 HOH HOH A . 
E 5 HOH 147 347 347 HOH HOH A . 
E 5 HOH 148 348 348 HOH HOH A . 
E 5 HOH 149 349 349 HOH HOH A . 
E 5 HOH 150 350 350 HOH HOH A . 
E 5 HOH 151 351 351 HOH HOH A . 
E 5 HOH 152 352 352 HOH HOH A . 
E 5 HOH 153 353 353 HOH HOH A . 
E 5 HOH 154 354 354 HOH HOH A . 
E 5 HOH 155 355 355 HOH HOH A . 
E 5 HOH 156 356 356 HOH HOH A . 
E 5 HOH 157 357 357 HOH HOH A . 
E 5 HOH 158 358 358 HOH HOH A . 
E 5 HOH 159 359 359 HOH HOH A . 
E 5 HOH 160 360 360 HOH HOH A . 
E 5 HOH 161 361 361 HOH HOH A . 
E 5 HOH 162 362 362 HOH HOH A . 
E 5 HOH 163 363 363 HOH HOH A . 
E 5 HOH 164 364 364 HOH HOH A . 
E 5 HOH 165 365 365 HOH HOH A . 
E 5 HOH 166 366 366 HOH HOH A . 
E 5 HOH 167 367 367 HOH HOH A . 
E 5 HOH 168 368 368 HOH HOH A . 
E 5 HOH 169 369 369 HOH HOH A . 
E 5 HOH 170 370 370 HOH HOH A . 
E 5 HOH 171 371 371 HOH HOH A . 
E 5 HOH 172 372 372 HOH HOH A . 
E 5 HOH 173 373 373 HOH HOH A . 
E 5 HOH 174 374 374 HOH HOH A . 
E 5 HOH 175 375 375 HOH HOH A . 
E 5 HOH 176 376 376 HOH HOH A . 
E 5 HOH 177 377 377 HOH HOH A . 
E 5 HOH 178 378 378 HOH HOH A . 
E 5 HOH 179 379 379 HOH HOH A . 
E 5 HOH 180 380 380 HOH HOH A . 
E 5 HOH 181 381 381 HOH HOH A . 
E 5 HOH 182 382 382 HOH HOH A . 
E 5 HOH 183 383 383 HOH HOH A . 
E 5 HOH 184 384 384 HOH HOH A . 
E 5 HOH 185 385 385 HOH HOH A . 
E 5 HOH 186 386 386 HOH HOH A . 
E 5 HOH 187 387 387 HOH HOH A . 
E 5 HOH 188 388 388 HOH HOH A . 
E 5 HOH 189 389 389 HOH HOH A . 
E 5 HOH 190 390 390 HOH HOH A . 
E 5 HOH 191 391 391 HOH HOH A . 
E 5 HOH 192 392 392 HOH HOH A . 
E 5 HOH 193 393 393 HOH HOH A . 
E 5 HOH 194 394 394 HOH HOH A . 
E 5 HOH 195 395 395 HOH HOH A . 
E 5 HOH 196 396 396 HOH HOH A . 
E 5 HOH 197 397 397 HOH HOH A . 
E 5 HOH 198 398 398 HOH HOH A . 
E 5 HOH 199 399 399 HOH HOH A . 
E 5 HOH 200 400 400 HOH HOH A . 
E 5 HOH 201 401 401 HOH HOH A . 
E 5 HOH 202 402 402 HOH HOH A . 
E 5 HOH 203 403 403 HOH HOH A . 
E 5 HOH 204 404 404 HOH HOH A . 
E 5 HOH 205 405 405 HOH HOH A . 
E 5 HOH 206 406 406 HOH HOH A . 
E 5 HOH 207 407 407 HOH HOH A . 
E 5 HOH 208 408 408 HOH HOH A . 
E 5 HOH 209 409 409 HOH HOH A . 
E 5 HOH 210 410 410 HOH HOH A . 
E 5 HOH 211 411 411 HOH HOH A . 
E 5 HOH 212 412 412 HOH HOH A . 
E 5 HOH 213 413 413 HOH HOH A . 
E 5 HOH 214 414 414 HOH HOH A . 
E 5 HOH 215 415 415 HOH HOH A . 
E 5 HOH 216 416 416 HOH HOH A . 
E 5 HOH 217 417 417 HOH HOH A . 
E 5 HOH 218 418 418 HOH HOH A . 
E 5 HOH 219 419 419 HOH HOH A . 
E 5 HOH 220 420 420 HOH HOH A . 
E 5 HOH 221 421 421 HOH HOH A . 
E 5 HOH 222 422 422 HOH HOH A . 
E 5 HOH 223 423 423 HOH HOH A . 
E 5 HOH 224 424 424 HOH HOH A . 
E 5 HOH 225 425 425 HOH HOH A . 
E 5 HOH 226 426 426 HOH HOH A . 
E 5 HOH 227 427 427 HOH HOH A . 
E 5 HOH 228 428 428 HOH HOH A . 
E 5 HOH 229 429 429 HOH HOH A . 
E 5 HOH 230 430 430 HOH HOH A . 
E 5 HOH 231 431 431 HOH HOH A . 
E 5 HOH 232 432 432 HOH HOH A . 
E 5 HOH 233 433 433 HOH HOH A . 
E 5 HOH 234 434 434 HOH HOH A . 
E 5 HOH 235 435 435 HOH HOH A . 
E 5 HOH 236 436 436 HOH HOH A . 
E 5 HOH 237 437 437 HOH HOH A . 
E 5 HOH 238 438 438 HOH HOH A . 
E 5 HOH 239 439 439 HOH HOH A . 
E 5 HOH 240 440 440 HOH HOH A . 
E 5 HOH 241 441 441 HOH HOH A . 
E 5 HOH 242 442 442 HOH HOH A . 
E 5 HOH 243 443 443 HOH HOH A . 
E 5 HOH 244 444 444 HOH HOH A . 
E 5 HOH 245 445 445 HOH HOH A . 
E 5 HOH 246 446 446 HOH HOH A . 
E 5 HOH 247 447 447 HOH HOH A . 
E 5 HOH 248 448 448 HOH HOH A . 
E 5 HOH 249 449 449 HOH HOH A . 
E 5 HOH 250 450 450 HOH HOH A . 
E 5 HOH 251 451 451 HOH HOH A . 
E 5 HOH 252 452 452 HOH HOH A . 
E 5 HOH 253 453 453 HOH HOH A . 
E 5 HOH 254 454 454 HOH HOH A . 
E 5 HOH 255 455 455 HOH HOH A . 
E 5 HOH 256 456 456 HOH HOH A . 
E 5 HOH 257 457 457 HOH HOH A . 
E 5 HOH 258 458 458 HOH HOH A . 
# 
_pdbx_struct_assembly.id                   1 
_pdbx_struct_assembly.details              author_defined_assembly 
_pdbx_struct_assembly.method_details       ? 
_pdbx_struct_assembly.oligomeric_details   monomeric 
_pdbx_struct_assembly.oligomeric_count     1 
# 
_pdbx_struct_assembly_gen.assembly_id       1 
_pdbx_struct_assembly_gen.oper_expression   1 
_pdbx_struct_assembly_gen.asym_id_list      A,B,C,D,E 
# 
_pdbx_struct_oper_list.id                   1 
_pdbx_struct_oper_list.type                 'identity operation' 
_pdbx_struct_oper_list.name                 1_555 
_pdbx_struct_oper_list.symmetry_operation   x,y,z 
_pdbx_struct_oper_list.matrix[1][1]         1.0000000000 
_pdbx_struct_oper_list.matrix[1][2]         0.0000000000 
_pdbx_struct_oper_list.matrix[1][3]         0.0000000000 
_pdbx_struct_oper_list.vector[1]            0.0000000000 
_pdbx_struct_oper_list.matrix[2][1]         0.0000000000 
_pdbx_struct_oper_list.matrix[2][2]         1.0000000000 
_pdbx_struct_oper_list.matrix[2][3]         0.0000000000 
_pdbx_struct_oper_list.vector[2]            0.0000000000 
_pdbx_struct_oper_list.matrix[3][1]         0.0000000000 
_pdbx_struct_oper_list.matrix[3][2]         0.0000000000 
_pdbx_struct_oper_list.matrix[3][3]         1.0000000000 
_pdbx_struct_oper_list.vector[3]            0.0000000000 
# 
loop_
_pdbx_struct_conn_angle.id 
_pdbx_struct_conn_angle.ptnr1_label_atom_id 
_pdbx_struct_conn_angle.ptnr1_label_alt_id 
_pdbx_struct_conn_angle.ptnr1_label_asym_id 
_pdbx_struct_conn_angle.ptnr1_label_comp_id 
_pdbx_struct_conn_angle.ptnr1_label_seq_id 
_pdbx_struct_conn_angle.ptnr1_auth_atom_id 
_pdbx_struct_conn_angle.ptnr1_auth_asym_id 
_pdbx_struct_conn_angle.ptnr1_auth_comp_id 
_pdbx_struct_conn_angle.ptnr1_auth_seq_id 
_pdbx_struct_conn_angle.ptnr1_PDB_ins_code 
_pdbx_struct_conn_angle.ptnr1_symmetry 
_pdbx_struct_conn_angle.ptnr2_label_atom_id 
_pdbx_struct_conn_angle.ptnr2_label_alt_id 
_pdbx_struct_conn_angle.ptnr2_label_asym_id 
_pdbx_struct_conn_angle.ptnr2_label_comp_id 
_pdbx_struct_conn_angle.ptnr2_label_seq_id 
_pdbx_struct_conn_angle.ptnr2_auth_atom_id 
_pdbx_struct_conn_angle.ptnr2_auth_asym_id 
_pdbx_struct_conn_angle.ptnr2_auth_comp_id 
_pdbx_struct_conn_angle.ptnr2_auth_seq_id 
_pdbx_struct_conn_angle.ptnr2_PDB_ins_code 
_pdbx_struct_conn_angle.ptnr2_symmetry 
_pdbx_struct_conn_angle.ptnr3_label_atom_id 
_pdbx_struct_conn_angle.ptnr3_label_alt_id 
_pdbx_struct_conn_angle.ptnr3_label_asym_id 
_pdbx_struct_conn_angle.ptnr3_label_comp_id 
_pdbx_struct_conn_angle.ptnr3_label_seq_id 
_pdbx_struct_conn_angle.ptnr3_auth_atom_id 
_pdbx_struct_conn_angle.ptnr3_auth_asym_id 
_pdbx_struct_conn_angle.ptnr3_auth_comp_id 
_pdbx_struct_conn_angle.ptnr3_auth_seq_id 
_pdbx_struct_conn_angle.ptnr3_PDB_ins_code 
_pdbx_struct_conn_angle.ptnr3_symmetry 
_pdbx_struct_conn_angle.value 
_pdbx_struct_conn_angle.value_esd 
1  OE2 ? A GLU 77 ? A GLU 77  ? 1_555 MG ? B MG . ? A MG 161 ? 1_555 O   ? A LEU 96 ? A LEU 96  ? 1_555 76.5  ? 
2  OE2 ? A GLU 77 ? A GLU 77  ? 1_555 MG ? B MG . ? A MG 161 ? 1_555 O1B A D ADP .  ? A ADP 171 ? 1_555 121.7 ? 
3  O   ? A LEU 96 ? A LEU 96  ? 1_555 MG ? B MG . ? A MG 161 ? 1_555 O1B A D ADP .  ? A ADP 171 ? 1_555 110.7 ? 
4  OE2 ? A GLU 77 ? A GLU 77  ? 1_555 MG ? B MG . ? A MG 161 ? 1_555 O1B B D ADP .  ? A ADP 171 ? 1_555 90.9  ? 
5  O   ? A LEU 96 ? A LEU 96  ? 1_555 MG ? B MG . ? A MG 161 ? 1_555 O1B B D ADP .  ? A ADP 171 ? 1_555 143.7 ? 
6  O1B A D ADP .  ? A ADP 171 ? 1_555 MG ? B MG . ? A MG 161 ? 1_555 O1B B D ADP .  ? A ADP 171 ? 1_555 48.3  ? 
7  OE2 ? A GLU 77 ? A GLU 77  ? 1_555 MG ? B MG . ? A MG 161 ? 1_555 O3B A D ADP .  ? A ADP 171 ? 1_555 172.7 ? 
8  O   ? A LEU 96 ? A LEU 96  ? 1_555 MG ? B MG . ? A MG 161 ? 1_555 O3B A D ADP .  ? A ADP 171 ? 1_555 110.5 ? 
9  O1B A D ADP .  ? A ADP 171 ? 1_555 MG ? B MG . ? A MG 161 ? 1_555 O3B A D ADP .  ? A ADP 171 ? 1_555 54.5  ? 
10 O1B B D ADP .  ? A ADP 171 ? 1_555 MG ? B MG . ? A MG 161 ? 1_555 O3B A D ADP .  ? A ADP 171 ? 1_555 82.1  ? 
11 OE2 ? A GLU 77 ? A GLU 77  ? 1_555 MG ? B MG . ? A MG 161 ? 1_555 O3B B D ADP .  ? A ADP 171 ? 1_555 153.0 ? 
12 O   ? A LEU 96 ? A LEU 96  ? 1_555 MG ? B MG . ? A MG 161 ? 1_555 O3B B D ADP .  ? A ADP 171 ? 1_555 129.3 ? 
13 O1B A D ADP .  ? A ADP 171 ? 1_555 MG ? B MG . ? A MG 161 ? 1_555 O3B B D ADP .  ? A ADP 171 ? 1_555 61.6  ? 
14 O1B B D ADP .  ? A ADP 171 ? 1_555 MG ? B MG . ? A MG 161 ? 1_555 O3B B D ADP .  ? A ADP 171 ? 1_555 72.0  ? 
15 O3B A D ADP .  ? A ADP 171 ? 1_555 MG ? B MG . ? A MG 161 ? 1_555 O3B B D ADP .  ? A ADP 171 ? 1_555 21.1  ? 
16 OE2 ? A GLU 77 ? A GLU 77  ? 1_555 MG ? B MG . ? A MG 161 ? 1_555 O   ? E HOH .  ? A HOH 419 ? 1_555 75.7  ? 
17 O   ? A LEU 96 ? A LEU 96  ? 1_555 MG ? B MG . ? A MG 161 ? 1_555 O   ? E HOH .  ? A HOH 419 ? 1_555 120.3 ? 
18 O1B A D ADP .  ? A ADP 171 ? 1_555 MG ? B MG . ? A MG 161 ? 1_555 O   ? E HOH .  ? A HOH 419 ? 1_555 128.9 ? 
19 O1B B D ADP .  ? A ADP 171 ? 1_555 MG ? B MG . ? A MG 161 ? 1_555 O   ? E HOH .  ? A HOH 419 ? 1_555 88.0  ? 
20 O3B A D ADP .  ? A ADP 171 ? 1_555 MG ? B MG . ? A MG 161 ? 1_555 O   ? E HOH .  ? A HOH 419 ? 1_555 101.8 ? 
21 O3B B D ADP .  ? A ADP 171 ? 1_555 MG ? B MG . ? A MG 161 ? 1_555 O   ? E HOH .  ? A HOH 419 ? 1_555 82.9  ? 
# 
loop_
_pdbx_audit_revision_history.ordinal 
_pdbx_audit_revision_history.data_content_type 
_pdbx_audit_revision_history.major_revision 
_pdbx_audit_revision_history.minor_revision 
_pdbx_audit_revision_history.revision_date 
1 'Structure model' 1 0 2001-04-05 
2 'Structure model' 1 1 2008-04-27 
3 'Structure model' 1 2 2011-07-13 
4 'Structure model' 1 3 2023-08-09 
5 'Structure model' 1 4 2023-08-30 
# 
_pdbx_audit_revision_details.ordinal             1 
_pdbx_audit_revision_details.revision_ordinal    1 
_pdbx_audit_revision_details.data_content_type   'Structure model' 
_pdbx_audit_revision_details.provider            repository 
_pdbx_audit_revision_details.type                'Initial release' 
_pdbx_audit_revision_details.description         ? 
_pdbx_audit_revision_details.details             ? 
# 
loop_
_pdbx_audit_revision_group.ordinal 
_pdbx_audit_revision_group.revision_ordinal 
_pdbx_audit_revision_group.data_content_type 
_pdbx_audit_revision_group.group 
1 2 'Structure model' 'Version format compliance' 
2 3 'Structure model' 'Version format compliance' 
3 4 'Structure model' 'Data collection'           
4 4 'Structure model' 'Database references'       
5 4 'Structure model' 'Derived calculations'      
6 4 'Structure model' 'Refinement description'    
7 5 'Structure model' 'Database references'       
8 5 'Structure model' 'Structure summary'         
# 
loop_
_pdbx_audit_revision_category.ordinal 
_pdbx_audit_revision_category.revision_ordinal 
_pdbx_audit_revision_category.data_content_type 
_pdbx_audit_revision_category.category 
1 4 'Structure model' chem_comp_atom                
2 4 'Structure model' chem_comp_bond                
3 4 'Structure model' database_2                    
4 4 'Structure model' pdbx_initial_refinement_model 
5 4 'Structure model' pdbx_struct_conn_angle        
6 4 'Structure model' struct_conn                   
7 4 'Structure model' struct_site                   
8 5 'Structure model' audit_author                  
9 5 'Structure model' citation_author               
# 
loop_
_pdbx_audit_revision_item.ordinal 
_pdbx_audit_revision_item.revision_ordinal 
_pdbx_audit_revision_item.data_content_type 
_pdbx_audit_revision_item.item 
1  4 'Structure model' '_database_2.pdbx_DOI'                        
2  4 'Structure model' '_database_2.pdbx_database_accession'         
3  4 'Structure model' '_pdbx_struct_conn_angle.ptnr1_auth_comp_id'  
4  4 'Structure model' '_pdbx_struct_conn_angle.ptnr1_auth_seq_id'   
5  4 'Structure model' '_pdbx_struct_conn_angle.ptnr1_label_alt_id'  
6  4 'Structure model' '_pdbx_struct_conn_angle.ptnr1_label_asym_id' 
7  4 'Structure model' '_pdbx_struct_conn_angle.ptnr1_label_atom_id' 
8  4 'Structure model' '_pdbx_struct_conn_angle.ptnr1_label_comp_id' 
9  4 'Structure model' '_pdbx_struct_conn_angle.ptnr3_auth_comp_id'  
10 4 'Structure model' '_pdbx_struct_conn_angle.ptnr3_auth_seq_id'   
11 4 'Structure model' '_pdbx_struct_conn_angle.ptnr3_label_alt_id'  
12 4 'Structure model' '_pdbx_struct_conn_angle.ptnr3_label_asym_id' 
13 4 'Structure model' '_pdbx_struct_conn_angle.ptnr3_label_atom_id' 
14 4 'Structure model' '_pdbx_struct_conn_angle.ptnr3_label_comp_id' 
15 4 'Structure model' '_pdbx_struct_conn_angle.value'               
16 4 'Structure model' '_struct_conn.pdbx_dist_value'                
17 4 'Structure model' '_struct_conn.pdbx_ptnr2_label_alt_id'        
18 4 'Structure model' '_struct_conn.ptnr1_auth_comp_id'             
19 4 'Structure model' '_struct_conn.ptnr1_auth_seq_id'              
20 4 'Structure model' '_struct_conn.ptnr1_label_asym_id'            
21 4 'Structure model' '_struct_conn.ptnr1_label_atom_id'            
22 4 'Structure model' '_struct_conn.ptnr1_label_comp_id'            
23 4 'Structure model' '_struct_conn.ptnr1_label_seq_id'             
24 4 'Structure model' '_struct_conn.ptnr2_auth_comp_id'             
25 4 'Structure model' '_struct_conn.ptnr2_auth_seq_id'              
26 4 'Structure model' '_struct_conn.ptnr2_label_asym_id'            
27 4 'Structure model' '_struct_conn.ptnr2_label_atom_id'            
28 4 'Structure model' '_struct_conn.ptnr2_label_comp_id'            
29 4 'Structure model' '_struct_conn.ptnr2_label_seq_id'             
30 4 'Structure model' '_struct_site.pdbx_auth_asym_id'              
31 4 'Structure model' '_struct_site.pdbx_auth_comp_id'              
32 4 'Structure model' '_struct_site.pdbx_auth_seq_id'               
33 5 'Structure model' '_audit_author.identifier_ORCID'              
34 5 'Structure model' '_citation_author.identifier_ORCID'           
# 
loop_
_software.name 
_software.classification 
_software.version 
_software.citation_id 
_software.pdbx_ordinal 
AMoRE     phasing          . ? 1 
SHELXL-97 refinement       . ? 2 
DENZO     'data reduction' . ? 3 
SCALEPACK 'data scaling'   . ? 4 
# 
loop_
_pdbx_validate_torsion.id 
_pdbx_validate_torsion.PDB_model_num 
_pdbx_validate_torsion.auth_comp_id 
_pdbx_validate_torsion.auth_asym_id 
_pdbx_validate_torsion.auth_seq_id 
_pdbx_validate_torsion.PDB_ins_code 
_pdbx_validate_torsion.label_alt_id 
_pdbx_validate_torsion.phi 
_pdbx_validate_torsion.psi 
1 1 PRO A 43 ? ? -43.73  -157.08 
2 1 PRO A 44 ? ? -92.13  -138.66 
3 1 LEU A 45 ? ? -178.22 30.33   
4 1 PRO A 47 ? ? -61.86  -72.29  
5 1 GLN A 48 ? ? -38.28  -108.61 
6 1 ASP A 49 ? ? 178.14  106.61  
7 1 LYS A 85 ? B -66.73  -109.83 
8 1 ALA A 86 ? A 58.81   -113.17 
# 
loop_
_pdbx_unobs_or_zero_occ_residues.id 
_pdbx_unobs_or_zero_occ_residues.PDB_model_num 
_pdbx_unobs_or_zero_occ_residues.polymer_flag 
_pdbx_unobs_or_zero_occ_residues.occupancy_flag 
_pdbx_unobs_or_zero_occ_residues.auth_asym_id 
_pdbx_unobs_or_zero_occ_residues.auth_comp_id 
_pdbx_unobs_or_zero_occ_residues.auth_seq_id 
_pdbx_unobs_or_zero_occ_residues.PDB_ins_code 
_pdbx_unobs_or_zero_occ_residues.label_asym_id 
_pdbx_unobs_or_zero_occ_residues.label_comp_id 
_pdbx_unobs_or_zero_occ_residues.label_seq_id 
1 1 Y 0 A PRO 44 ? A PRO 44 
2 1 Y 0 A LEU 45 ? A LEU 45 
3 1 Y 0 A GLY 46 ? A GLY 46 
4 1 Y 0 A PRO 47 ? A PRO 47 
5 1 Y 0 A GLN 48 ? A GLN 48 
# 
loop_
_chem_comp_atom.comp_id 
_chem_comp_atom.atom_id 
_chem_comp_atom.type_symbol 
_chem_comp_atom.pdbx_aromatic_flag 
_chem_comp_atom.pdbx_stereo_config 
_chem_comp_atom.pdbx_ordinal 
ADP PB     P  N N 1   
ADP O1B    O  N N 2   
ADP O2B    O  N N 3   
ADP O3B    O  N N 4   
ADP PA     P  N S 5   
ADP O1A    O  N N 6   
ADP O2A    O  N N 7   
ADP O3A    O  N N 8   
ADP "O5'"  O  N N 9   
ADP "C5'"  C  N N 10  
ADP "C4'"  C  N R 11  
ADP "O4'"  O  N N 12  
ADP "C3'"  C  N S 13  
ADP "O3'"  O  N N 14  
ADP "C2'"  C  N R 15  
ADP "O2'"  O  N N 16  
ADP "C1'"  C  N R 17  
ADP N9     N  Y N 18  
ADP C8     C  Y N 19  
ADP N7     N  Y N 20  
ADP C5     C  Y N 21  
ADP C6     C  Y N 22  
ADP N6     N  N N 23  
ADP N1     N  Y N 24  
ADP C2     C  Y N 25  
ADP N3     N  Y N 26  
ADP C4     C  Y N 27  
ADP HOB2   H  N N 28  
ADP HOB3   H  N N 29  
ADP HOA2   H  N N 30  
ADP "H5'1" H  N N 31  
ADP "H5'2" H  N N 32  
ADP "H4'"  H  N N 33  
ADP "H3'"  H  N N 34  
ADP "HO3'" H  N N 35  
ADP "H2'"  H  N N 36  
ADP "HO2'" H  N N 37  
ADP "H1'"  H  N N 38  
ADP H8     H  N N 39  
ADP HN61   H  N N 40  
ADP HN62   H  N N 41  
ADP H2     H  N N 42  
ALA N      N  N N 43  
ALA CA     C  N S 44  
ALA C      C  N N 45  
ALA O      O  N N 46  
ALA CB     C  N N 47  
ALA OXT    O  N N 48  
ALA H      H  N N 49  
ALA H2     H  N N 50  
ALA HA     H  N N 51  
ALA HB1    H  N N 52  
ALA HB2    H  N N 53  
ALA HB3    H  N N 54  
ALA HXT    H  N N 55  
ARG N      N  N N 56  
ARG CA     C  N S 57  
ARG C      C  N N 58  
ARG O      O  N N 59  
ARG CB     C  N N 60  
ARG CG     C  N N 61  
ARG CD     C  N N 62  
ARG NE     N  N N 63  
ARG CZ     C  N N 64  
ARG NH1    N  N N 65  
ARG NH2    N  N N 66  
ARG OXT    O  N N 67  
ARG H      H  N N 68  
ARG H2     H  N N 69  
ARG HA     H  N N 70  
ARG HB2    H  N N 71  
ARG HB3    H  N N 72  
ARG HG2    H  N N 73  
ARG HG3    H  N N 74  
ARG HD2    H  N N 75  
ARG HD3    H  N N 76  
ARG HE     H  N N 77  
ARG HH11   H  N N 78  
ARG HH12   H  N N 79  
ARG HH21   H  N N 80  
ARG HH22   H  N N 81  
ARG HXT    H  N N 82  
ASN N      N  N N 83  
ASN CA     C  N S 84  
ASN C      C  N N 85  
ASN O      O  N N 86  
ASN CB     C  N N 87  
ASN CG     C  N N 88  
ASN OD1    O  N N 89  
ASN ND2    N  N N 90  
ASN OXT    O  N N 91  
ASN H      H  N N 92  
ASN H2     H  N N 93  
ASN HA     H  N N 94  
ASN HB2    H  N N 95  
ASN HB3    H  N N 96  
ASN HD21   H  N N 97  
ASN HD22   H  N N 98  
ASN HXT    H  N N 99  
ASP N      N  N N 100 
ASP CA     C  N S 101 
ASP C      C  N N 102 
ASP O      O  N N 103 
ASP CB     C  N N 104 
ASP CG     C  N N 105 
ASP OD1    O  N N 106 
ASP OD2    O  N N 107 
ASP OXT    O  N N 108 
ASP H      H  N N 109 
ASP H2     H  N N 110 
ASP HA     H  N N 111 
ASP HB2    H  N N 112 
ASP HB3    H  N N 113 
ASP HD2    H  N N 114 
ASP HXT    H  N N 115 
GLN N      N  N N 116 
GLN CA     C  N S 117 
GLN C      C  N N 118 
GLN O      O  N N 119 
GLN CB     C  N N 120 
GLN CG     C  N N 121 
GLN CD     C  N N 122 
GLN OE1    O  N N 123 
GLN NE2    N  N N 124 
GLN OXT    O  N N 125 
GLN H      H  N N 126 
GLN H2     H  N N 127 
GLN HA     H  N N 128 
GLN HB2    H  N N 129 
GLN HB3    H  N N 130 
GLN HG2    H  N N 131 
GLN HG3    H  N N 132 
GLN HE21   H  N N 133 
GLN HE22   H  N N 134 
GLN HXT    H  N N 135 
GLU N      N  N N 136 
GLU CA     C  N S 137 
GLU C      C  N N 138 
GLU O      O  N N 139 
GLU CB     C  N N 140 
GLU CG     C  N N 141 
GLU CD     C  N N 142 
GLU OE1    O  N N 143 
GLU OE2    O  N N 144 
GLU OXT    O  N N 145 
GLU H      H  N N 146 
GLU H2     H  N N 147 
GLU HA     H  N N 148 
GLU HB2    H  N N 149 
GLU HB3    H  N N 150 
GLU HG2    H  N N 151 
GLU HG3    H  N N 152 
GLU HE2    H  N N 153 
GLU HXT    H  N N 154 
GLY N      N  N N 155 
GLY CA     C  N N 156 
GLY C      C  N N 157 
GLY O      O  N N 158 
GLY OXT    O  N N 159 
GLY H      H  N N 160 
GLY H2     H  N N 161 
GLY HA2    H  N N 162 
GLY HA3    H  N N 163 
GLY HXT    H  N N 164 
HIS N      N  N N 165 
HIS CA     C  N S 166 
HIS C      C  N N 167 
HIS O      O  N N 168 
HIS CB     C  N N 169 
HIS CG     C  Y N 170 
HIS ND1    N  Y N 171 
HIS CD2    C  Y N 172 
HIS CE1    C  Y N 173 
HIS NE2    N  Y N 174 
HIS OXT    O  N N 175 
HIS H      H  N N 176 
HIS H2     H  N N 177 
HIS HA     H  N N 178 
HIS HB2    H  N N 179 
HIS HB3    H  N N 180 
HIS HD1    H  N N 181 
HIS HD2    H  N N 182 
HIS HE1    H  N N 183 
HIS HE2    H  N N 184 
HIS HXT    H  N N 185 
HOH O      O  N N 186 
HOH H1     H  N N 187 
HOH H2     H  N N 188 
ILE N      N  N N 189 
ILE CA     C  N S 190 
ILE C      C  N N 191 
ILE O      O  N N 192 
ILE CB     C  N S 193 
ILE CG1    C  N N 194 
ILE CG2    C  N N 195 
ILE CD1    C  N N 196 
ILE OXT    O  N N 197 
ILE H      H  N N 198 
ILE H2     H  N N 199 
ILE HA     H  N N 200 
ILE HB     H  N N 201 
ILE HG12   H  N N 202 
ILE HG13   H  N N 203 
ILE HG21   H  N N 204 
ILE HG22   H  N N 205 
ILE HG23   H  N N 206 
ILE HD11   H  N N 207 
ILE HD12   H  N N 208 
ILE HD13   H  N N 209 
ILE HXT    H  N N 210 
LEU N      N  N N 211 
LEU CA     C  N S 212 
LEU C      C  N N 213 
LEU O      O  N N 214 
LEU CB     C  N N 215 
LEU CG     C  N N 216 
LEU CD1    C  N N 217 
LEU CD2    C  N N 218 
LEU OXT    O  N N 219 
LEU H      H  N N 220 
LEU H2     H  N N 221 
LEU HA     H  N N 222 
LEU HB2    H  N N 223 
LEU HB3    H  N N 224 
LEU HG     H  N N 225 
LEU HD11   H  N N 226 
LEU HD12   H  N N 227 
LEU HD13   H  N N 228 
LEU HD21   H  N N 229 
LEU HD22   H  N N 230 
LEU HD23   H  N N 231 
LEU HXT    H  N N 232 
LYS N      N  N N 233 
LYS CA     C  N S 234 
LYS C      C  N N 235 
LYS O      O  N N 236 
LYS CB     C  N N 237 
LYS CG     C  N N 238 
LYS CD     C  N N 239 
LYS CE     C  N N 240 
LYS NZ     N  N N 241 
LYS OXT    O  N N 242 
LYS H      H  N N 243 
LYS H2     H  N N 244 
LYS HA     H  N N 245 
LYS HB2    H  N N 246 
LYS HB3    H  N N 247 
LYS HG2    H  N N 248 
LYS HG3    H  N N 249 
LYS HD2    H  N N 250 
LYS HD3    H  N N 251 
LYS HE2    H  N N 252 
LYS HE3    H  N N 253 
LYS HZ1    H  N N 254 
LYS HZ2    H  N N 255 
LYS HZ3    H  N N 256 
LYS HXT    H  N N 257 
MET N      N  N N 258 
MET CA     C  N S 259 
MET C      C  N N 260 
MET O      O  N N 261 
MET CB     C  N N 262 
MET CG     C  N N 263 
MET SD     S  N N 264 
MET CE     C  N N 265 
MET OXT    O  N N 266 
MET H      H  N N 267 
MET H2     H  N N 268 
MET HA     H  N N 269 
MET HB2    H  N N 270 
MET HB3    H  N N 271 
MET HG2    H  N N 272 
MET HG3    H  N N 273 
MET HE1    H  N N 274 
MET HE2    H  N N 275 
MET HE3    H  N N 276 
MET HXT    H  N N 277 
MG  MG     MG N N 278 
PHE N      N  N N 279 
PHE CA     C  N S 280 
PHE C      C  N N 281 
PHE O      O  N N 282 
PHE CB     C  N N 283 
PHE CG     C  Y N 284 
PHE CD1    C  Y N 285 
PHE CD2    C  Y N 286 
PHE CE1    C  Y N 287 
PHE CE2    C  Y N 288 
PHE CZ     C  Y N 289 
PHE OXT    O  N N 290 
PHE H      H  N N 291 
PHE H2     H  N N 292 
PHE HA     H  N N 293 
PHE HB2    H  N N 294 
PHE HB3    H  N N 295 
PHE HD1    H  N N 296 
PHE HD2    H  N N 297 
PHE HE1    H  N N 298 
PHE HE2    H  N N 299 
PHE HZ     H  N N 300 
PHE HXT    H  N N 301 
PO4 P      P  N N 302 
PO4 O1     O  N N 303 
PO4 O2     O  N N 304 
PO4 O3     O  N N 305 
PO4 O4     O  N N 306 
PRO N      N  N N 307 
PRO CA     C  N S 308 
PRO C      C  N N 309 
PRO O      O  N N 310 
PRO CB     C  N N 311 
PRO CG     C  N N 312 
PRO CD     C  N N 313 
PRO OXT    O  N N 314 
PRO H      H  N N 315 
PRO HA     H  N N 316 
PRO HB2    H  N N 317 
PRO HB3    H  N N 318 
PRO HG2    H  N N 319 
PRO HG3    H  N N 320 
PRO HD2    H  N N 321 
PRO HD3    H  N N 322 
PRO HXT    H  N N 323 
SER N      N  N N 324 
SER CA     C  N S 325 
SER C      C  N N 326 
SER O      O  N N 327 
SER CB     C  N N 328 
SER OG     O  N N 329 
SER OXT    O  N N 330 
SER H      H  N N 331 
SER H2     H  N N 332 
SER HA     H  N N 333 
SER HB2    H  N N 334 
SER HB3    H  N N 335 
SER HG     H  N N 336 
SER HXT    H  N N 337 
THR N      N  N N 338 
THR CA     C  N S 339 
THR C      C  N N 340 
THR O      O  N N 341 
THR CB     C  N R 342 
THR OG1    O  N N 343 
THR CG2    C  N N 344 
THR OXT    O  N N 345 
THR H      H  N N 346 
THR H2     H  N N 347 
THR HA     H  N N 348 
THR HB     H  N N 349 
THR HG1    H  N N 350 
THR HG21   H  N N 351 
THR HG22   H  N N 352 
THR HG23   H  N N 353 
THR HXT    H  N N 354 
TRP N      N  N N 355 
TRP CA     C  N S 356 
TRP C      C  N N 357 
TRP O      O  N N 358 
TRP CB     C  N N 359 
TRP CG     C  Y N 360 
TRP CD1    C  Y N 361 
TRP CD2    C  Y N 362 
TRP NE1    N  Y N 363 
TRP CE2    C  Y N 364 
TRP CE3    C  Y N 365 
TRP CZ2    C  Y N 366 
TRP CZ3    C  Y N 367 
TRP CH2    C  Y N 368 
TRP OXT    O  N N 369 
TRP H      H  N N 370 
TRP H2     H  N N 371 
TRP HA     H  N N 372 
TRP HB2    H  N N 373 
TRP HB3    H  N N 374 
TRP HD1    H  N N 375 
TRP HE1    H  N N 376 
TRP HE3    H  N N 377 
TRP HZ2    H  N N 378 
TRP HZ3    H  N N 379 
TRP HH2    H  N N 380 
TRP HXT    H  N N 381 
TYR N      N  N N 382 
TYR CA     C  N S 383 
TYR C      C  N N 384 
TYR O      O  N N 385 
TYR CB     C  N N 386 
TYR CG     C  Y N 387 
TYR CD1    C  Y N 388 
TYR CD2    C  Y N 389 
TYR CE1    C  Y N 390 
TYR CE2    C  Y N 391 
TYR CZ     C  Y N 392 
TYR OH     O  N N 393 
TYR OXT    O  N N 394 
TYR H      H  N N 395 
TYR H2     H  N N 396 
TYR HA     H  N N 397 
TYR HB2    H  N N 398 
TYR HB3    H  N N 399 
TYR HD1    H  N N 400 
TYR HD2    H  N N 401 
TYR HE1    H  N N 402 
TYR HE2    H  N N 403 
TYR HH     H  N N 404 
TYR HXT    H  N N 405 
VAL N      N  N N 406 
VAL CA     C  N S 407 
VAL C      C  N N 408 
VAL O      O  N N 409 
VAL CB     C  N N 410 
VAL CG1    C  N N 411 
VAL CG2    C  N N 412 
VAL OXT    O  N N 413 
VAL H      H  N N 414 
VAL H2     H  N N 415 
VAL HA     H  N N 416 
VAL HB     H  N N 417 
VAL HG11   H  N N 418 
VAL HG12   H  N N 419 
VAL HG13   H  N N 420 
VAL HG21   H  N N 421 
VAL HG22   H  N N 422 
VAL HG23   H  N N 423 
VAL HXT    H  N N 424 
# 
loop_
_chem_comp_bond.comp_id 
_chem_comp_bond.atom_id_1 
_chem_comp_bond.atom_id_2 
_chem_comp_bond.value_order 
_chem_comp_bond.pdbx_aromatic_flag 
_chem_comp_bond.pdbx_stereo_config 
_chem_comp_bond.pdbx_ordinal 
ADP PB    O1B    doub N N 1   
ADP PB    O2B    sing N N 2   
ADP PB    O3B    sing N N 3   
ADP PB    O3A    sing N N 4   
ADP O2B   HOB2   sing N N 5   
ADP O3B   HOB3   sing N N 6   
ADP PA    O1A    doub N N 7   
ADP PA    O2A    sing N N 8   
ADP PA    O3A    sing N N 9   
ADP PA    "O5'"  sing N N 10  
ADP O2A   HOA2   sing N N 11  
ADP "O5'" "C5'"  sing N N 12  
ADP "C5'" "C4'"  sing N N 13  
ADP "C5'" "H5'1" sing N N 14  
ADP "C5'" "H5'2" sing N N 15  
ADP "C4'" "O4'"  sing N N 16  
ADP "C4'" "C3'"  sing N N 17  
ADP "C4'" "H4'"  sing N N 18  
ADP "O4'" "C1'"  sing N N 19  
ADP "C3'" "O3'"  sing N N 20  
ADP "C3'" "C2'"  sing N N 21  
ADP "C3'" "H3'"  sing N N 22  
ADP "O3'" "HO3'" sing N N 23  
ADP "C2'" "O2'"  sing N N 24  
ADP "C2'" "C1'"  sing N N 25  
ADP "C2'" "H2'"  sing N N 26  
ADP "O2'" "HO2'" sing N N 27  
ADP "C1'" N9     sing N N 28  
ADP "C1'" "H1'"  sing N N 29  
ADP N9    C8     sing Y N 30  
ADP N9    C4     sing Y N 31  
ADP C8    N7     doub Y N 32  
ADP C8    H8     sing N N 33  
ADP N7    C5     sing Y N 34  
ADP C5    C6     sing Y N 35  
ADP C5    C4     doub Y N 36  
ADP C6    N6     sing N N 37  
ADP C6    N1     doub Y N 38  
ADP N6    HN61   sing N N 39  
ADP N6    HN62   sing N N 40  
ADP N1    C2     sing Y N 41  
ADP C2    N3     doub Y N 42  
ADP C2    H2     sing N N 43  
ADP N3    C4     sing Y N 44  
ALA N     CA     sing N N 45  
ALA N     H      sing N N 46  
ALA N     H2     sing N N 47  
ALA CA    C      sing N N 48  
ALA CA    CB     sing N N 49  
ALA CA    HA     sing N N 50  
ALA C     O      doub N N 51  
ALA C     OXT    sing N N 52  
ALA CB    HB1    sing N N 53  
ALA CB    HB2    sing N N 54  
ALA CB    HB3    sing N N 55  
ALA OXT   HXT    sing N N 56  
ARG N     CA     sing N N 57  
ARG N     H      sing N N 58  
ARG N     H2     sing N N 59  
ARG CA    C      sing N N 60  
ARG CA    CB     sing N N 61  
ARG CA    HA     sing N N 62  
ARG C     O      doub N N 63  
ARG C     OXT    sing N N 64  
ARG CB    CG     sing N N 65  
ARG CB    HB2    sing N N 66  
ARG CB    HB3    sing N N 67  
ARG CG    CD     sing N N 68  
ARG CG    HG2    sing N N 69  
ARG CG    HG3    sing N N 70  
ARG CD    NE     sing N N 71  
ARG CD    HD2    sing N N 72  
ARG CD    HD3    sing N N 73  
ARG NE    CZ     sing N N 74  
ARG NE    HE     sing N N 75  
ARG CZ    NH1    sing N N 76  
ARG CZ    NH2    doub N N 77  
ARG NH1   HH11   sing N N 78  
ARG NH1   HH12   sing N N 79  
ARG NH2   HH21   sing N N 80  
ARG NH2   HH22   sing N N 81  
ARG OXT   HXT    sing N N 82  
ASN N     CA     sing N N 83  
ASN N     H      sing N N 84  
ASN N     H2     sing N N 85  
ASN CA    C      sing N N 86  
ASN CA    CB     sing N N 87  
ASN CA    HA     sing N N 88  
ASN C     O      doub N N 89  
ASN C     OXT    sing N N 90  
ASN CB    CG     sing N N 91  
ASN CB    HB2    sing N N 92  
ASN CB    HB3    sing N N 93  
ASN CG    OD1    doub N N 94  
ASN CG    ND2    sing N N 95  
ASN ND2   HD21   sing N N 96  
ASN ND2   HD22   sing N N 97  
ASN OXT   HXT    sing N N 98  
ASP N     CA     sing N N 99  
ASP N     H      sing N N 100 
ASP N     H2     sing N N 101 
ASP CA    C      sing N N 102 
ASP CA    CB     sing N N 103 
ASP CA    HA     sing N N 104 
ASP C     O      doub N N 105 
ASP C     OXT    sing N N 106 
ASP CB    CG     sing N N 107 
ASP CB    HB2    sing N N 108 
ASP CB    HB3    sing N N 109 
ASP CG    OD1    doub N N 110 
ASP CG    OD2    sing N N 111 
ASP OD2   HD2    sing N N 112 
ASP OXT   HXT    sing N N 113 
GLN N     CA     sing N N 114 
GLN N     H      sing N N 115 
GLN N     H2     sing N N 116 
GLN CA    C      sing N N 117 
GLN CA    CB     sing N N 118 
GLN CA    HA     sing N N 119 
GLN C     O      doub N N 120 
GLN C     OXT    sing N N 121 
GLN CB    CG     sing N N 122 
GLN CB    HB2    sing N N 123 
GLN CB    HB3    sing N N 124 
GLN CG    CD     sing N N 125 
GLN CG    HG2    sing N N 126 
GLN CG    HG3    sing N N 127 
GLN CD    OE1    doub N N 128 
GLN CD    NE2    sing N N 129 
GLN NE2   HE21   sing N N 130 
GLN NE2   HE22   sing N N 131 
GLN OXT   HXT    sing N N 132 
GLU N     CA     sing N N 133 
GLU N     H      sing N N 134 
GLU N     H2     sing N N 135 
GLU CA    C      sing N N 136 
GLU CA    CB     sing N N 137 
GLU CA    HA     sing N N 138 
GLU C     O      doub N N 139 
GLU C     OXT    sing N N 140 
GLU CB    CG     sing N N 141 
GLU CB    HB2    sing N N 142 
GLU CB    HB3    sing N N 143 
GLU CG    CD     sing N N 144 
GLU CG    HG2    sing N N 145 
GLU CG    HG3    sing N N 146 
GLU CD    OE1    doub N N 147 
GLU CD    OE2    sing N N 148 
GLU OE2   HE2    sing N N 149 
GLU OXT   HXT    sing N N 150 
GLY N     CA     sing N N 151 
GLY N     H      sing N N 152 
GLY N     H2     sing N N 153 
GLY CA    C      sing N N 154 
GLY CA    HA2    sing N N 155 
GLY CA    HA3    sing N N 156 
GLY C     O      doub N N 157 
GLY C     OXT    sing N N 158 
GLY OXT   HXT    sing N N 159 
HIS N     CA     sing N N 160 
HIS N     H      sing N N 161 
HIS N     H2     sing N N 162 
HIS CA    C      sing N N 163 
HIS CA    CB     sing N N 164 
HIS CA    HA     sing N N 165 
HIS C     O      doub N N 166 
HIS C     OXT    sing N N 167 
HIS CB    CG     sing N N 168 
HIS CB    HB2    sing N N 169 
HIS CB    HB3    sing N N 170 
HIS CG    ND1    sing Y N 171 
HIS CG    CD2    doub Y N 172 
HIS ND1   CE1    doub Y N 173 
HIS ND1   HD1    sing N N 174 
HIS CD2   NE2    sing Y N 175 
HIS CD2   HD2    sing N N 176 
HIS CE1   NE2    sing Y N 177 
HIS CE1   HE1    sing N N 178 
HIS NE2   HE2    sing N N 179 
HIS OXT   HXT    sing N N 180 
HOH O     H1     sing N N 181 
HOH O     H2     sing N N 182 
ILE N     CA     sing N N 183 
ILE N     H      sing N N 184 
ILE N     H2     sing N N 185 
ILE CA    C      sing N N 186 
ILE CA    CB     sing N N 187 
ILE CA    HA     sing N N 188 
ILE C     O      doub N N 189 
ILE C     OXT    sing N N 190 
ILE CB    CG1    sing N N 191 
ILE CB    CG2    sing N N 192 
ILE CB    HB     sing N N 193 
ILE CG1   CD1    sing N N 194 
ILE CG1   HG12   sing N N 195 
ILE CG1   HG13   sing N N 196 
ILE CG2   HG21   sing N N 197 
ILE CG2   HG22   sing N N 198 
ILE CG2   HG23   sing N N 199 
ILE CD1   HD11   sing N N 200 
ILE CD1   HD12   sing N N 201 
ILE CD1   HD13   sing N N 202 
ILE OXT   HXT    sing N N 203 
LEU N     CA     sing N N 204 
LEU N     H      sing N N 205 
LEU N     H2     sing N N 206 
LEU CA    C      sing N N 207 
LEU CA    CB     sing N N 208 
LEU CA    HA     sing N N 209 
LEU C     O      doub N N 210 
LEU C     OXT    sing N N 211 
LEU CB    CG     sing N N 212 
LEU CB    HB2    sing N N 213 
LEU CB    HB3    sing N N 214 
LEU CG    CD1    sing N N 215 
LEU CG    CD2    sing N N 216 
LEU CG    HG     sing N N 217 
LEU CD1   HD11   sing N N 218 
LEU CD1   HD12   sing N N 219 
LEU CD1   HD13   sing N N 220 
LEU CD2   HD21   sing N N 221 
LEU CD2   HD22   sing N N 222 
LEU CD2   HD23   sing N N 223 
LEU OXT   HXT    sing N N 224 
LYS N     CA     sing N N 225 
LYS N     H      sing N N 226 
LYS N     H2     sing N N 227 
LYS CA    C      sing N N 228 
LYS CA    CB     sing N N 229 
LYS CA    HA     sing N N 230 
LYS C     O      doub N N 231 
LYS C     OXT    sing N N 232 
LYS CB    CG     sing N N 233 
LYS CB    HB2    sing N N 234 
LYS CB    HB3    sing N N 235 
LYS CG    CD     sing N N 236 
LYS CG    HG2    sing N N 237 
LYS CG    HG3    sing N N 238 
LYS CD    CE     sing N N 239 
LYS CD    HD2    sing N N 240 
LYS CD    HD3    sing N N 241 
LYS CE    NZ     sing N N 242 
LYS CE    HE2    sing N N 243 
LYS CE    HE3    sing N N 244 
LYS NZ    HZ1    sing N N 245 
LYS NZ    HZ2    sing N N 246 
LYS NZ    HZ3    sing N N 247 
LYS OXT   HXT    sing N N 248 
MET N     CA     sing N N 249 
MET N     H      sing N N 250 
MET N     H2     sing N N 251 
MET CA    C      sing N N 252 
MET CA    CB     sing N N 253 
MET CA    HA     sing N N 254 
MET C     O      doub N N 255 
MET C     OXT    sing N N 256 
MET CB    CG     sing N N 257 
MET CB    HB2    sing N N 258 
MET CB    HB3    sing N N 259 
MET CG    SD     sing N N 260 
MET CG    HG2    sing N N 261 
MET CG    HG3    sing N N 262 
MET SD    CE     sing N N 263 
MET CE    HE1    sing N N 264 
MET CE    HE2    sing N N 265 
MET CE    HE3    sing N N 266 
MET OXT   HXT    sing N N 267 
PHE N     CA     sing N N 268 
PHE N     H      sing N N 269 
PHE N     H2     sing N N 270 
PHE CA    C      sing N N 271 
PHE CA    CB     sing N N 272 
PHE CA    HA     sing N N 273 
PHE C     O      doub N N 274 
PHE C     OXT    sing N N 275 
PHE CB    CG     sing N N 276 
PHE CB    HB2    sing N N 277 
PHE CB    HB3    sing N N 278 
PHE CG    CD1    doub Y N 279 
PHE CG    CD2    sing Y N 280 
PHE CD1   CE1    sing Y N 281 
PHE CD1   HD1    sing N N 282 
PHE CD2   CE2    doub Y N 283 
PHE CD2   HD2    sing N N 284 
PHE CE1   CZ     doub Y N 285 
PHE CE1   HE1    sing N N 286 
PHE CE2   CZ     sing Y N 287 
PHE CE2   HE2    sing N N 288 
PHE CZ    HZ     sing N N 289 
PHE OXT   HXT    sing N N 290 
PO4 P     O1     doub N N 291 
PO4 P     O2     sing N N 292 
PO4 P     O3     sing N N 293 
PO4 P     O4     sing N N 294 
PRO N     CA     sing N N 295 
PRO N     CD     sing N N 296 
PRO N     H      sing N N 297 
PRO CA    C      sing N N 298 
PRO CA    CB     sing N N 299 
PRO CA    HA     sing N N 300 
PRO C     O      doub N N 301 
PRO C     OXT    sing N N 302 
PRO CB    CG     sing N N 303 
PRO CB    HB2    sing N N 304 
PRO CB    HB3    sing N N 305 
PRO CG    CD     sing N N 306 
PRO CG    HG2    sing N N 307 
PRO CG    HG3    sing N N 308 
PRO CD    HD2    sing N N 309 
PRO CD    HD3    sing N N 310 
PRO OXT   HXT    sing N N 311 
SER N     CA     sing N N 312 
SER N     H      sing N N 313 
SER N     H2     sing N N 314 
SER CA    C      sing N N 315 
SER CA    CB     sing N N 316 
SER CA    HA     sing N N 317 
SER C     O      doub N N 318 
SER C     OXT    sing N N 319 
SER CB    OG     sing N N 320 
SER CB    HB2    sing N N 321 
SER CB    HB3    sing N N 322 
SER OG    HG     sing N N 323 
SER OXT   HXT    sing N N 324 
THR N     CA     sing N N 325 
THR N     H      sing N N 326 
THR N     H2     sing N N 327 
THR CA    C      sing N N 328 
THR CA    CB     sing N N 329 
THR CA    HA     sing N N 330 
THR C     O      doub N N 331 
THR C     OXT    sing N N 332 
THR CB    OG1    sing N N 333 
THR CB    CG2    sing N N 334 
THR CB    HB     sing N N 335 
THR OG1   HG1    sing N N 336 
THR CG2   HG21   sing N N 337 
THR CG2   HG22   sing N N 338 
THR CG2   HG23   sing N N 339 
THR OXT   HXT    sing N N 340 
TRP N     CA     sing N N 341 
TRP N     H      sing N N 342 
TRP N     H2     sing N N 343 
TRP CA    C      sing N N 344 
TRP CA    CB     sing N N 345 
TRP CA    HA     sing N N 346 
TRP C     O      doub N N 347 
TRP C     OXT    sing N N 348 
TRP CB    CG     sing N N 349 
TRP CB    HB2    sing N N 350 
TRP CB    HB3    sing N N 351 
TRP CG    CD1    doub Y N 352 
TRP CG    CD2    sing Y N 353 
TRP CD1   NE1    sing Y N 354 
TRP CD1   HD1    sing N N 355 
TRP CD2   CE2    doub Y N 356 
TRP CD2   CE3    sing Y N 357 
TRP NE1   CE2    sing Y N 358 
TRP NE1   HE1    sing N N 359 
TRP CE2   CZ2    sing Y N 360 
TRP CE3   CZ3    doub Y N 361 
TRP CE3   HE3    sing N N 362 
TRP CZ2   CH2    doub Y N 363 
TRP CZ2   HZ2    sing N N 364 
TRP CZ3   CH2    sing Y N 365 
TRP CZ3   HZ3    sing N N 366 
TRP CH2   HH2    sing N N 367 
TRP OXT   HXT    sing N N 368 
TYR N     CA     sing N N 369 
TYR N     H      sing N N 370 
TYR N     H2     sing N N 371 
TYR CA    C      sing N N 372 
TYR CA    CB     sing N N 373 
TYR CA    HA     sing N N 374 
TYR C     O      doub N N 375 
TYR C     OXT    sing N N 376 
TYR CB    CG     sing N N 377 
TYR CB    HB2    sing N N 378 
TYR CB    HB3    sing N N 379 
TYR CG    CD1    doub Y N 380 
TYR CG    CD2    sing Y N 381 
TYR CD1   CE1    sing Y N 382 
TYR CD1   HD1    sing N N 383 
TYR CD2   CE2    doub Y N 384 
TYR CD2   HD2    sing N N 385 
TYR CE1   CZ     doub Y N 386 
TYR CE1   HE1    sing N N 387 
TYR CE2   CZ     sing Y N 388 
TYR CE2   HE2    sing N N 389 
TYR CZ    OH     sing N N 390 
TYR OH    HH     sing N N 391 
TYR OXT   HXT    sing N N 392 
VAL N     CA     sing N N 393 
VAL N     H      sing N N 394 
VAL N     H2     sing N N 395 
VAL CA    C      sing N N 396 
VAL CA    CB     sing N N 397 
VAL CA    HA     sing N N 398 
VAL C     O      doub N N 399 
VAL C     OXT    sing N N 400 
VAL CB    CG1    sing N N 401 
VAL CB    CG2    sing N N 402 
VAL CB    HB     sing N N 403 
VAL CG1   HG11   sing N N 404 
VAL CG1   HG12   sing N N 405 
VAL CG1   HG13   sing N N 406 
VAL CG2   HG21   sing N N 407 
VAL CG2   HG22   sing N N 408 
VAL CG2   HG23   sing N N 409 
VAL OXT   HXT    sing N N 410 
# 
loop_
_pdbx_entity_nonpoly.entity_id 
_pdbx_entity_nonpoly.name 
_pdbx_entity_nonpoly.comp_id 
2 'MAGNESIUM ION'            MG  
3 'PHOSPHATE ION'            PO4 
4 "ADENOSINE-5'-DIPHOSPHATE" ADP 
5 water                      HOH 
# 
_pdbx_initial_refinement_model.id               1 
_pdbx_initial_refinement_model.entity_id_list   ? 
_pdbx_initial_refinement_model.type             'experimental model' 
_pdbx_initial_refinement_model.source_name      PDB 
_pdbx_initial_refinement_model.accession_code   1HKA 
_pdbx_initial_refinement_model.details          ? 
# 
